data_6AGN
# 
_entry.id   6AGN 
# 
_audit_conform.dict_name       mmcif_pdbx.dic 
_audit_conform.dict_version    5.398 
_audit_conform.dict_location   http://mmcif.pdb.org/dictionaries/ascii/mmcif_pdbx.dic 
# 
loop_
_database_2.database_id 
_database_2.database_code 
_database_2.pdbx_database_accession 
_database_2.pdbx_DOI 
PDB   6AGN         pdb_00006agn 10.2210/pdb6agn/pdb 
WWPDB D_1300008715 ?            ?                   
# 
loop_
_pdbx_audit_revision_history.ordinal 
_pdbx_audit_revision_history.data_content_type 
_pdbx_audit_revision_history.major_revision 
_pdbx_audit_revision_history.minor_revision 
_pdbx_audit_revision_history.revision_date 
1 'Structure model' 1 0 2019-08-14 
2 'Structure model' 1 1 2020-01-29 
3 'Structure model' 1 2 2020-02-05 
4 'Structure model' 1 3 2023-11-22 
5 'Structure model' 1 4 2024-11-06 
# 
_pdbx_audit_revision_details.ordinal             1 
_pdbx_audit_revision_details.revision_ordinal    1 
_pdbx_audit_revision_details.data_content_type   'Structure model' 
_pdbx_audit_revision_details.provider            repository 
_pdbx_audit_revision_details.type                'Initial release' 
_pdbx_audit_revision_details.description         ? 
_pdbx_audit_revision_details.details             ? 
# 
loop_
_pdbx_audit_revision_group.ordinal 
_pdbx_audit_revision_group.revision_ordinal 
_pdbx_audit_revision_group.data_content_type 
_pdbx_audit_revision_group.group 
1 2 'Structure model' 'Database references'    
2 3 'Structure model' 'Database references'    
3 4 'Structure model' 'Data collection'        
4 4 'Structure model' 'Database references'    
5 4 'Structure model' 'Refinement description' 
6 5 'Structure model' 'Structure summary'      
# 
loop_
_pdbx_audit_revision_category.ordinal 
_pdbx_audit_revision_category.revision_ordinal 
_pdbx_audit_revision_category.data_content_type 
_pdbx_audit_revision_category.category 
1 2 'Structure model' citation                      
2 2 'Structure model' citation_author               
3 3 'Structure model' citation                      
4 4 'Structure model' chem_comp_atom                
5 4 'Structure model' chem_comp_bond                
6 4 'Structure model' database_2                    
7 4 'Structure model' pdbx_initial_refinement_model 
8 5 'Structure model' pdbx_entry_details            
9 5 'Structure model' pdbx_modification_feature     
# 
loop_
_pdbx_audit_revision_item.ordinal 
_pdbx_audit_revision_item.revision_ordinal 
_pdbx_audit_revision_item.data_content_type 
_pdbx_audit_revision_item.item 
1  2 'Structure model' '_citation.country'                   
2  2 'Structure model' '_citation.journal_abbrev'            
3  2 'Structure model' '_citation.journal_id_ASTM'           
4  2 'Structure model' '_citation.journal_id_CSD'            
5  2 'Structure model' '_citation.journal_id_ISSN'           
6  2 'Structure model' '_citation.pdbx_database_id_DOI'      
7  2 'Structure model' '_citation.pdbx_database_id_PubMed'   
8  2 'Structure model' '_citation.title'                     
9  2 'Structure model' '_citation.year'                      
10 2 'Structure model' '_citation_author.identifier_ORCID'   
11 2 'Structure model' '_citation_author.name'               
12 3 'Structure model' '_citation.journal_volume'            
13 3 'Structure model' '_citation.page_first'                
14 3 'Structure model' '_citation.page_last'                 
15 3 'Structure model' '_citation.title'                     
16 4 'Structure model' '_database_2.pdbx_DOI'                
17 4 'Structure model' '_database_2.pdbx_database_accession' 
# 
_pdbx_database_status.status_code                     REL 
_pdbx_database_status.status_code_sf                  REL 
_pdbx_database_status.status_code_mr                  ? 
_pdbx_database_status.entry_id                        6AGN 
_pdbx_database_status.recvd_initial_deposition_date   2018-08-13 
_pdbx_database_status.SG_entry                        N 
_pdbx_database_status.deposit_site                    PDBJ 
_pdbx_database_status.process_site                    PDBJ 
_pdbx_database_status.status_code_cs                  ? 
_pdbx_database_status.methods_development_category    ? 
_pdbx_database_status.pdb_format_compatible           Y 
_pdbx_database_status.status_code_nmr_data            ? 
# 
loop_
_pdbx_database_related.db_name 
_pdbx_database_related.details 
_pdbx_database_related.db_id 
_pdbx_database_related.content_type 
PDB . 6ABN unspecified 
PDB . 6ABZ unspecified 
PDB . 6AC2 unspecified 
PDB . 6AD5 unspecified 
PDB . 6AEA unspecified 
PDB . 6ADF unspecified 
# 
loop_
_audit_author.name 
_audit_author.pdbx_ordinal 
_audit_author.identifier_ORCID 
'Seyedarabi, A.' 1 0000-0003-4234-9799 
'Seraj, Z.'      2 0000-0003-2405-6212 
# 
_citation.abstract                  ? 
_citation.abstract_id_CAS           ? 
_citation.book_id_ISBN              ? 
_citation.book_publisher            ? 
_citation.book_publisher_city       ? 
_citation.book_title                ? 
_citation.coordinate_linkage        ? 
_citation.country                   UK 
_citation.database_id_Medline       ? 
_citation.details                   ? 
_citation.id                        primary 
_citation.journal_abbrev            Int.J.Biol.Macromol. 
_citation.journal_id_ASTM           IJBMDR 
_citation.journal_id_CSD            0708 
_citation.journal_id_ISSN           0141-8130 
_citation.journal_full              ? 
_citation.journal_issue             ? 
_citation.journal_volume            146 
_citation.language                  ? 
_citation.page_first                705 
_citation.page_last                 715 
_citation.title                     
'The role of Cinnamaldehyde and Phenyl ethyl alcohol as two types of precipitants affecting protein hydration levels.' 
_citation.year                      2019 
_citation.database_id_CSD           ? 
_citation.pdbx_database_id_DOI      10.1016/j.ijbiomac.2019.12.204 
_citation.pdbx_database_id_PubMed   31887389 
_citation.unpublished_flag          ? 
# 
loop_
_citation_author.citation_id 
_citation_author.name 
_citation_author.ordinal 
_citation_author.identifier_ORCID 
primary 'Seraj, Z.'      1 ? 
primary 'Seyedarabi, A.' 2 ? 
# 
loop_
_entity.id 
_entity.type 
_entity.src_method 
_entity.pdbx_description 
_entity.formula_weight 
_entity.pdbx_number_of_molecules 
_entity.pdbx_ec 
_entity.pdbx_mutation 
_entity.pdbx_fragment 
_entity.details 
1 polymer     nat 'Lysozyme C'               14331.160 1   3.2.1.17 ? ? ? 
2 non-polymer syn 1,2-ETHANEDIOL             62.068    2   ?        ? ? ? 
3 non-polymer syn 'CHLORIDE ION'             35.453    3   ?        ? ? ? 
4 non-polymer syn 'SODIUM ION'               22.990    1   ?        ? ? ? 
5 non-polymer syn '(2Z)-3-phenylprop-2-enal' 132.159   1   ?        ? ? ? 
6 non-polymer syn '(2E)-3-phenylprop-2-enal' 132.159   1   ?        ? ? ? 
7 water       nat water                      18.015    228 ?        ? ? ? 
# 
_entity_name_com.entity_id   1 
_entity_name_com.name        '1,4-beta-N-acetylmuramidase C,Allergen Gal d IV' 
# 
_entity_poly.entity_id                      1 
_entity_poly.type                           'polypeptide(L)' 
_entity_poly.nstd_linkage                   no 
_entity_poly.nstd_monomer                   no 
_entity_poly.pdbx_seq_one_letter_code       
;KVFGRCELAAAMKRHGLDNYRGYSLGNWVCAAKFESNFNTQATNRNTDGSTDYGILQINSRWWCNDGRTPGSRNLCNIPC
SALLSSDITASVNCAKKIVSDGNGMNAWVAWRNRCKGTDVQAWIRGCRL
;
_entity_poly.pdbx_seq_one_letter_code_can   
;KVFGRCELAAAMKRHGLDNYRGYSLGNWVCAAKFESNFNTQATNRNTDGSTDYGILQINSRWWCNDGRTPGSRNLCNIPC
SALLSSDITASVNCAKKIVSDGNGMNAWVAWRNRCKGTDVQAWIRGCRL
;
_entity_poly.pdbx_strand_id                 A 
_entity_poly.pdbx_target_identifier         ? 
# 
loop_
_pdbx_entity_nonpoly.entity_id 
_pdbx_entity_nonpoly.name 
_pdbx_entity_nonpoly.comp_id 
2 1,2-ETHANEDIOL             EDO 
3 'CHLORIDE ION'             CL  
4 'SODIUM ION'               NA  
5 '(2Z)-3-phenylprop-2-enal' 9Y3 
6 '(2E)-3-phenylprop-2-enal' 9Y6 
7 water                      HOH 
# 
loop_
_entity_poly_seq.entity_id 
_entity_poly_seq.num 
_entity_poly_seq.mon_id 
_entity_poly_seq.hetero 
1 1   LYS n 
1 2   VAL n 
1 3   PHE n 
1 4   GLY n 
1 5   ARG n 
1 6   CYS n 
1 7   GLU n 
1 8   LEU n 
1 9   ALA n 
1 10  ALA n 
1 11  ALA n 
1 12  MET n 
1 13  LYS n 
1 14  ARG n 
1 15  HIS n 
1 16  GLY n 
1 17  LEU n 
1 18  ASP n 
1 19  ASN n 
1 20  TYR n 
1 21  ARG n 
1 22  GLY n 
1 23  TYR n 
1 24  SER n 
1 25  LEU n 
1 26  GLY n 
1 27  ASN n 
1 28  TRP n 
1 29  VAL n 
1 30  CYS n 
1 31  ALA n 
1 32  ALA n 
1 33  LYS n 
1 34  PHE n 
1 35  GLU n 
1 36  SER n 
1 37  ASN n 
1 38  PHE n 
1 39  ASN n 
1 40  THR n 
1 41  GLN n 
1 42  ALA n 
1 43  THR n 
1 44  ASN n 
1 45  ARG n 
1 46  ASN n 
1 47  THR n 
1 48  ASP n 
1 49  GLY n 
1 50  SER n 
1 51  THR n 
1 52  ASP n 
1 53  TYR n 
1 54  GLY n 
1 55  ILE n 
1 56  LEU n 
1 57  GLN n 
1 58  ILE n 
1 59  ASN n 
1 60  SER n 
1 61  ARG n 
1 62  TRP n 
1 63  TRP n 
1 64  CYS n 
1 65  ASN n 
1 66  ASP n 
1 67  GLY n 
1 68  ARG n 
1 69  THR n 
1 70  PRO n 
1 71  GLY n 
1 72  SER n 
1 73  ARG n 
1 74  ASN n 
1 75  LEU n 
1 76  CYS n 
1 77  ASN n 
1 78  ILE n 
1 79  PRO n 
1 80  CYS n 
1 81  SER n 
1 82  ALA n 
1 83  LEU n 
1 84  LEU n 
1 85  SER n 
1 86  SER n 
1 87  ASP n 
1 88  ILE n 
1 89  THR n 
1 90  ALA n 
1 91  SER n 
1 92  VAL n 
1 93  ASN n 
1 94  CYS n 
1 95  ALA n 
1 96  LYS n 
1 97  LYS n 
1 98  ILE n 
1 99  VAL n 
1 100 SER n 
1 101 ASP n 
1 102 GLY n 
1 103 ASN n 
1 104 GLY n 
1 105 MET n 
1 106 ASN n 
1 107 ALA n 
1 108 TRP n 
1 109 VAL n 
1 110 ALA n 
1 111 TRP n 
1 112 ARG n 
1 113 ASN n 
1 114 ARG n 
1 115 CYS n 
1 116 LYS n 
1 117 GLY n 
1 118 THR n 
1 119 ASP n 
1 120 VAL n 
1 121 GLN n 
1 122 ALA n 
1 123 TRP n 
1 124 ILE n 
1 125 ARG n 
1 126 GLY n 
1 127 CYS n 
1 128 ARG n 
1 129 LEU n 
# 
_entity_src_nat.entity_id                  1 
_entity_src_nat.pdbx_src_id                1 
_entity_src_nat.pdbx_alt_source_flag       sample 
_entity_src_nat.pdbx_beg_seq_num           1 
_entity_src_nat.pdbx_end_seq_num           129 
_entity_src_nat.common_name                Chicken 
_entity_src_nat.pdbx_organism_scientific   'Gallus gallus' 
_entity_src_nat.pdbx_ncbi_taxonomy_id      9031 
_entity_src_nat.genus                      ? 
_entity_src_nat.species                    ? 
_entity_src_nat.strain                     ? 
_entity_src_nat.tissue                     ? 
_entity_src_nat.tissue_fraction            ? 
_entity_src_nat.pdbx_secretion             ? 
_entity_src_nat.pdbx_fragment              ? 
_entity_src_nat.pdbx_variant               ? 
_entity_src_nat.pdbx_cell_line             ? 
_entity_src_nat.pdbx_atcc                  ? 
_entity_src_nat.pdbx_cellular_location     ? 
_entity_src_nat.pdbx_organ                 ? 
_entity_src_nat.pdbx_organelle             ? 
_entity_src_nat.pdbx_cell                  ? 
_entity_src_nat.pdbx_plasmid_name          ? 
_entity_src_nat.pdbx_plasmid_details       ? 
_entity_src_nat.details                    ? 
# 
loop_
_chem_comp.id 
_chem_comp.type 
_chem_comp.mon_nstd_flag 
_chem_comp.name 
_chem_comp.pdbx_synonyms 
_chem_comp.formula 
_chem_comp.formula_weight 
9Y3 non-polymer         . '(2Z)-3-phenylprop-2-enal' Cis-Cinnamaldehyde   'C9 H8 O'        132.159 
9Y6 non-polymer         . '(2E)-3-phenylprop-2-enal' Trans-Cinnamaldehyde 'C9 H8 O'        132.159 
ALA 'L-peptide linking' y ALANINE                    ?                    'C3 H7 N O2'     89.093  
ARG 'L-peptide linking' y ARGININE                   ?                    'C6 H15 N4 O2 1' 175.209 
ASN 'L-peptide linking' y ASPARAGINE                 ?                    'C4 H8 N2 O3'    132.118 
ASP 'L-peptide linking' y 'ASPARTIC ACID'            ?                    'C4 H7 N O4'     133.103 
CL  non-polymer         . 'CHLORIDE ION'             ?                    'Cl -1'          35.453  
CYS 'L-peptide linking' y CYSTEINE                   ?                    'C3 H7 N O2 S'   121.158 
EDO non-polymer         . 1,2-ETHANEDIOL             'ETHYLENE GLYCOL'    'C2 H6 O2'       62.068  
GLN 'L-peptide linking' y GLUTAMINE                  ?                    'C5 H10 N2 O3'   146.144 
GLU 'L-peptide linking' y 'GLUTAMIC ACID'            ?                    'C5 H9 N O4'     147.129 
GLY 'peptide linking'   y GLYCINE                    ?                    'C2 H5 N O2'     75.067  
HIS 'L-peptide linking' y HISTIDINE                  ?                    'C6 H10 N3 O2 1' 156.162 
HOH non-polymer         . WATER                      ?                    'H2 O'           18.015  
ILE 'L-peptide linking' y ISOLEUCINE                 ?                    'C6 H13 N O2'    131.173 
LEU 'L-peptide linking' y LEUCINE                    ?                    'C6 H13 N O2'    131.173 
LYS 'L-peptide linking' y LYSINE                     ?                    'C6 H15 N2 O2 1' 147.195 
MET 'L-peptide linking' y METHIONINE                 ?                    'C5 H11 N O2 S'  149.211 
NA  non-polymer         . 'SODIUM ION'               ?                    'Na 1'           22.990  
PHE 'L-peptide linking' y PHENYLALANINE              ?                    'C9 H11 N O2'    165.189 
PRO 'L-peptide linking' y PROLINE                    ?                    'C5 H9 N O2'     115.130 
SER 'L-peptide linking' y SERINE                     ?                    'C3 H7 N O3'     105.093 
THR 'L-peptide linking' y THREONINE                  ?                    'C4 H9 N O3'     119.119 
TRP 'L-peptide linking' y TRYPTOPHAN                 ?                    'C11 H12 N2 O2'  204.225 
TYR 'L-peptide linking' y TYROSINE                   ?                    'C9 H11 N O3'    181.189 
VAL 'L-peptide linking' y VALINE                     ?                    'C5 H11 N O2'    117.146 
# 
loop_
_pdbx_poly_seq_scheme.asym_id 
_pdbx_poly_seq_scheme.entity_id 
_pdbx_poly_seq_scheme.seq_id 
_pdbx_poly_seq_scheme.mon_id 
_pdbx_poly_seq_scheme.ndb_seq_num 
_pdbx_poly_seq_scheme.pdb_seq_num 
_pdbx_poly_seq_scheme.auth_seq_num 
_pdbx_poly_seq_scheme.pdb_mon_id 
_pdbx_poly_seq_scheme.auth_mon_id 
_pdbx_poly_seq_scheme.pdb_strand_id 
_pdbx_poly_seq_scheme.pdb_ins_code 
_pdbx_poly_seq_scheme.hetero 
A 1 1   LYS 1   1   1   LYS LYS A . n 
A 1 2   VAL 2   2   2   VAL VAL A . n 
A 1 3   PHE 3   3   3   PHE PHE A . n 
A 1 4   GLY 4   4   4   GLY GLY A . n 
A 1 5   ARG 5   5   5   ARG ARG A . n 
A 1 6   CYS 6   6   6   CYS CYS A . n 
A 1 7   GLU 7   7   7   GLU GLU A . n 
A 1 8   LEU 8   8   8   LEU LEU A . n 
A 1 9   ALA 9   9   9   ALA ALA A . n 
A 1 10  ALA 10  10  10  ALA ALA A . n 
A 1 11  ALA 11  11  11  ALA ALA A . n 
A 1 12  MET 12  12  12  MET MET A . n 
A 1 13  LYS 13  13  13  LYS LYS A . n 
A 1 14  ARG 14  14  14  ARG ARG A . n 
A 1 15  HIS 15  15  15  HIS HIS A . n 
A 1 16  GLY 16  16  16  GLY GLY A . n 
A 1 17  LEU 17  17  17  LEU LEU A . n 
A 1 18  ASP 18  18  18  ASP ASP A . n 
A 1 19  ASN 19  19  19  ASN ASN A . n 
A 1 20  TYR 20  20  20  TYR TYR A . n 
A 1 21  ARG 21  21  21  ARG ARG A . n 
A 1 22  GLY 22  22  22  GLY GLY A . n 
A 1 23  TYR 23  23  23  TYR TYR A . n 
A 1 24  SER 24  24  24  SER SER A . n 
A 1 25  LEU 25  25  25  LEU LEU A . n 
A 1 26  GLY 26  26  26  GLY GLY A . n 
A 1 27  ASN 27  27  27  ASN ASN A . n 
A 1 28  TRP 28  28  28  TRP TRP A . n 
A 1 29  VAL 29  29  29  VAL VAL A . n 
A 1 30  CYS 30  30  30  CYS CYS A . n 
A 1 31  ALA 31  31  31  ALA ALA A . n 
A 1 32  ALA 32  32  32  ALA ALA A . n 
A 1 33  LYS 33  33  33  LYS LYS A . n 
A 1 34  PHE 34  34  34  PHE PHE A . n 
A 1 35  GLU 35  35  35  GLU GLU A . n 
A 1 36  SER 36  36  36  SER SER A . n 
A 1 37  ASN 37  37  37  ASN ASN A . n 
A 1 38  PHE 38  38  38  PHE PHE A . n 
A 1 39  ASN 39  39  39  ASN ASN A . n 
A 1 40  THR 40  40  40  THR THR A . n 
A 1 41  GLN 41  41  41  GLN GLN A . n 
A 1 42  ALA 42  42  42  ALA ALA A . n 
A 1 43  THR 43  43  43  THR THR A . n 
A 1 44  ASN 44  44  44  ASN ASN A . n 
A 1 45  ARG 45  45  45  ARG ARG A . n 
A 1 46  ASN 46  46  46  ASN ASN A . n 
A 1 47  THR 47  47  47  THR THR A . n 
A 1 48  ASP 48  48  48  ASP ASP A . n 
A 1 49  GLY 49  49  49  GLY GLY A . n 
A 1 50  SER 50  50  50  SER SER A . n 
A 1 51  THR 51  51  51  THR THR A . n 
A 1 52  ASP 52  52  52  ASP ASP A . n 
A 1 53  TYR 53  53  53  TYR TYR A . n 
A 1 54  GLY 54  54  54  GLY GLY A . n 
A 1 55  ILE 55  55  55  ILE ILE A . n 
A 1 56  LEU 56  56  56  LEU LEU A . n 
A 1 57  GLN 57  57  57  GLN GLN A . n 
A 1 58  ILE 58  58  58  ILE ILE A . n 
A 1 59  ASN 59  59  59  ASN ASN A . n 
A 1 60  SER 60  60  60  SER SER A . n 
A 1 61  ARG 61  61  61  ARG ARG A . n 
A 1 62  TRP 62  62  62  TRP TRP A . n 
A 1 63  TRP 63  63  63  TRP TRP A . n 
A 1 64  CYS 64  64  64  CYS CYS A . n 
A 1 65  ASN 65  65  65  ASN ASN A . n 
A 1 66  ASP 66  66  66  ASP ASP A . n 
A 1 67  GLY 67  67  67  GLY GLY A . n 
A 1 68  ARG 68  68  68  ARG ARG A . n 
A 1 69  THR 69  69  69  THR THR A . n 
A 1 70  PRO 70  70  70  PRO PRO A . n 
A 1 71  GLY 71  71  71  GLY GLY A . n 
A 1 72  SER 72  72  72  SER SER A . n 
A 1 73  ARG 73  73  73  ARG ARG A . n 
A 1 74  ASN 74  74  74  ASN ASN A . n 
A 1 75  LEU 75  75  75  LEU LEU A . n 
A 1 76  CYS 76  76  76  CYS CYS A . n 
A 1 77  ASN 77  77  77  ASN ASN A . n 
A 1 78  ILE 78  78  78  ILE ILE A . n 
A 1 79  PRO 79  79  79  PRO PRO A . n 
A 1 80  CYS 80  80  80  CYS CYS A . n 
A 1 81  SER 81  81  81  SER SER A . n 
A 1 82  ALA 82  82  82  ALA ALA A . n 
A 1 83  LEU 83  83  83  LEU LEU A . n 
A 1 84  LEU 84  84  84  LEU LEU A . n 
A 1 85  SER 85  85  85  SER SER A . n 
A 1 86  SER 86  86  86  SER SER A . n 
A 1 87  ASP 87  87  87  ASP ASP A . n 
A 1 88  ILE 88  88  88  ILE ILE A . n 
A 1 89  THR 89  89  89  THR THR A . n 
A 1 90  ALA 90  90  90  ALA ALA A . n 
A 1 91  SER 91  91  91  SER SER A . n 
A 1 92  VAL 92  92  92  VAL VAL A . n 
A 1 93  ASN 93  93  93  ASN ASN A . n 
A 1 94  CYS 94  94  94  CYS CYS A . n 
A 1 95  ALA 95  95  95  ALA ALA A . n 
A 1 96  LYS 96  96  96  LYS LYS A . n 
A 1 97  LYS 97  97  97  LYS LYS A . n 
A 1 98  ILE 98  98  98  ILE ILE A . n 
A 1 99  VAL 99  99  99  VAL VAL A . n 
A 1 100 SER 100 100 100 SER SER A . n 
A 1 101 ASP 101 101 101 ASP ASP A . n 
A 1 102 GLY 102 102 102 GLY GLY A . n 
A 1 103 ASN 103 103 103 ASN ASN A . n 
A 1 104 GLY 104 104 104 GLY GLY A . n 
A 1 105 MET 105 105 105 MET MET A . n 
A 1 106 ASN 106 106 106 ASN ASN A . n 
A 1 107 ALA 107 107 107 ALA ALA A . n 
A 1 108 TRP 108 108 108 TRP TRP A . n 
A 1 109 VAL 109 109 109 VAL VAL A . n 
A 1 110 ALA 110 110 110 ALA ALA A . n 
A 1 111 TRP 111 111 111 TRP TRP A . n 
A 1 112 ARG 112 112 112 ARG ARG A . n 
A 1 113 ASN 113 113 113 ASN ASN A . n 
A 1 114 ARG 114 114 114 ARG ARG A . n 
A 1 115 CYS 115 115 115 CYS CYS A . n 
A 1 116 LYS 116 116 116 LYS LYS A . n 
A 1 117 GLY 117 117 117 GLY GLY A . n 
A 1 118 THR 118 118 118 THR THR A . n 
A 1 119 ASP 119 119 119 ASP ASP A . n 
A 1 120 VAL 120 120 120 VAL VAL A . n 
A 1 121 GLN 121 121 121 GLN GLN A . n 
A 1 122 ALA 122 122 122 ALA ALA A . n 
A 1 123 TRP 123 123 123 TRP TRP A . n 
A 1 124 ILE 124 124 124 ILE ILE A . n 
A 1 125 ARG 125 125 125 ARG ARG A . n 
A 1 126 GLY 126 126 126 GLY GLY A . n 
A 1 127 CYS 127 127 127 CYS CYS A . n 
A 1 128 ARG 128 128 128 ARG ARG A . n 
A 1 129 LEU 129 129 129 LEU LEU A . n 
# 
loop_
_pdbx_nonpoly_scheme.asym_id 
_pdbx_nonpoly_scheme.entity_id 
_pdbx_nonpoly_scheme.mon_id 
_pdbx_nonpoly_scheme.ndb_seq_num 
_pdbx_nonpoly_scheme.pdb_seq_num 
_pdbx_nonpoly_scheme.auth_seq_num 
_pdbx_nonpoly_scheme.pdb_mon_id 
_pdbx_nonpoly_scheme.auth_mon_id 
_pdbx_nonpoly_scheme.pdb_strand_id 
_pdbx_nonpoly_scheme.pdb_ins_code 
B 2 EDO 1   201 1   EDO EDO A . 
C 2 EDO 1   202 2   EDO EDO A . 
D 3 CL  1   203 1   CL  CL  A . 
E 3 CL  1   204 2   CL  CL  A . 
F 3 CL  1   205 3   CL  CL  A . 
G 4 NA  1   206 1   NA  NA  A . 
H 5 9Y3 1   207 1   9Y3 Cin A . 
I 6 9Y6 1   208 2   9Y6 Cin A . 
J 7 HOH 1   301 121 HOH HOH A . 
J 7 HOH 2   302 220 HOH HOH A . 
J 7 HOH 3   303 124 HOH HOH A . 
J 7 HOH 4   304 141 HOH HOH A . 
J 7 HOH 5   305 219 HOH HOH A . 
J 7 HOH 6   306 180 HOH HOH A . 
J 7 HOH 7   307 216 HOH HOH A . 
J 7 HOH 8   308 227 HOH HOH A . 
J 7 HOH 9   309 101 HOH HOH A . 
J 7 HOH 10  310 69  HOH HOH A . 
J 7 HOH 11  311 115 HOH HOH A . 
J 7 HOH 12  312 228 HOH HOH A . 
J 7 HOH 13  313 45  HOH HOH A . 
J 7 HOH 14  314 49  HOH HOH A . 
J 7 HOH 15  315 169 HOH HOH A . 
J 7 HOH 16  316 97  HOH HOH A . 
J 7 HOH 17  317 36  HOH HOH A . 
J 7 HOH 18  318 4   HOH HOH A . 
J 7 HOH 19  319 72  HOH HOH A . 
J 7 HOH 20  320 223 HOH HOH A . 
J 7 HOH 21  321 98  HOH HOH A . 
J 7 HOH 22  322 13  HOH HOH A . 
J 7 HOH 23  323 71  HOH HOH A . 
J 7 HOH 24  324 136 HOH HOH A . 
J 7 HOH 25  325 102 HOH HOH A . 
J 7 HOH 26  326 3   HOH HOH A . 
J 7 HOH 27  327 106 HOH HOH A . 
J 7 HOH 28  328 32  HOH HOH A . 
J 7 HOH 29  329 207 HOH HOH A . 
J 7 HOH 30  330 35  HOH HOH A . 
J 7 HOH 31  331 11  HOH HOH A . 
J 7 HOH 32  332 44  HOH HOH A . 
J 7 HOH 33  333 127 HOH HOH A . 
J 7 HOH 34  334 212 HOH HOH A . 
J 7 HOH 35  335 75  HOH HOH A . 
J 7 HOH 36  336 196 HOH HOH A . 
J 7 HOH 37  337 214 HOH HOH A . 
J 7 HOH 38  338 152 HOH HOH A . 
J 7 HOH 39  339 31  HOH HOH A . 
J 7 HOH 40  340 89  HOH HOH A . 
J 7 HOH 41  341 27  HOH HOH A . 
J 7 HOH 42  342 93  HOH HOH A . 
J 7 HOH 43  343 224 HOH HOH A . 
J 7 HOH 44  344 14  HOH HOH A . 
J 7 HOH 45  345 46  HOH HOH A . 
J 7 HOH 46  346 67  HOH HOH A . 
J 7 HOH 47  347 157 HOH HOH A . 
J 7 HOH 48  348 41  HOH HOH A . 
J 7 HOH 49  349 18  HOH HOH A . 
J 7 HOH 50  350 99  HOH HOH A . 
J 7 HOH 51  351 8   HOH HOH A . 
J 7 HOH 52  352 28  HOH HOH A . 
J 7 HOH 53  353 42  HOH HOH A . 
J 7 HOH 54  354 23  HOH HOH A . 
J 7 HOH 55  355 135 HOH HOH A . 
J 7 HOH 56  356 221 HOH HOH A . 
J 7 HOH 57  357 112 HOH HOH A . 
J 7 HOH 58  358 33  HOH HOH A . 
J 7 HOH 59  359 34  HOH HOH A . 
J 7 HOH 60  360 76  HOH HOH A . 
J 7 HOH 61  361 7   HOH HOH A . 
J 7 HOH 62  362 43  HOH HOH A . 
J 7 HOH 63  363 24  HOH HOH A . 
J 7 HOH 64  364 138 HOH HOH A . 
J 7 HOH 65  365 56  HOH HOH A . 
J 7 HOH 66  366 66  HOH HOH A . 
J 7 HOH 67  367 199 HOH HOH A . 
J 7 HOH 68  368 40  HOH HOH A . 
J 7 HOH 69  369 140 HOH HOH A . 
J 7 HOH 70  370 131 HOH HOH A . 
J 7 HOH 71  371 37  HOH HOH A . 
J 7 HOH 72  372 184 HOH HOH A . 
J 7 HOH 73  373 96  HOH HOH A . 
J 7 HOH 74  374 100 HOH HOH A . 
J 7 HOH 75  375 17  HOH HOH A . 
J 7 HOH 76  376 47  HOH HOH A . 
J 7 HOH 77  377 48  HOH HOH A . 
J 7 HOH 78  378 139 HOH HOH A . 
J 7 HOH 79  379 10  HOH HOH A . 
J 7 HOH 80  380 163 HOH HOH A . 
J 7 HOH 81  381 53  HOH HOH A . 
J 7 HOH 82  382 195 HOH HOH A . 
J 7 HOH 83  383 9   HOH HOH A . 
J 7 HOH 84  384 116 HOH HOH A . 
J 7 HOH 85  385 38  HOH HOH A . 
J 7 HOH 86  386 2   HOH HOH A . 
J 7 HOH 87  387 60  HOH HOH A . 
J 7 HOH 88  388 55  HOH HOH A . 
J 7 HOH 89  389 177 HOH HOH A . 
J 7 HOH 90  390 119 HOH HOH A . 
J 7 HOH 91  391 81  HOH HOH A . 
J 7 HOH 92  392 16  HOH HOH A . 
J 7 HOH 93  393 137 HOH HOH A . 
J 7 HOH 94  394 103 HOH HOH A . 
J 7 HOH 95  395 80  HOH HOH A . 
J 7 HOH 96  396 171 HOH HOH A . 
J 7 HOH 97  397 54  HOH HOH A . 
J 7 HOH 98  398 22  HOH HOH A . 
J 7 HOH 99  399 189 HOH HOH A . 
J 7 HOH 100 400 156 HOH HOH A . 
J 7 HOH 101 401 208 HOH HOH A . 
J 7 HOH 102 402 201 HOH HOH A . 
J 7 HOH 103 403 30  HOH HOH A . 
J 7 HOH 104 404 21  HOH HOH A . 
J 7 HOH 105 405 12  HOH HOH A . 
J 7 HOH 106 406 164 HOH HOH A . 
J 7 HOH 107 407 58  HOH HOH A . 
J 7 HOH 108 408 51  HOH HOH A . 
J 7 HOH 109 409 6   HOH HOH A . 
J 7 HOH 110 410 20  HOH HOH A . 
J 7 HOH 111 411 65  HOH HOH A . 
J 7 HOH 112 412 197 HOH HOH A . 
J 7 HOH 113 413 125 HOH HOH A . 
J 7 HOH 114 414 215 HOH HOH A . 
J 7 HOH 115 415 95  HOH HOH A . 
J 7 HOH 116 416 86  HOH HOH A . 
J 7 HOH 117 417 178 HOH HOH A . 
J 7 HOH 118 418 26  HOH HOH A . 
J 7 HOH 119 419 117 HOH HOH A . 
J 7 HOH 120 420 29  HOH HOH A . 
J 7 HOH 121 421 59  HOH HOH A . 
J 7 HOH 122 422 1   HOH HOH A . 
J 7 HOH 123 423 5   HOH HOH A . 
J 7 HOH 124 424 146 HOH HOH A . 
J 7 HOH 125 425 83  HOH HOH A . 
J 7 HOH 126 426 155 HOH HOH A . 
J 7 HOH 127 427 166 HOH HOH A . 
J 7 HOH 128 428 91  HOH HOH A . 
J 7 HOH 129 429 188 HOH HOH A . 
J 7 HOH 130 430 61  HOH HOH A . 
J 7 HOH 131 431 159 HOH HOH A . 
J 7 HOH 132 432 25  HOH HOH A . 
J 7 HOH 133 433 217 HOH HOH A . 
J 7 HOH 134 434 179 HOH HOH A . 
J 7 HOH 135 435 52  HOH HOH A . 
J 7 HOH 136 436 191 HOH HOH A . 
J 7 HOH 137 437 123 HOH HOH A . 
J 7 HOH 138 438 15  HOH HOH A . 
J 7 HOH 139 439 210 HOH HOH A . 
J 7 HOH 140 440 39  HOH HOH A . 
J 7 HOH 141 441 92  HOH HOH A . 
J 7 HOH 142 442 85  HOH HOH A . 
J 7 HOH 143 443 62  HOH HOH A . 
J 7 HOH 144 444 19  HOH HOH A . 
J 7 HOH 145 445 128 HOH HOH A . 
J 7 HOH 146 446 94  HOH HOH A . 
J 7 HOH 147 447 120 HOH HOH A . 
J 7 HOH 148 448 68  HOH HOH A . 
J 7 HOH 149 449 193 HOH HOH A . 
J 7 HOH 150 450 144 HOH HOH A . 
J 7 HOH 151 451 64  HOH HOH A . 
J 7 HOH 152 452 57  HOH HOH A . 
J 7 HOH 153 453 129 HOH HOH A . 
J 7 HOH 154 454 122 HOH HOH A . 
J 7 HOH 155 455 114 HOH HOH A . 
J 7 HOH 156 456 84  HOH HOH A . 
J 7 HOH 157 457 133 HOH HOH A . 
J 7 HOH 158 458 168 HOH HOH A . 
J 7 HOH 159 459 187 HOH HOH A . 
J 7 HOH 160 460 181 HOH HOH A . 
J 7 HOH 161 461 218 HOH HOH A . 
J 7 HOH 162 462 186 HOH HOH A . 
J 7 HOH 163 463 203 HOH HOH A . 
J 7 HOH 164 464 104 HOH HOH A . 
J 7 HOH 165 465 88  HOH HOH A . 
J 7 HOH 166 466 111 HOH HOH A . 
J 7 HOH 167 467 170 HOH HOH A . 
J 7 HOH 168 468 147 HOH HOH A . 
J 7 HOH 169 469 206 HOH HOH A . 
J 7 HOH 170 470 150 HOH HOH A . 
J 7 HOH 171 471 173 HOH HOH A . 
J 7 HOH 172 472 110 HOH HOH A . 
J 7 HOH 173 473 113 HOH HOH A . 
J 7 HOH 174 474 126 HOH HOH A . 
J 7 HOH 175 475 167 HOH HOH A . 
J 7 HOH 176 476 151 HOH HOH A . 
J 7 HOH 177 477 225 HOH HOH A . 
J 7 HOH 178 478 190 HOH HOH A . 
J 7 HOH 179 479 209 HOH HOH A . 
J 7 HOH 180 480 182 HOH HOH A . 
J 7 HOH 181 481 160 HOH HOH A . 
J 7 HOH 182 482 63  HOH HOH A . 
J 7 HOH 183 483 202 HOH HOH A . 
J 7 HOH 184 484 109 HOH HOH A . 
J 7 HOH 185 485 183 HOH HOH A . 
J 7 HOH 186 486 148 HOH HOH A . 
J 7 HOH 187 487 78  HOH HOH A . 
J 7 HOH 188 488 118 HOH HOH A . 
J 7 HOH 189 489 174 HOH HOH A . 
J 7 HOH 190 490 70  HOH HOH A . 
J 7 HOH 191 491 134 HOH HOH A . 
J 7 HOH 192 492 176 HOH HOH A . 
J 7 HOH 193 493 194 HOH HOH A . 
J 7 HOH 194 494 205 HOH HOH A . 
J 7 HOH 195 495 154 HOH HOH A . 
J 7 HOH 196 496 105 HOH HOH A . 
J 7 HOH 197 497 50  HOH HOH A . 
J 7 HOH 198 498 145 HOH HOH A . 
J 7 HOH 199 499 198 HOH HOH A . 
J 7 HOH 200 500 77  HOH HOH A . 
J 7 HOH 201 501 132 HOH HOH A . 
J 7 HOH 202 502 175 HOH HOH A . 
J 7 HOH 203 503 165 HOH HOH A . 
J 7 HOH 204 504 90  HOH HOH A . 
J 7 HOH 205 505 73  HOH HOH A . 
J 7 HOH 206 506 192 HOH HOH A . 
J 7 HOH 207 507 108 HOH HOH A . 
J 7 HOH 208 508 87  HOH HOH A . 
J 7 HOH 209 509 213 HOH HOH A . 
J 7 HOH 210 510 185 HOH HOH A . 
J 7 HOH 211 511 130 HOH HOH A . 
J 7 HOH 212 512 211 HOH HOH A . 
J 7 HOH 213 513 172 HOH HOH A . 
J 7 HOH 214 514 149 HOH HOH A . 
J 7 HOH 215 515 107 HOH HOH A . 
J 7 HOH 216 516 162 HOH HOH A . 
J 7 HOH 217 517 226 HOH HOH A . 
J 7 HOH 218 518 143 HOH HOH A . 
J 7 HOH 219 519 161 HOH HOH A . 
J 7 HOH 220 520 204 HOH HOH A . 
J 7 HOH 221 521 200 HOH HOH A . 
J 7 HOH 222 522 82  HOH HOH A . 
J 7 HOH 223 523 79  HOH HOH A . 
J 7 HOH 224 524 158 HOH HOH A . 
J 7 HOH 225 525 74  HOH HOH A . 
J 7 HOH 226 526 153 HOH HOH A . 
J 7 HOH 227 527 222 HOH HOH A . 
J 7 HOH 228 528 142 HOH HOH A . 
# 
loop_
_software.citation_id 
_software.classification 
_software.compiler_name 
_software.compiler_version 
_software.contact_author 
_software.contact_author_email 
_software.date 
_software.description 
_software.dependencies 
_software.hardware 
_software.language 
_software.location 
_software.mods 
_software.name 
_software.os 
_software.os_version 
_software.type 
_software.version 
_software.pdbx_ordinal 
? refinement       ? ? ? ? ? ? ? ? ? ? ? REFMAC  ? ? ? 5.8.0135 1 
? 'data reduction' ? ? ? ? ? ? ? ? ? ? ? iMOSFLM ? ? ? .        2 
? 'data scaling'   ? ? ? ? ? ? ? ? ? ? ? SCALA   ? ? ? .        3 
? phasing          ? ? ? ? ? ? ? ? ? ? ? PHASER  ? ? ? .        4 
# 
_cell.angle_alpha                  90.00 
_cell.angle_alpha_esd              ? 
_cell.angle_beta                   90.00 
_cell.angle_beta_esd               ? 
_cell.angle_gamma                  90.00 
_cell.angle_gamma_esd              ? 
_cell.entry_id                     6AGN 
_cell.details                      ? 
_cell.formula_units_Z              ? 
_cell.length_a                     78.751 
_cell.length_a_esd                 ? 
_cell.length_b                     78.751 
_cell.length_b_esd                 ? 
_cell.length_c                     37.100 
_cell.length_c_esd                 ? 
_cell.volume                       ? 
_cell.volume_esd                   ? 
_cell.Z_PDB                        8 
_cell.reciprocal_angle_alpha       ? 
_cell.reciprocal_angle_beta        ? 
_cell.reciprocal_angle_gamma       ? 
_cell.reciprocal_angle_alpha_esd   ? 
_cell.reciprocal_angle_beta_esd    ? 
_cell.reciprocal_angle_gamma_esd   ? 
_cell.reciprocal_length_a          ? 
_cell.reciprocal_length_b          ? 
_cell.reciprocal_length_c          ? 
_cell.reciprocal_length_a_esd      ? 
_cell.reciprocal_length_b_esd      ? 
_cell.reciprocal_length_c_esd      ? 
_cell.pdbx_unique_axis             ? 
# 
_symmetry.entry_id                         6AGN 
_symmetry.cell_setting                     ? 
_symmetry.Int_Tables_number                96 
_symmetry.space_group_name_Hall            ? 
_symmetry.space_group_name_H-M             'P 43 21 2' 
_symmetry.pdbx_full_space_group_name_H-M   ? 
# 
_exptl.absorpt_coefficient_mu     ? 
_exptl.absorpt_correction_T_max   ? 
_exptl.absorpt_correction_T_min   ? 
_exptl.absorpt_correction_type    ? 
_exptl.absorpt_process_details    ? 
_exptl.entry_id                   6AGN 
_exptl.crystals_number            1 
_exptl.details                    ? 
_exptl.method                     'X-RAY DIFFRACTION' 
_exptl.method_details             ? 
# 
_exptl_crystal.colour                      ? 
_exptl_crystal.density_diffrn              ? 
_exptl_crystal.density_Matthews            2.01 
_exptl_crystal.density_method              ? 
_exptl_crystal.density_percent_sol         38.71 
_exptl_crystal.description                 ? 
_exptl_crystal.F_000                       ? 
_exptl_crystal.id                          1 
_exptl_crystal.preparation                 ? 
_exptl_crystal.size_max                    ? 
_exptl_crystal.size_mid                    ? 
_exptl_crystal.size_min                    ? 
_exptl_crystal.size_rad                    ? 
_exptl_crystal.colour_lustre               ? 
_exptl_crystal.colour_modifier             ? 
_exptl_crystal.colour_primary              ? 
_exptl_crystal.density_meas                ? 
_exptl_crystal.density_meas_esd            ? 
_exptl_crystal.density_meas_gt             ? 
_exptl_crystal.density_meas_lt             ? 
_exptl_crystal.density_meas_temp           ? 
_exptl_crystal.density_meas_temp_esd       ? 
_exptl_crystal.density_meas_temp_gt        ? 
_exptl_crystal.density_meas_temp_lt        ? 
_exptl_crystal.pdbx_crystal_image_url      ? 
_exptl_crystal.pdbx_crystal_image_format   ? 
_exptl_crystal.pdbx_mosaicity              ? 
_exptl_crystal.pdbx_mosaicity_esd          ? 
# 
_exptl_crystal_grow.apparatus       ? 
_exptl_crystal_grow.atmosphere      ? 
_exptl_crystal_grow.crystal_id      1 
_exptl_crystal_grow.details         ? 
_exptl_crystal_grow.method          'VAPOR DIFFUSION, HANGING DROP' 
_exptl_crystal_grow.method_ref      ? 
_exptl_crystal_grow.pH              ? 
_exptl_crystal_grow.pressure        ? 
_exptl_crystal_grow.pressure_esd    ? 
_exptl_crystal_grow.seeding         ? 
_exptl_crystal_grow.seeding_ref     ? 
_exptl_crystal_grow.temp            292 
_exptl_crystal_grow.temp_details    ? 
_exptl_crystal_grow.temp_esd        ? 
_exptl_crystal_grow.time            ? 
_exptl_crystal_grow.pdbx_details    '1.5 M NaCl and 10% Ethanol' 
_exptl_crystal_grow.pdbx_pH_range   ? 
# 
_diffrn.ambient_environment              ? 
_diffrn.ambient_temp                     100 
_diffrn.ambient_temp_details             ? 
_diffrn.ambient_temp_esd                 ? 
_diffrn.crystal_id                       1 
_diffrn.crystal_support                  ? 
_diffrn.crystal_treatment                ? 
_diffrn.details                          ? 
_diffrn.id                               1 
_diffrn.ambient_pressure                 ? 
_diffrn.ambient_pressure_esd             ? 
_diffrn.ambient_pressure_gt              ? 
_diffrn.ambient_pressure_lt              ? 
_diffrn.ambient_temp_gt                  ? 
_diffrn.ambient_temp_lt                  ? 
_diffrn.pdbx_serial_crystal_experiment   ? 
# 
_diffrn_detector.details                      ? 
_diffrn_detector.detector                     PIXEL 
_diffrn_detector.diffrn_id                    1 
_diffrn_detector.type                         'DECTRIS PILATUS 6M' 
_diffrn_detector.area_resol_mean              ? 
_diffrn_detector.dtime                        ? 
_diffrn_detector.pdbx_frames_total            ? 
_diffrn_detector.pdbx_collection_time_total   ? 
_diffrn_detector.pdbx_collection_date         2017-11-01 
_diffrn_detector.pdbx_frequency               ? 
# 
_diffrn_radiation.collimation                      ? 
_diffrn_radiation.diffrn_id                        1 
_diffrn_radiation.filter_edge                      ? 
_diffrn_radiation.inhomogeneity                    ? 
_diffrn_radiation.monochromator                    ? 
_diffrn_radiation.polarisn_norm                    ? 
_diffrn_radiation.polarisn_ratio                   ? 
_diffrn_radiation.probe                            ? 
_diffrn_radiation.type                             ? 
_diffrn_radiation.xray_symbol                      ? 
_diffrn_radiation.wavelength_id                    1 
_diffrn_radiation.pdbx_monochromatic_or_laue_m_l   M 
_diffrn_radiation.pdbx_wavelength_list             ? 
_diffrn_radiation.pdbx_wavelength                  ? 
_diffrn_radiation.pdbx_diffrn_protocol             'SINGLE WAVELENGTH' 
_diffrn_radiation.pdbx_analyzer                    ? 
_diffrn_radiation.pdbx_scattering_type             x-ray 
# 
_diffrn_radiation_wavelength.id           1 
_diffrn_radiation_wavelength.wavelength   0.979 
_diffrn_radiation_wavelength.wt           1.0 
# 
_diffrn_source.current                     ? 
_diffrn_source.details                     ? 
_diffrn_source.diffrn_id                   1 
_diffrn_source.power                       ? 
_diffrn_source.size                        ? 
_diffrn_source.source                      SYNCHROTRON 
_diffrn_source.target                      ? 
_diffrn_source.type                        'ALBA BEAMLINE XALOC' 
_diffrn_source.voltage                     ? 
_diffrn_source.take-off_angle              ? 
_diffrn_source.pdbx_wavelength_list        0.979 
_diffrn_source.pdbx_wavelength             ? 
_diffrn_source.pdbx_synchrotron_beamline   XALOC 
_diffrn_source.pdbx_synchrotron_site       ALBA 
# 
_reflns.B_iso_Wilson_estimate            ? 
_reflns.entry_id                         6AGN 
_reflns.data_reduction_details           ? 
_reflns.data_reduction_method            ? 
_reflns.d_resolution_high                1.08 
_reflns.d_resolution_low                 37.10 
_reflns.details                          ? 
_reflns.limit_h_max                      ? 
_reflns.limit_h_min                      ? 
_reflns.limit_k_max                      ? 
_reflns.limit_k_min                      ? 
_reflns.limit_l_max                      ? 
_reflns.limit_l_min                      ? 
_reflns.number_all                       ? 
_reflns.number_obs                       50857 
_reflns.observed_criterion               ? 
_reflns.observed_criterion_F_max         ? 
_reflns.observed_criterion_F_min         ? 
_reflns.observed_criterion_I_max         ? 
_reflns.observed_criterion_I_min         ? 
_reflns.observed_criterion_sigma_F       ? 
_reflns.observed_criterion_sigma_I       ? 
_reflns.percent_possible_obs             99.8 
_reflns.R_free_details                   ? 
_reflns.Rmerge_F_all                     ? 
_reflns.Rmerge_F_obs                     ? 
_reflns.Friedel_coverage                 ? 
_reflns.number_gt                        ? 
_reflns.threshold_expression             ? 
_reflns.pdbx_redundancy                  6.7 
_reflns.pdbx_Rmerge_I_obs                0.063 
_reflns.pdbx_Rmerge_I_all                ? 
_reflns.pdbx_Rsym_value                  ? 
_reflns.pdbx_netI_over_av_sigmaI         ? 
_reflns.pdbx_netI_over_sigmaI            12 
_reflns.pdbx_res_netI_over_av_sigmaI_2   ? 
_reflns.pdbx_res_netI_over_sigmaI_2      ? 
_reflns.pdbx_chi_squared                 ? 
_reflns.pdbx_scaling_rejects             ? 
_reflns.pdbx_d_res_high_opt              ? 
_reflns.pdbx_d_res_low_opt               ? 
_reflns.pdbx_d_res_opt_method            ? 
_reflns.phase_calculation_details        ? 
_reflns.pdbx_Rrim_I_all                  ? 
_reflns.pdbx_Rpim_I_all                  ? 
_reflns.pdbx_d_opt                       ? 
_reflns.pdbx_number_measured_all         ? 
_reflns.pdbx_diffrn_id                   1 
_reflns.pdbx_ordinal                     1 
_reflns.pdbx_CC_half                     ? 
_reflns.pdbx_R_split                     ? 
# 
_reflns_shell.d_res_high                  1.08 
_reflns_shell.d_res_low                   1.14 
_reflns_shell.meanI_over_sigI_all         ? 
_reflns_shell.meanI_over_sigI_obs         ? 
_reflns_shell.number_measured_all         ? 
_reflns_shell.number_measured_obs         ? 
_reflns_shell.number_possible             ? 
_reflns_shell.number_unique_all           ? 
_reflns_shell.number_unique_obs           7284 
_reflns_shell.percent_possible_all        ? 
_reflns_shell.percent_possible_obs        ? 
_reflns_shell.Rmerge_F_all                ? 
_reflns_shell.Rmerge_F_obs                ? 
_reflns_shell.Rmerge_I_all                ? 
_reflns_shell.Rmerge_I_obs                0.332 
_reflns_shell.meanI_over_sigI_gt          ? 
_reflns_shell.meanI_over_uI_all           ? 
_reflns_shell.meanI_over_uI_gt            ? 
_reflns_shell.number_measured_gt          ? 
_reflns_shell.number_unique_gt            ? 
_reflns_shell.percent_possible_gt         ? 
_reflns_shell.Rmerge_F_gt                 ? 
_reflns_shell.Rmerge_I_gt                 ? 
_reflns_shell.pdbx_redundancy             ? 
_reflns_shell.pdbx_Rsym_value             ? 
_reflns_shell.pdbx_chi_squared            ? 
_reflns_shell.pdbx_netI_over_sigmaI_all   ? 
_reflns_shell.pdbx_netI_over_sigmaI_obs   ? 
_reflns_shell.pdbx_Rrim_I_all             ? 
_reflns_shell.pdbx_Rpim_I_all             ? 
_reflns_shell.pdbx_rejects                ? 
_reflns_shell.pdbx_ordinal                1 
_reflns_shell.pdbx_diffrn_id              1 
_reflns_shell.pdbx_CC_half                ? 
_reflns_shell.pdbx_R_split                ? 
# 
_refine.aniso_B[1][1]                            0.00 
_refine.aniso_B[1][2]                            0.00 
_refine.aniso_B[1][3]                            0.00 
_refine.aniso_B[2][2]                            0.00 
_refine.aniso_B[2][3]                            0.00 
_refine.aniso_B[3][3]                            0.00 
_refine.B_iso_max                                ? 
_refine.B_iso_mean                               14.631 
_refine.B_iso_min                                ? 
_refine.correlation_coeff_Fo_to_Fc               0.976 
_refine.correlation_coeff_Fo_to_Fc_free          0.962 
_refine.details                                  'HYDROGENS HAVE BEEN ADDED IN THE RIDING POSITIONS' 
_refine.diff_density_max                         ? 
_refine.diff_density_max_esd                     ? 
_refine.diff_density_min                         ? 
_refine.diff_density_min_esd                     ? 
_refine.diff_density_rms                         ? 
_refine.diff_density_rms_esd                     ? 
_refine.entry_id                                 6AGN 
_refine.pdbx_refine_id                           'X-RAY DIFFRACTION' 
_refine.ls_abs_structure_details                 ? 
_refine.ls_abs_structure_Flack                   ? 
_refine.ls_abs_structure_Flack_esd               ? 
_refine.ls_abs_structure_Rogers                  ? 
_refine.ls_abs_structure_Rogers_esd              ? 
_refine.ls_d_res_high                            1.08 
_refine.ls_d_res_low                             37.10 
_refine.ls_extinction_coef                       ? 
_refine.ls_extinction_coef_esd                   ? 
_refine.ls_extinction_expression                 ? 
_refine.ls_extinction_method                     ? 
_refine.ls_goodness_of_fit_all                   ? 
_refine.ls_goodness_of_fit_all_esd               ? 
_refine.ls_goodness_of_fit_obs                   ? 
_refine.ls_goodness_of_fit_obs_esd               ? 
_refine.ls_hydrogen_treatment                    ? 
_refine.ls_matrix_type                           ? 
_refine.ls_number_constraints                    ? 
_refine.ls_number_parameters                     ? 
_refine.ls_number_reflns_all                     ? 
_refine.ls_number_reflns_obs                     48174 
_refine.ls_number_reflns_R_free                  2599 
_refine.ls_number_reflns_R_work                  ? 
_refine.ls_number_restraints                     ? 
_refine.ls_percent_reflns_obs                    99.69 
_refine.ls_percent_reflns_R_free                 5.1 
_refine.ls_R_factor_all                          ? 
_refine.ls_R_factor_obs                          0.16599 
_refine.ls_R_factor_R_free                       0.19414 
_refine.ls_R_factor_R_free_error                 ? 
_refine.ls_R_factor_R_free_error_details         ? 
_refine.ls_R_factor_R_work                       0.16455 
_refine.ls_R_Fsqd_factor_obs                     ? 
_refine.ls_R_I_factor_obs                        ? 
_refine.ls_redundancy_reflns_all                 ? 
_refine.ls_redundancy_reflns_obs                 ? 
_refine.ls_restrained_S_all                      ? 
_refine.ls_restrained_S_obs                      ? 
_refine.ls_shift_over_esd_max                    ? 
_refine.ls_shift_over_esd_mean                   ? 
_refine.ls_structure_factor_coef                 ? 
_refine.ls_weighting_details                     ? 
_refine.ls_weighting_scheme                      ? 
_refine.ls_wR_factor_all                         ? 
_refine.ls_wR_factor_obs                         ? 
_refine.ls_wR_factor_R_free                      ? 
_refine.ls_wR_factor_R_work                      ? 
_refine.occupancy_max                            ? 
_refine.occupancy_min                            ? 
_refine.solvent_model_details                    MASK 
_refine.solvent_model_param_bsol                 ? 
_refine.solvent_model_param_ksol                 ? 
_refine.ls_R_factor_gt                           ? 
_refine.ls_goodness_of_fit_gt                    ? 
_refine.ls_goodness_of_fit_ref                   ? 
_refine.ls_shift_over_su_max                     ? 
_refine.ls_shift_over_su_max_lt                  ? 
_refine.ls_shift_over_su_mean                    ? 
_refine.ls_shift_over_su_mean_lt                 ? 
_refine.pdbx_ls_sigma_I                          ? 
_refine.pdbx_ls_sigma_F                          ? 
_refine.pdbx_ls_sigma_Fsqd                       ? 
_refine.pdbx_data_cutoff_high_absF               ? 
_refine.pdbx_data_cutoff_high_rms_absF           ? 
_refine.pdbx_data_cutoff_low_absF                ? 
_refine.pdbx_isotropic_thermal_model             ? 
_refine.pdbx_ls_cross_valid_method               THROUGHOUT 
_refine.pdbx_method_to_determine_struct          'MOLECULAR REPLACEMENT' 
_refine.pdbx_starting_model                      1dpx 
_refine.pdbx_stereochemistry_target_values       'MAXIMUM LIKELIHOOD' 
_refine.pdbx_R_Free_selection_details            RANDOM 
_refine.pdbx_stereochem_target_val_spec_case     ? 
_refine.pdbx_overall_ESU_R                       0.031 
_refine.pdbx_overall_ESU_R_Free                  0.035 
_refine.pdbx_solvent_vdw_probe_radii             1.20 
_refine.pdbx_solvent_ion_probe_radii             0.80 
_refine.pdbx_solvent_shrinkage_radii             0.80 
_refine.pdbx_real_space_R                        ? 
_refine.pdbx_density_correlation                 ? 
_refine.pdbx_pd_number_of_powder_patterns        ? 
_refine.pdbx_pd_number_of_points                 ? 
_refine.pdbx_pd_meas_number_of_points            ? 
_refine.pdbx_pd_proc_ls_prof_R_factor            ? 
_refine.pdbx_pd_proc_ls_prof_wR_factor           ? 
_refine.pdbx_pd_Marquardt_correlation_coeff      ? 
_refine.pdbx_pd_Fsqrd_R_factor                   ? 
_refine.pdbx_pd_ls_matrix_band_width             ? 
_refine.pdbx_overall_phase_error                 ? 
_refine.pdbx_overall_SU_R_free_Cruickshank_DPI   ? 
_refine.pdbx_overall_SU_R_free_Blow_DPI          ? 
_refine.pdbx_overall_SU_R_Blow_DPI               ? 
_refine.pdbx_TLS_residual_ADP_flag               ? 
_refine.pdbx_diffrn_id                           1 
_refine.overall_SU_B                             0.462 
_refine.overall_SU_ML                            0.023 
_refine.overall_SU_R_Cruickshank_DPI             ? 
_refine.overall_SU_R_free                        ? 
_refine.overall_FOM_free_R_set                   ? 
_refine.overall_FOM_work_R_set                   ? 
_refine.pdbx_average_fsc_overall                 ? 
_refine.pdbx_average_fsc_work                    ? 
_refine.pdbx_average_fsc_free                    ? 
# 
_refine_hist.pdbx_refine_id                   'X-RAY DIFFRACTION' 
_refine_hist.cycle_id                         1 
_refine_hist.details                          ? 
_refine_hist.d_res_high                       1.08 
_refine_hist.d_res_low                        37.10 
_refine_hist.number_atoms_solvent             228 
_refine_hist.number_atoms_total               1260 
_refine_hist.number_reflns_all                ? 
_refine_hist.number_reflns_obs                ? 
_refine_hist.number_reflns_R_free             ? 
_refine_hist.number_reflns_R_work             ? 
_refine_hist.R_factor_all                     ? 
_refine_hist.R_factor_obs                     ? 
_refine_hist.R_factor_R_free                  ? 
_refine_hist.R_factor_R_work                  ? 
_refine_hist.pdbx_number_residues_total       ? 
_refine_hist.pdbx_B_iso_mean_ligand           ? 
_refine_hist.pdbx_B_iso_mean_solvent          ? 
_refine_hist.pdbx_number_atoms_protein        1000 
_refine_hist.pdbx_number_atoms_nucleic_acid   0 
_refine_hist.pdbx_number_atoms_ligand         32 
_refine_hist.pdbx_number_atoms_lipid          ? 
_refine_hist.pdbx_number_atoms_carb           ? 
_refine_hist.pdbx_pseudo_atom_details         ? 
# 
loop_
_refine_ls_restr.pdbx_refine_id 
_refine_ls_restr.criterion 
_refine_ls_restr.dev_ideal 
_refine_ls_restr.dev_ideal_target 
_refine_ls_restr.number 
_refine_ls_restr.rejects 
_refine_ls_restr.type 
_refine_ls_restr.weight 
_refine_ls_restr.pdbx_restraint_function 
'X-RAY DIFFRACTION' ? 0.033  0.019  1083 ? r_bond_refined_d             ? ? 
'X-RAY DIFFRACTION' ? 0.007  0.020  1016 ? r_bond_other_d               ? ? 
'X-RAY DIFFRACTION' ? 2.643  1.925  1456 ? r_angle_refined_deg          ? ? 
'X-RAY DIFFRACTION' ? 2.685  3.000  2312 ? r_angle_other_deg            ? ? 
'X-RAY DIFFRACTION' ? 6.349  5.000  130  ? r_dihedral_angle_1_deg       ? ? 
'X-RAY DIFFRACTION' ? 33.294 22.264 53   ? r_dihedral_angle_2_deg       ? ? 
'X-RAY DIFFRACTION' ? 12.149 15.000 180  ? r_dihedral_angle_3_deg       ? ? 
'X-RAY DIFFRACTION' ? 19.629 15.000 14   ? r_dihedral_angle_4_deg       ? ? 
'X-RAY DIFFRACTION' ? 0.231  0.200  149  ? r_chiral_restr               ? ? 
'X-RAY DIFFRACTION' ? 0.017  0.020  1259 ? r_gen_planes_refined         ? ? 
'X-RAY DIFFRACTION' ? 0.016  0.020  311  ? r_gen_planes_other           ? ? 
'X-RAY DIFFRACTION' ? ?      ?      ?    ? r_nbd_refined                ? ? 
'X-RAY DIFFRACTION' ? ?      ?      ?    ? r_nbd_other                  ? ? 
'X-RAY DIFFRACTION' ? ?      ?      ?    ? r_nbtor_refined              ? ? 
'X-RAY DIFFRACTION' ? ?      ?      ?    ? r_nbtor_other                ? ? 
'X-RAY DIFFRACTION' ? ?      ?      ?    ? r_xyhbond_nbd_refined        ? ? 
'X-RAY DIFFRACTION' ? ?      ?      ?    ? r_xyhbond_nbd_other          ? ? 
'X-RAY DIFFRACTION' ? ?      ?      ?    ? r_metal_ion_refined          ? ? 
'X-RAY DIFFRACTION' ? ?      ?      ?    ? r_metal_ion_other            ? ? 
'X-RAY DIFFRACTION' ? ?      ?      ?    ? r_symmetry_vdw_refined       ? ? 
'X-RAY DIFFRACTION' ? ?      ?      ?    ? r_symmetry_vdw_other         ? ? 
'X-RAY DIFFRACTION' ? ?      ?      ?    ? r_symmetry_hbond_refined     ? ? 
'X-RAY DIFFRACTION' ? ?      ?      ?    ? r_symmetry_hbond_other       ? ? 
'X-RAY DIFFRACTION' ? ?      ?      ?    ? r_symmetry_metal_ion_refined ? ? 
'X-RAY DIFFRACTION' ? ?      ?      ?    ? r_symmetry_metal_ion_other   ? ? 
'X-RAY DIFFRACTION' ? 1.314  1.087  519  ? r_mcbond_it                  ? ? 
'X-RAY DIFFRACTION' ? 1.281  1.077  516  ? r_mcbond_other               ? ? 
'X-RAY DIFFRACTION' ? 1.716  1.636  647  ? r_mcangle_it                 ? ? 
'X-RAY DIFFRACTION' ? 1.716  1.640  648  ? r_mcangle_other              ? ? 
'X-RAY DIFFRACTION' ? 2.519  1.433  563  ? r_scbond_it                  ? ? 
'X-RAY DIFFRACTION' ? 2.519  1.436  564  ? r_scbond_other               ? ? 
'X-RAY DIFFRACTION' ? ?      ?      ?    ? r_scangle_it                 ? ? 
'X-RAY DIFFRACTION' ? 3.606  2.022  808  ? r_scangle_other              ? ? 
'X-RAY DIFFRACTION' ? 6.215  12.145 1546 ? r_long_range_B_refined       ? ? 
'X-RAY DIFFRACTION' ? 6.214  12.152 1547 ? r_long_range_B_other         ? ? 
'X-RAY DIFFRACTION' ? ?      ?      ?    ? r_rigid_bond_restr           ? ? 
'X-RAY DIFFRACTION' ? ?      ?      ?    ? r_sphericity_free            ? ? 
'X-RAY DIFFRACTION' ? ?      ?      ?    ? r_sphericity_bonded          ? ? 
# 
_refine_ls_shell.pdbx_refine_id                   'X-RAY DIFFRACTION' 
_refine_ls_shell.d_res_high                       1.077 
_refine_ls_shell.d_res_low                        1.105 
_refine_ls_shell.number_reflns_all                ? 
_refine_ls_shell.number_reflns_obs                ? 
_refine_ls_shell.number_reflns_R_free             198 
_refine_ls_shell.number_reflns_R_work             3472 
_refine_ls_shell.percent_reflns_obs               99.32 
_refine_ls_shell.percent_reflns_R_free            ? 
_refine_ls_shell.R_factor_all                     ? 
_refine_ls_shell.R_factor_obs                     ? 
_refine_ls_shell.R_factor_R_free                  0.274 
_refine_ls_shell.R_factor_R_free_error            ? 
_refine_ls_shell.R_factor_R_work                  0.265 
_refine_ls_shell.redundancy_reflns_all            ? 
_refine_ls_shell.redundancy_reflns_obs            ? 
_refine_ls_shell.wR_factor_all                    ? 
_refine_ls_shell.wR_factor_obs                    ? 
_refine_ls_shell.wR_factor_R_free                 ? 
_refine_ls_shell.wR_factor_R_work                 ? 
_refine_ls_shell.pdbx_total_number_of_bins_used   20 
_refine_ls_shell.pdbx_phase_error                 ? 
_refine_ls_shell.pdbx_fsc_work                    ? 
_refine_ls_shell.pdbx_fsc_free                    ? 
# 
_struct.entry_id                     6AGN 
_struct.title                        'Structure of HEWL co-crystallised with Cinnamaldehyde' 
_struct.pdbx_model_details           ? 
_struct.pdbx_formula_weight          ? 
_struct.pdbx_formula_weight_method   ? 
_struct.pdbx_model_type_details      ? 
_struct.pdbx_CASP_flag               N 
# 
_struct_keywords.entry_id        6AGN 
_struct_keywords.text            'HEWL, Cinnamaldehyde, HYDROLASE' 
_struct_keywords.pdbx_keywords   HYDROLASE 
# 
loop_
_struct_asym.id 
_struct_asym.pdbx_blank_PDB_chainid_flag 
_struct_asym.pdbx_modified 
_struct_asym.entity_id 
_struct_asym.details 
A N N 1 ? 
B N N 2 ? 
C N N 2 ? 
D N N 3 ? 
E N N 3 ? 
F N N 3 ? 
G N N 4 ? 
H N N 5 ? 
I N N 6 ? 
J N N 7 ? 
# 
_struct_ref.id                         1 
_struct_ref.db_name                    UNP 
_struct_ref.db_code                    LYSC_CHICK 
_struct_ref.pdbx_db_accession          P00698 
_struct_ref.pdbx_db_isoform            ? 
_struct_ref.entity_id                  1 
_struct_ref.pdbx_seq_one_letter_code   
;KVFGRCELAAAMKRHGLDNYRGYSLGNWVCAAKFESNFNTQATNRNTDGSTDYGILQINSRWWCNDGRTPGSRNLCNIPC
SALLSSDITASVNCAKKIVSDGNGMNAWVAWRNRCKGTDVQAWIRGCRL
;
_struct_ref.pdbx_align_begin           19 
# 
_struct_ref_seq.align_id                      1 
_struct_ref_seq.ref_id                        1 
_struct_ref_seq.pdbx_PDB_id_code              6AGN 
_struct_ref_seq.pdbx_strand_id                A 
_struct_ref_seq.seq_align_beg                 1 
_struct_ref_seq.pdbx_seq_align_beg_ins_code   ? 
_struct_ref_seq.seq_align_end                 129 
_struct_ref_seq.pdbx_seq_align_end_ins_code   ? 
_struct_ref_seq.pdbx_db_accession             P00698 
_struct_ref_seq.db_align_beg                  19 
_struct_ref_seq.pdbx_db_align_beg_ins_code    ? 
_struct_ref_seq.db_align_end                  147 
_struct_ref_seq.pdbx_db_align_end_ins_code    ? 
_struct_ref_seq.pdbx_auth_seq_align_beg       1 
_struct_ref_seq.pdbx_auth_seq_align_end       129 
# 
_pdbx_struct_assembly.id                   1 
_pdbx_struct_assembly.details              author_defined_assembly 
_pdbx_struct_assembly.method_details       ? 
_pdbx_struct_assembly.oligomeric_details   monomeric 
_pdbx_struct_assembly.oligomeric_count     1 
# 
loop_
_pdbx_struct_assembly_prop.biol_id 
_pdbx_struct_assembly_prop.type 
_pdbx_struct_assembly_prop.value 
_pdbx_struct_assembly_prop.details 
1 'ABSA (A^2)' 910  ? 
1 MORE         -34  ? 
1 'SSA (A^2)'  6550 ? 
# 
_pdbx_struct_assembly_gen.assembly_id       1 
_pdbx_struct_assembly_gen.oper_expression   1 
_pdbx_struct_assembly_gen.asym_id_list      A,B,C,D,E,F,G,H,I,J 
# 
_pdbx_struct_assembly_auth_evidence.id                     1 
_pdbx_struct_assembly_auth_evidence.assembly_id            1 
_pdbx_struct_assembly_auth_evidence.experimental_support   none 
_pdbx_struct_assembly_auth_evidence.details                ? 
# 
_pdbx_struct_oper_list.id                   1 
_pdbx_struct_oper_list.type                 'identity operation' 
_pdbx_struct_oper_list.name                 1_555 
_pdbx_struct_oper_list.symmetry_operation   x,y,z 
_pdbx_struct_oper_list.matrix[1][1]         1.0000000000 
_pdbx_struct_oper_list.matrix[1][2]         0.0000000000 
_pdbx_struct_oper_list.matrix[1][3]         0.0000000000 
_pdbx_struct_oper_list.vector[1]            0.0000000000 
_pdbx_struct_oper_list.matrix[2][1]         0.0000000000 
_pdbx_struct_oper_list.matrix[2][2]         1.0000000000 
_pdbx_struct_oper_list.matrix[2][3]         0.0000000000 
_pdbx_struct_oper_list.vector[2]            0.0000000000 
_pdbx_struct_oper_list.matrix[3][1]         0.0000000000 
_pdbx_struct_oper_list.matrix[3][2]         0.0000000000 
_pdbx_struct_oper_list.matrix[3][3]         1.0000000000 
_pdbx_struct_oper_list.vector[3]            0.0000000000 
# 
loop_
_struct_conf.conf_type_id 
_struct_conf.id 
_struct_conf.pdbx_PDB_helix_id 
_struct_conf.beg_label_comp_id 
_struct_conf.beg_label_asym_id 
_struct_conf.beg_label_seq_id 
_struct_conf.pdbx_beg_PDB_ins_code 
_struct_conf.end_label_comp_id 
_struct_conf.end_label_asym_id 
_struct_conf.end_label_seq_id 
_struct_conf.pdbx_end_PDB_ins_code 
_struct_conf.beg_auth_comp_id 
_struct_conf.beg_auth_asym_id 
_struct_conf.beg_auth_seq_id 
_struct_conf.end_auth_comp_id 
_struct_conf.end_auth_asym_id 
_struct_conf.end_auth_seq_id 
_struct_conf.pdbx_PDB_helix_class 
_struct_conf.details 
_struct_conf.pdbx_PDB_helix_length 
HELX_P HELX_P1 AA1 GLY A 4   ? HIS A 15  ? GLY A 4   HIS A 15  1 ? 12 
HELX_P HELX_P2 AA2 ASN A 19  ? TYR A 23  ? ASN A 19  TYR A 23  5 ? 5  
HELX_P HELX_P3 AA3 SER A 24  ? ASN A 37  ? SER A 24  ASN A 37  1 ? 14 
HELX_P HELX_P4 AA4 PRO A 79  ? SER A 85  ? PRO A 79  SER A 85  5 ? 7  
HELX_P HELX_P5 AA5 ILE A 88  ? SER A 100 ? ILE A 88  SER A 100 1 ? 13 
HELX_P HELX_P6 AA6 ASN A 103 ? ALA A 107 ? ASN A 103 ALA A 107 5 ? 5  
HELX_P HELX_P7 AA7 TRP A 108 ? CYS A 115 ? TRP A 108 CYS A 115 1 ? 8  
HELX_P HELX_P8 AA8 ASP A 119 ? ARG A 125 ? ASP A 119 ARG A 125 5 ? 7  
# 
_struct_conf_type.id          HELX_P 
_struct_conf_type.criteria    ? 
_struct_conf_type.reference   ? 
# 
loop_
_struct_conn.id 
_struct_conn.conn_type_id 
_struct_conn.pdbx_leaving_atom_flag 
_struct_conn.pdbx_PDB_id 
_struct_conn.ptnr1_label_asym_id 
_struct_conn.ptnr1_label_comp_id 
_struct_conn.ptnr1_label_seq_id 
_struct_conn.ptnr1_label_atom_id 
_struct_conn.pdbx_ptnr1_label_alt_id 
_struct_conn.pdbx_ptnr1_PDB_ins_code 
_struct_conn.pdbx_ptnr1_standard_comp_id 
_struct_conn.ptnr1_symmetry 
_struct_conn.ptnr2_label_asym_id 
_struct_conn.ptnr2_label_comp_id 
_struct_conn.ptnr2_label_seq_id 
_struct_conn.ptnr2_label_atom_id 
_struct_conn.pdbx_ptnr2_label_alt_id 
_struct_conn.pdbx_ptnr2_PDB_ins_code 
_struct_conn.ptnr1_auth_asym_id 
_struct_conn.ptnr1_auth_comp_id 
_struct_conn.ptnr1_auth_seq_id 
_struct_conn.ptnr2_auth_asym_id 
_struct_conn.ptnr2_auth_comp_id 
_struct_conn.ptnr2_auth_seq_id 
_struct_conn.ptnr2_symmetry 
_struct_conn.pdbx_ptnr3_label_atom_id 
_struct_conn.pdbx_ptnr3_label_seq_id 
_struct_conn.pdbx_ptnr3_label_comp_id 
_struct_conn.pdbx_ptnr3_label_asym_id 
_struct_conn.pdbx_ptnr3_label_alt_id 
_struct_conn.pdbx_ptnr3_PDB_ins_code 
_struct_conn.details 
_struct_conn.pdbx_dist_value 
_struct_conn.pdbx_value_order 
_struct_conn.pdbx_role 
disulf1 disulf ? ? A CYS 6  SG ? ? ? 1_555 A CYS 127 SG ? ? A CYS 6   A CYS 127 1_555 ? ? ? ? ? ? ? 2.074 ? ? 
disulf2 disulf ? ? A CYS 30 SG ? ? ? 1_555 A CYS 115 SG ? ? A CYS 30  A CYS 115 1_555 ? ? ? ? ? ? ? 2.072 ? ? 
disulf3 disulf ? ? A CYS 64 SG ? ? ? 1_555 A CYS 80  SG ? ? A CYS 64  A CYS 80  1_555 ? ? ? ? ? ? ? 2.049 ? ? 
disulf4 disulf ? ? A CYS 76 SG ? ? ? 1_555 A CYS 94  SG ? ? A CYS 76  A CYS 94  1_555 ? ? ? ? ? ? ? 2.034 ? ? 
metalc1 metalc ? ? A SER 60 O  ? ? ? 1_555 G NA  .   NA ? ? A SER 60  A NA  206 1_555 ? ? ? ? ? ? ? 2.341 ? ? 
metalc2 metalc ? ? A CYS 64 O  ? ? ? 1_555 G NA  .   NA ? ? A CYS 64  A NA  206 1_555 ? ? ? ? ? ? ? 2.399 ? ? 
metalc3 metalc ? ? A SER 72 OG ? ? ? 1_555 G NA  .   NA ? ? A SER 72  A NA  206 1_555 ? ? ? ? ? ? ? 2.511 ? ? 
metalc4 metalc ? ? A ARG 73 O  ? ? ? 1_555 G NA  .   NA ? ? A ARG 73  A NA  206 1_555 ? ? ? ? ? ? ? 2.390 ? ? 
metalc5 metalc ? ? G NA  .  NA ? ? ? 1_555 J HOH .   O  ? ? A NA  206 A HOH 361 1_555 ? ? ? ? ? ? ? 2.490 ? ? 
metalc6 metalc ? ? G NA  .  NA ? ? ? 1_555 J HOH .   O  ? ? A NA  206 A HOH 405 1_555 ? ? ? ? ? ? ? 2.420 ? ? 
# 
loop_
_struct_conn_type.id 
_struct_conn_type.criteria 
_struct_conn_type.reference 
disulf ? ? 
metalc ? ? 
# 
loop_
_pdbx_struct_conn_angle.id 
_pdbx_struct_conn_angle.ptnr1_label_atom_id 
_pdbx_struct_conn_angle.ptnr1_label_alt_id 
_pdbx_struct_conn_angle.ptnr1_label_asym_id 
_pdbx_struct_conn_angle.ptnr1_label_comp_id 
_pdbx_struct_conn_angle.ptnr1_label_seq_id 
_pdbx_struct_conn_angle.ptnr1_auth_atom_id 
_pdbx_struct_conn_angle.ptnr1_auth_asym_id 
_pdbx_struct_conn_angle.ptnr1_auth_comp_id 
_pdbx_struct_conn_angle.ptnr1_auth_seq_id 
_pdbx_struct_conn_angle.ptnr1_PDB_ins_code 
_pdbx_struct_conn_angle.ptnr1_symmetry 
_pdbx_struct_conn_angle.ptnr2_label_atom_id 
_pdbx_struct_conn_angle.ptnr2_label_alt_id 
_pdbx_struct_conn_angle.ptnr2_label_asym_id 
_pdbx_struct_conn_angle.ptnr2_label_comp_id 
_pdbx_struct_conn_angle.ptnr2_label_seq_id 
_pdbx_struct_conn_angle.ptnr2_auth_atom_id 
_pdbx_struct_conn_angle.ptnr2_auth_asym_id 
_pdbx_struct_conn_angle.ptnr2_auth_comp_id 
_pdbx_struct_conn_angle.ptnr2_auth_seq_id 
_pdbx_struct_conn_angle.ptnr2_PDB_ins_code 
_pdbx_struct_conn_angle.ptnr2_symmetry 
_pdbx_struct_conn_angle.ptnr3_label_atom_id 
_pdbx_struct_conn_angle.ptnr3_label_alt_id 
_pdbx_struct_conn_angle.ptnr3_label_asym_id 
_pdbx_struct_conn_angle.ptnr3_label_comp_id 
_pdbx_struct_conn_angle.ptnr3_label_seq_id 
_pdbx_struct_conn_angle.ptnr3_auth_atom_id 
_pdbx_struct_conn_angle.ptnr3_auth_asym_id 
_pdbx_struct_conn_angle.ptnr3_auth_comp_id 
_pdbx_struct_conn_angle.ptnr3_auth_seq_id 
_pdbx_struct_conn_angle.ptnr3_PDB_ins_code 
_pdbx_struct_conn_angle.ptnr3_symmetry 
_pdbx_struct_conn_angle.value 
_pdbx_struct_conn_angle.value_esd 
1  O  ? A SER 60 ? A SER 60  ? 1_555 NA ? G NA . ? A NA 206 ? 1_555 O  ? A CYS 64 ? A CYS 64  ? 1_555 90.5  ? 
2  O  ? A SER 60 ? A SER 60  ? 1_555 NA ? G NA . ? A NA 206 ? 1_555 OG ? A SER 72 ? A SER 72  ? 1_555 87.3  ? 
3  O  ? A CYS 64 ? A CYS 64  ? 1_555 NA ? G NA . ? A NA 206 ? 1_555 OG ? A SER 72 ? A SER 72  ? 1_555 168.7 ? 
4  O  ? A SER 60 ? A SER 60  ? 1_555 NA ? G NA . ? A NA 206 ? 1_555 O  ? A ARG 73 ? A ARG 73  ? 1_555 91.0  ? 
5  O  ? A CYS 64 ? A CYS 64  ? 1_555 NA ? G NA . ? A NA 206 ? 1_555 O  ? A ARG 73 ? A ARG 73  ? 1_555 91.9  ? 
6  OG ? A SER 72 ? A SER 72  ? 1_555 NA ? G NA . ? A NA 206 ? 1_555 O  ? A ARG 73 ? A ARG 73  ? 1_555 99.2  ? 
7  O  ? A SER 60 ? A SER 60  ? 1_555 NA ? G NA . ? A NA 206 ? 1_555 O  ? J HOH .  ? A HOH 361 ? 1_555 100.7 ? 
8  O  ? A CYS 64 ? A CYS 64  ? 1_555 NA ? G NA . ? A NA 206 ? 1_555 O  ? J HOH .  ? A HOH 361 ? 1_555 89.4  ? 
9  OG ? A SER 72 ? A SER 72  ? 1_555 NA ? G NA . ? A NA 206 ? 1_555 O  ? J HOH .  ? A HOH 361 ? 1_555 80.1  ? 
10 O  ? A ARG 73 ? A ARG 73  ? 1_555 NA ? G NA . ? A NA 206 ? 1_555 O  ? J HOH .  ? A HOH 361 ? 1_555 168.2 ? 
11 O  ? A SER 60 ? A SER 60  ? 1_555 NA ? G NA . ? A NA 206 ? 1_555 O  ? J HOH .  ? A HOH 405 ? 1_555 172.4 ? 
12 O  ? A CYS 64 ? A CYS 64  ? 1_555 NA ? G NA . ? A NA 206 ? 1_555 O  ? J HOH .  ? A HOH 405 ? 1_555 96.9  ? 
13 OG ? A SER 72 ? A SER 72  ? 1_555 NA ? G NA . ? A NA 206 ? 1_555 O  ? J HOH .  ? A HOH 405 ? 1_555 85.1  ? 
14 O  ? A ARG 73 ? A ARG 73  ? 1_555 NA ? G NA . ? A NA 206 ? 1_555 O  ? J HOH .  ? A HOH 405 ? 1_555 90.4  ? 
15 O  ? J HOH .  ? A HOH 361 ? 1_555 NA ? G NA . ? A NA 206 ? 1_555 O  ? J HOH .  ? A HOH 405 ? 1_555 77.8  ? 
# 
loop_
_pdbx_modification_feature.ordinal 
_pdbx_modification_feature.label_comp_id 
_pdbx_modification_feature.label_asym_id 
_pdbx_modification_feature.label_seq_id 
_pdbx_modification_feature.label_alt_id 
_pdbx_modification_feature.modified_residue_label_comp_id 
_pdbx_modification_feature.modified_residue_label_asym_id 
_pdbx_modification_feature.modified_residue_label_seq_id 
_pdbx_modification_feature.modified_residue_label_alt_id 
_pdbx_modification_feature.auth_comp_id 
_pdbx_modification_feature.auth_asym_id 
_pdbx_modification_feature.auth_seq_id 
_pdbx_modification_feature.PDB_ins_code 
_pdbx_modification_feature.symmetry 
_pdbx_modification_feature.modified_residue_auth_comp_id 
_pdbx_modification_feature.modified_residue_auth_asym_id 
_pdbx_modification_feature.modified_residue_auth_seq_id 
_pdbx_modification_feature.modified_residue_PDB_ins_code 
_pdbx_modification_feature.modified_residue_symmetry 
_pdbx_modification_feature.comp_id_linking_atom 
_pdbx_modification_feature.modified_residue_id_linking_atom 
_pdbx_modification_feature.modified_residue_id 
_pdbx_modification_feature.ref_pcm_id 
_pdbx_modification_feature.ref_comp_id 
_pdbx_modification_feature.type 
_pdbx_modification_feature.category 
1 CYS A 6  ? CYS A 127 ? CYS A 6  ? 1_555 CYS A 127 ? 1_555 SG SG . . . None 'Disulfide bridge' 
2 CYS A 30 ? CYS A 115 ? CYS A 30 ? 1_555 CYS A 115 ? 1_555 SG SG . . . None 'Disulfide bridge' 
3 CYS A 64 ? CYS A 80  ? CYS A 64 ? 1_555 CYS A 80  ? 1_555 SG SG . . . None 'Disulfide bridge' 
4 CYS A 76 ? CYS A 94  ? CYS A 76 ? 1_555 CYS A 94  ? 1_555 SG SG . . . None 'Disulfide bridge' 
# 
_struct_sheet.id               AA1 
_struct_sheet.type             ? 
_struct_sheet.number_strands   3 
_struct_sheet.details          ? 
# 
loop_
_struct_sheet_order.sheet_id 
_struct_sheet_order.range_id_1 
_struct_sheet_order.range_id_2 
_struct_sheet_order.offset 
_struct_sheet_order.sense 
AA1 1 2 ? anti-parallel 
AA1 2 3 ? anti-parallel 
# 
loop_
_struct_sheet_range.sheet_id 
_struct_sheet_range.id 
_struct_sheet_range.beg_label_comp_id 
_struct_sheet_range.beg_label_asym_id 
_struct_sheet_range.beg_label_seq_id 
_struct_sheet_range.pdbx_beg_PDB_ins_code 
_struct_sheet_range.end_label_comp_id 
_struct_sheet_range.end_label_asym_id 
_struct_sheet_range.end_label_seq_id 
_struct_sheet_range.pdbx_end_PDB_ins_code 
_struct_sheet_range.beg_auth_comp_id 
_struct_sheet_range.beg_auth_asym_id 
_struct_sheet_range.beg_auth_seq_id 
_struct_sheet_range.end_auth_comp_id 
_struct_sheet_range.end_auth_asym_id 
_struct_sheet_range.end_auth_seq_id 
AA1 1 THR A 43 ? ARG A 45 ? THR A 43 ARG A 45 
AA1 2 THR A 51 ? TYR A 53 ? THR A 51 TYR A 53 
AA1 3 ILE A 58 ? ASN A 59 ? ILE A 58 ASN A 59 
# 
loop_
_pdbx_struct_sheet_hbond.sheet_id 
_pdbx_struct_sheet_hbond.range_id_1 
_pdbx_struct_sheet_hbond.range_id_2 
_pdbx_struct_sheet_hbond.range_1_label_atom_id 
_pdbx_struct_sheet_hbond.range_1_label_comp_id 
_pdbx_struct_sheet_hbond.range_1_label_asym_id 
_pdbx_struct_sheet_hbond.range_1_label_seq_id 
_pdbx_struct_sheet_hbond.range_1_PDB_ins_code 
_pdbx_struct_sheet_hbond.range_1_auth_atom_id 
_pdbx_struct_sheet_hbond.range_1_auth_comp_id 
_pdbx_struct_sheet_hbond.range_1_auth_asym_id 
_pdbx_struct_sheet_hbond.range_1_auth_seq_id 
_pdbx_struct_sheet_hbond.range_2_label_atom_id 
_pdbx_struct_sheet_hbond.range_2_label_comp_id 
_pdbx_struct_sheet_hbond.range_2_label_asym_id 
_pdbx_struct_sheet_hbond.range_2_label_seq_id 
_pdbx_struct_sheet_hbond.range_2_PDB_ins_code 
_pdbx_struct_sheet_hbond.range_2_auth_atom_id 
_pdbx_struct_sheet_hbond.range_2_auth_comp_id 
_pdbx_struct_sheet_hbond.range_2_auth_asym_id 
_pdbx_struct_sheet_hbond.range_2_auth_seq_id 
AA1 1 2 N ASN A 44 ? N ASN A 44 O ASP A 52 ? O ASP A 52 
AA1 2 3 N TYR A 53 ? N TYR A 53 O ILE A 58 ? O ILE A 58 
# 
loop_
_struct_site.id 
_struct_site.pdbx_evidence_code 
_struct_site.pdbx_auth_asym_id 
_struct_site.pdbx_auth_comp_id 
_struct_site.pdbx_auth_seq_id 
_struct_site.pdbx_auth_ins_code 
_struct_site.pdbx_num_residues 
_struct_site.details 
AC1 Software A EDO 201 ? 10 'binding site for residue EDO A 201' 
AC2 Software A EDO 202 ? 1  'binding site for residue EDO A 202' 
AC3 Software A CL  203 ? 3  'binding site for residue CL A 203'  
AC4 Software A CL  204 ? 5  'binding site for residue CL A 204'  
AC5 Software A CL  205 ? 3  'binding site for residue CL A 205'  
AC6 Software A NA  206 ? 6  'binding site for residue NA A 206'  
AC7 Software A 9Y3 207 ? 8  'binding site for residue 9Y3 A 207' 
AC8 Software A 9Y6 208 ? 11 'binding site for residue 9Y6 A 208' 
# 
loop_
_struct_site_gen.id 
_struct_site_gen.site_id 
_struct_site_gen.pdbx_num_res 
_struct_site_gen.label_comp_id 
_struct_site_gen.label_asym_id 
_struct_site_gen.label_seq_id 
_struct_site_gen.pdbx_auth_ins_code 
_struct_site_gen.auth_comp_id 
_struct_site_gen.auth_asym_id 
_struct_site_gen.auth_seq_id 
_struct_site_gen.label_atom_id 
_struct_site_gen.label_alt_id 
_struct_site_gen.symmetry 
_struct_site_gen.details 
1  AC1 10 GLN A 57  ? GLN A 57  . ? 1_555 ? 
2  AC1 10 ILE A 58  ? ILE A 58  . ? 1_555 ? 
3  AC1 10 ASN A 59  ? ASN A 59  . ? 1_555 ? 
4  AC1 10 TRP A 63  ? TRP A 63  . ? 1_555 ? 
5  AC1 10 ALA A 107 ? ALA A 107 . ? 1_555 ? 
6  AC1 10 TRP A 108 ? TRP A 108 . ? 1_555 ? 
7  AC1 10 HOH J .   ? HOH A 322 . ? 1_555 ? 
8  AC1 10 HOH J .   ? HOH A 327 . ? 1_555 ? 
9  AC1 10 HOH J .   ? HOH A 335 . ? 1_555 ? 
10 AC1 10 HOH J .   ? HOH A 427 . ? 1_555 ? 
11 AC2 1  TRP A 62  ? TRP A 62  . ? 1_555 ? 
12 AC3 3  TYR A 23  ? TYR A 23  . ? 1_555 ? 
13 AC3 3  ASN A 113 ? ASN A 113 . ? 4_445 ? 
14 AC3 3  HOH J .   ? HOH A 428 . ? 1_555 ? 
15 AC4 5  SER A 24  ? SER A 24  . ? 1_555 ? 
16 AC4 5  GLY A 26  ? GLY A 26  . ? 1_555 ? 
17 AC4 5  GLN A 121 ? GLN A 121 . ? 1_555 ? 
18 AC4 5  ILE A 124 ? ILE A 124 . ? 1_555 ? 
19 AC4 5  HOH J .   ? HOH A 465 . ? 1_555 ? 
20 AC5 3  GLY A 67  ? GLY A 67  . ? 1_555 ? 
21 AC5 3  ARG A 68  ? ARG A 68  . ? 1_555 ? 
22 AC5 3  THR A 69  ? THR A 69  . ? 1_555 ? 
23 AC6 6  SER A 60  ? SER A 60  . ? 1_555 ? 
24 AC6 6  CYS A 64  ? CYS A 64  . ? 1_555 ? 
25 AC6 6  SER A 72  ? SER A 72  . ? 1_555 ? 
26 AC6 6  ARG A 73  ? ARG A 73  . ? 1_555 ? 
27 AC6 6  HOH J .   ? HOH A 361 . ? 1_555 ? 
28 AC6 6  HOH J .   ? HOH A 405 . ? 1_555 ? 
29 AC7 8  ARG A 5   ? ARG A 5   . ? 1_555 ? 
30 AC7 8  ALA A 122 ? ALA A 122 . ? 1_555 ? 
31 AC7 8  TRP A 123 ? TRP A 123 . ? 1_555 ? 
32 AC7 8  ARG A 125 ? ARG A 125 . ? 1_555 ? 
33 AC7 8  HOH J .   ? HOH A 308 . ? 1_555 ? 
34 AC7 8  HOH J .   ? HOH A 312 . ? 1_555 ? 
35 AC7 8  HOH J .   ? HOH A 431 . ? 1_555 ? 
36 AC7 8  HOH J .   ? HOH A 517 . ? 3_454 ? 
37 AC8 11 THR A 43  ? THR A 43  . ? 1_555 ? 
38 AC8 11 THR A 43  ? THR A 43  . ? 8_554 ? 
39 AC8 11 ASN A 44  ? ASN A 44  . ? 8_554 ? 
40 AC8 11 ASN A 44  ? ASN A 44  . ? 1_555 ? 
41 AC8 11 ARG A 45  ? ARG A 45  . ? 8_554 ? 
42 AC8 11 ARG A 45  ? ARG A 45  . ? 1_555 ? 
43 AC8 11 ARG A 68  ? ARG A 68  . ? 1_555 ? 
44 AC8 11 HOH J .   ? HOH A 307 . ? 1_555 ? 
45 AC8 11 HOH J .   ? HOH A 402 . ? 1_555 ? 
46 AC8 11 HOH J .   ? HOH A 498 . ? 8_554 ? 
47 AC8 11 HOH J .   ? HOH A 498 . ? 1_555 ? 
# 
_pdbx_entry_details.entry_id                   6AGN 
_pdbx_entry_details.compound_details           ? 
_pdbx_entry_details.source_details             ? 
_pdbx_entry_details.nonpolymer_details         ? 
_pdbx_entry_details.sequence_details           ? 
_pdbx_entry_details.has_ligand_of_interest     ? 
_pdbx_entry_details.has_protein_modification   Y 
# 
loop_
_pdbx_validate_close_contact.id 
_pdbx_validate_close_contact.PDB_model_num 
_pdbx_validate_close_contact.auth_atom_id_1 
_pdbx_validate_close_contact.auth_asym_id_1 
_pdbx_validate_close_contact.auth_comp_id_1 
_pdbx_validate_close_contact.auth_seq_id_1 
_pdbx_validate_close_contact.PDB_ins_code_1 
_pdbx_validate_close_contact.label_alt_id_1 
_pdbx_validate_close_contact.auth_atom_id_2 
_pdbx_validate_close_contact.auth_asym_id_2 
_pdbx_validate_close_contact.auth_comp_id_2 
_pdbx_validate_close_contact.auth_seq_id_2 
_pdbx_validate_close_contact.PDB_ins_code_2 
_pdbx_validate_close_contact.label_alt_id_2 
_pdbx_validate_close_contact.dist 
1  1 O   A HOH 311 ? ? O A HOH 426 ? ? 1.85 
2  1 CG  A ASN 19  ? ? O A HOH 305 ? ? 1.89 
3  1 O   A HOH 306 ? ? O A HOH 325 ? ? 1.99 
4  1 CB  A ASN 19  ? ? O A HOH 305 ? ? 2.07 
5  1 OD1 A ASP 18  ? ? O A HOH 301 ? ? 2.07 
6  1 O   A HOH 470 ? ? O A HOH 476 ? ? 2.08 
7  1 NZ  A LYS 97  ? A O A HOH 302 ? ? 2.09 
8  1 O   A LEU 129 ? A O A HOH 303 ? ? 2.10 
9  1 O   A HOH 413 ? ? O A HOH 474 ? ? 2.12 
10 1 C9  A 9Y3 207 ? ? O A HOH 312 ? ? 2.12 
11 1 O   A HOH 329 ? ? O A HOH 486 ? ? 2.18 
# 
loop_
_pdbx_validate_symm_contact.id 
_pdbx_validate_symm_contact.PDB_model_num 
_pdbx_validate_symm_contact.auth_atom_id_1 
_pdbx_validate_symm_contact.auth_asym_id_1 
_pdbx_validate_symm_contact.auth_comp_id_1 
_pdbx_validate_symm_contact.auth_seq_id_1 
_pdbx_validate_symm_contact.PDB_ins_code_1 
_pdbx_validate_symm_contact.label_alt_id_1 
_pdbx_validate_symm_contact.site_symmetry_1 
_pdbx_validate_symm_contact.auth_atom_id_2 
_pdbx_validate_symm_contact.auth_asym_id_2 
_pdbx_validate_symm_contact.auth_comp_id_2 
_pdbx_validate_symm_contact.auth_seq_id_2 
_pdbx_validate_symm_contact.PDB_ins_code_2 
_pdbx_validate_symm_contact.label_alt_id_2 
_pdbx_validate_symm_contact.site_symmetry_2 
_pdbx_validate_symm_contact.dist 
1 1 O  A HOH 470 ? ? 1_555 O  A HOH 470 ? ? 7_554 1.09 
2 1 C3 A 9Y6 208 ? ? 1_555 C7 A 9Y6 208 ? ? 8_554 1.79 
3 1 O  A HOH 303 ? ? 1_555 O  A HOH 303 ? ? 7_554 1.94 
4 1 C4 A 9Y6 208 ? ? 1_555 C7 A 9Y6 208 ? ? 8_554 2.11 
5 1 O  A HOH 478 ? ? 1_555 O  A HOH 512 ? ? 8_554 2.16 
# 
loop_
_pdbx_validate_rmsd_bond.id 
_pdbx_validate_rmsd_bond.PDB_model_num 
_pdbx_validate_rmsd_bond.auth_atom_id_1 
_pdbx_validate_rmsd_bond.auth_asym_id_1 
_pdbx_validate_rmsd_bond.auth_comp_id_1 
_pdbx_validate_rmsd_bond.auth_seq_id_1 
_pdbx_validate_rmsd_bond.PDB_ins_code_1 
_pdbx_validate_rmsd_bond.label_alt_id_1 
_pdbx_validate_rmsd_bond.auth_atom_id_2 
_pdbx_validate_rmsd_bond.auth_asym_id_2 
_pdbx_validate_rmsd_bond.auth_comp_id_2 
_pdbx_validate_rmsd_bond.auth_seq_id_2 
_pdbx_validate_rmsd_bond.PDB_ins_code_2 
_pdbx_validate_rmsd_bond.label_alt_id_2 
_pdbx_validate_rmsd_bond.bond_value 
_pdbx_validate_rmsd_bond.bond_target_value 
_pdbx_validate_rmsd_bond.bond_deviation 
_pdbx_validate_rmsd_bond.bond_standard_deviation 
_pdbx_validate_rmsd_bond.linker_flag 
1 1 N  A ARG 5   ? ? CA A ARG 5   ? ? 1.299 1.459 -0.160 0.020 N 
2 1 CG A ARG 45  ? ? CD A ARG 45  ? A 1.331 1.515 -0.184 0.025 N 
3 1 CD A ARG 68  ? ? NE A ARG 68  ? A 1.293 1.460 -0.167 0.017 N 
4 1 CB A SER 100 ? ? OG A SER 100 ? ? 1.340 1.418 -0.078 0.013 N 
5 1 CA A ALA 110 ? ? CB A ALA 110 ? ? 1.370 1.520 -0.150 0.021 N 
# 
loop_
_pdbx_validate_rmsd_angle.id 
_pdbx_validate_rmsd_angle.PDB_model_num 
_pdbx_validate_rmsd_angle.auth_atom_id_1 
_pdbx_validate_rmsd_angle.auth_asym_id_1 
_pdbx_validate_rmsd_angle.auth_comp_id_1 
_pdbx_validate_rmsd_angle.auth_seq_id_1 
_pdbx_validate_rmsd_angle.PDB_ins_code_1 
_pdbx_validate_rmsd_angle.label_alt_id_1 
_pdbx_validate_rmsd_angle.auth_atom_id_2 
_pdbx_validate_rmsd_angle.auth_asym_id_2 
_pdbx_validate_rmsd_angle.auth_comp_id_2 
_pdbx_validate_rmsd_angle.auth_seq_id_2 
_pdbx_validate_rmsd_angle.PDB_ins_code_2 
_pdbx_validate_rmsd_angle.label_alt_id_2 
_pdbx_validate_rmsd_angle.auth_atom_id_3 
_pdbx_validate_rmsd_angle.auth_asym_id_3 
_pdbx_validate_rmsd_angle.auth_comp_id_3 
_pdbx_validate_rmsd_angle.auth_seq_id_3 
_pdbx_validate_rmsd_angle.PDB_ins_code_3 
_pdbx_validate_rmsd_angle.label_alt_id_3 
_pdbx_validate_rmsd_angle.angle_value 
_pdbx_validate_rmsd_angle.angle_target_value 
_pdbx_validate_rmsd_angle.angle_deviation 
_pdbx_validate_rmsd_angle.angle_standard_deviation 
_pdbx_validate_rmsd_angle.linker_flag 
1  1 NE  A ARG 5   ? ? CZ A ARG 5   ? ? NH1 A ARG 5   ? ? 124.51 120.30 4.21  0.50 N 
2  1 NE  A ARG 14  ? A CZ A ARG 14  ? A NH1 A ARG 14  ? A 116.41 120.30 -3.89 0.50 N 
3  1 NE  A ARG 14  ? B CZ A ARG 14  ? B NH1 A ARG 14  ? B 115.76 120.30 -4.54 0.50 N 
4  1 NE  A ARG 14  ? A CZ A ARG 14  ? A NH2 A ARG 14  ? A 123.80 120.30 3.50  0.50 N 
5  1 NE  A ARG 14  ? B CZ A ARG 14  ? B NH2 A ARG 14  ? B 129.49 120.30 9.19  0.50 N 
6  1 CG  A ARG 45  ? ? CD A ARG 45  ? B NE  A ARG 45  ? B 131.59 111.80 19.79 2.10 N 
7  1 NE  A ARG 45  ? A CZ A ARG 45  ? A NH1 A ARG 45  ? A 116.74 120.30 -3.56 0.50 N 
8  1 CB  A ASP 48  ? ? CG A ASP 48  ? ? OD1 A ASP 48  ? ? 128.55 118.30 10.25 0.90 N 
9  1 CB  A ASP 48  ? ? CG A ASP 48  ? ? OD2 A ASP 48  ? ? 111.96 118.30 -6.34 0.90 N 
10 1 CB  A ASP 52  ? ? CG A ASP 52  ? ? OD1 A ASP 52  ? ? 124.59 118.30 6.29  0.90 N 
11 1 CG1 A ILE 55  ? B CB A ILE 55  ? ? CG2 A ILE 55  ? B 131.36 111.40 19.96 2.20 N 
12 1 CB  A ASP 101 ? ? CG A ASP 101 ? ? OD1 A ASP 101 ? ? 123.86 118.30 5.56  0.90 N 
13 1 CG1 A VAL 109 ? B CB A VAL 109 ? ? CG2 A VAL 109 ? B 122.51 110.90 11.61 1.60 N 
14 1 CA  A VAL 109 ? ? CB A VAL 109 ? ? CG1 A VAL 109 ? A 101.72 110.90 -9.18 1.50 N 
# 
loop_
_pdbx_struct_special_symmetry.id 
_pdbx_struct_special_symmetry.PDB_model_num 
_pdbx_struct_special_symmetry.auth_asym_id 
_pdbx_struct_special_symmetry.auth_comp_id 
_pdbx_struct_special_symmetry.auth_seq_id 
_pdbx_struct_special_symmetry.PDB_ins_code 
_pdbx_struct_special_symmetry.label_asym_id 
_pdbx_struct_special_symmetry.label_comp_id 
_pdbx_struct_special_symmetry.label_seq_id 
1 1 A 9Y6 208 ? I 9Y6 . 
2 1 A HOH 498 ? J HOH . 
3 1 A HOH 528 ? J HOH . 
# 
_pdbx_distant_solvent_atoms.id                                1 
_pdbx_distant_solvent_atoms.PDB_model_num                     1 
_pdbx_distant_solvent_atoms.auth_atom_id                      O 
_pdbx_distant_solvent_atoms.label_alt_id                      ? 
_pdbx_distant_solvent_atoms.auth_asym_id                      A 
_pdbx_distant_solvent_atoms.auth_comp_id                      HOH 
_pdbx_distant_solvent_atoms.auth_seq_id                       528 
_pdbx_distant_solvent_atoms.PDB_ins_code                      ? 
_pdbx_distant_solvent_atoms.neighbor_macromolecule_distance   6.32 
_pdbx_distant_solvent_atoms.neighbor_ligand_distance          . 
# 
loop_
_chem_comp_atom.comp_id 
_chem_comp_atom.atom_id 
_chem_comp_atom.type_symbol 
_chem_comp_atom.pdbx_aromatic_flag 
_chem_comp_atom.pdbx_stereo_config 
_chem_comp_atom.pdbx_ordinal 
9Y3 C1   C  Y N 1   
9Y3 C2   C  Y N 2   
9Y3 C3   C  Y N 3   
9Y3 C4   C  Y N 4   
9Y3 C5   C  Y N 5   
9Y3 C6   C  Y N 6   
9Y3 C7   C  N N 7   
9Y3 C8   C  N N 8   
9Y3 C9   C  N N 9   
9Y3 O10  O  N N 10  
9Y3 H1   H  N N 11  
9Y3 H2   H  N N 12  
9Y3 H3   H  N N 13  
9Y3 H4   H  N N 14  
9Y3 H5   H  N N 15  
9Y3 H6   H  N N 16  
9Y3 H7   H  N N 17  
9Y3 H8   H  N N 18  
9Y6 C1   C  Y N 19  
9Y6 C2   C  Y N 20  
9Y6 C3   C  Y N 21  
9Y6 C4   C  Y N 22  
9Y6 C5   C  Y N 23  
9Y6 C6   C  Y N 24  
9Y6 C7   C  N N 25  
9Y6 C8   C  N N 26  
9Y6 C9   C  N N 27  
9Y6 O10  O  N N 28  
9Y6 H1   H  N N 29  
9Y6 H2   H  N N 30  
9Y6 H3   H  N N 31  
9Y6 H4   H  N N 32  
9Y6 H5   H  N N 33  
9Y6 H6   H  N N 34  
9Y6 H7   H  N N 35  
9Y6 H8   H  N N 36  
ALA N    N  N N 37  
ALA CA   C  N S 38  
ALA C    C  N N 39  
ALA O    O  N N 40  
ALA CB   C  N N 41  
ALA OXT  O  N N 42  
ALA H    H  N N 43  
ALA H2   H  N N 44  
ALA HA   H  N N 45  
ALA HB1  H  N N 46  
ALA HB2  H  N N 47  
ALA HB3  H  N N 48  
ALA HXT  H  N N 49  
ARG N    N  N N 50  
ARG CA   C  N S 51  
ARG C    C  N N 52  
ARG O    O  N N 53  
ARG CB   C  N N 54  
ARG CG   C  N N 55  
ARG CD   C  N N 56  
ARG NE   N  N N 57  
ARG CZ   C  N N 58  
ARG NH1  N  N N 59  
ARG NH2  N  N N 60  
ARG OXT  O  N N 61  
ARG H    H  N N 62  
ARG H2   H  N N 63  
ARG HA   H  N N 64  
ARG HB2  H  N N 65  
ARG HB3  H  N N 66  
ARG HG2  H  N N 67  
ARG HG3  H  N N 68  
ARG HD2  H  N N 69  
ARG HD3  H  N N 70  
ARG HE   H  N N 71  
ARG HH11 H  N N 72  
ARG HH12 H  N N 73  
ARG HH21 H  N N 74  
ARG HH22 H  N N 75  
ARG HXT  H  N N 76  
ASN N    N  N N 77  
ASN CA   C  N S 78  
ASN C    C  N N 79  
ASN O    O  N N 80  
ASN CB   C  N N 81  
ASN CG   C  N N 82  
ASN OD1  O  N N 83  
ASN ND2  N  N N 84  
ASN OXT  O  N N 85  
ASN H    H  N N 86  
ASN H2   H  N N 87  
ASN HA   H  N N 88  
ASN HB2  H  N N 89  
ASN HB3  H  N N 90  
ASN HD21 H  N N 91  
ASN HD22 H  N N 92  
ASN HXT  H  N N 93  
ASP N    N  N N 94  
ASP CA   C  N S 95  
ASP C    C  N N 96  
ASP O    O  N N 97  
ASP CB   C  N N 98  
ASP CG   C  N N 99  
ASP OD1  O  N N 100 
ASP OD2  O  N N 101 
ASP OXT  O  N N 102 
ASP H    H  N N 103 
ASP H2   H  N N 104 
ASP HA   H  N N 105 
ASP HB2  H  N N 106 
ASP HB3  H  N N 107 
ASP HD2  H  N N 108 
ASP HXT  H  N N 109 
CL  CL   CL N N 110 
CYS N    N  N N 111 
CYS CA   C  N R 112 
CYS C    C  N N 113 
CYS O    O  N N 114 
CYS CB   C  N N 115 
CYS SG   S  N N 116 
CYS OXT  O  N N 117 
CYS H    H  N N 118 
CYS H2   H  N N 119 
CYS HA   H  N N 120 
CYS HB2  H  N N 121 
CYS HB3  H  N N 122 
CYS HG   H  N N 123 
CYS HXT  H  N N 124 
EDO C1   C  N N 125 
EDO O1   O  N N 126 
EDO C2   C  N N 127 
EDO O2   O  N N 128 
EDO H11  H  N N 129 
EDO H12  H  N N 130 
EDO HO1  H  N N 131 
EDO H21  H  N N 132 
EDO H22  H  N N 133 
EDO HO2  H  N N 134 
GLN N    N  N N 135 
GLN CA   C  N S 136 
GLN C    C  N N 137 
GLN O    O  N N 138 
GLN CB   C  N N 139 
GLN CG   C  N N 140 
GLN CD   C  N N 141 
GLN OE1  O  N N 142 
GLN NE2  N  N N 143 
GLN OXT  O  N N 144 
GLN H    H  N N 145 
GLN H2   H  N N 146 
GLN HA   H  N N 147 
GLN HB2  H  N N 148 
GLN HB3  H  N N 149 
GLN HG2  H  N N 150 
GLN HG3  H  N N 151 
GLN HE21 H  N N 152 
GLN HE22 H  N N 153 
GLN HXT  H  N N 154 
GLU N    N  N N 155 
GLU CA   C  N S 156 
GLU C    C  N N 157 
GLU O    O  N N 158 
GLU CB   C  N N 159 
GLU CG   C  N N 160 
GLU CD   C  N N 161 
GLU OE1  O  N N 162 
GLU OE2  O  N N 163 
GLU OXT  O  N N 164 
GLU H    H  N N 165 
GLU H2   H  N N 166 
GLU HA   H  N N 167 
GLU HB2  H  N N 168 
GLU HB3  H  N N 169 
GLU HG2  H  N N 170 
GLU HG3  H  N N 171 
GLU HE2  H  N N 172 
GLU HXT  H  N N 173 
GLY N    N  N N 174 
GLY CA   C  N N 175 
GLY C    C  N N 176 
GLY O    O  N N 177 
GLY OXT  O  N N 178 
GLY H    H  N N 179 
GLY H2   H  N N 180 
GLY HA2  H  N N 181 
GLY HA3  H  N N 182 
GLY HXT  H  N N 183 
HIS N    N  N N 184 
HIS CA   C  N S 185 
HIS C    C  N N 186 
HIS O    O  N N 187 
HIS CB   C  N N 188 
HIS CG   C  Y N 189 
HIS ND1  N  Y N 190 
HIS CD2  C  Y N 191 
HIS CE1  C  Y N 192 
HIS NE2  N  Y N 193 
HIS OXT  O  N N 194 
HIS H    H  N N 195 
HIS H2   H  N N 196 
HIS HA   H  N N 197 
HIS HB2  H  N N 198 
HIS HB3  H  N N 199 
HIS HD1  H  N N 200 
HIS HD2  H  N N 201 
HIS HE1  H  N N 202 
HIS HE2  H  N N 203 
HIS HXT  H  N N 204 
HOH O    O  N N 205 
HOH H1   H  N N 206 
HOH H2   H  N N 207 
ILE N    N  N N 208 
ILE CA   C  N S 209 
ILE C    C  N N 210 
ILE O    O  N N 211 
ILE CB   C  N S 212 
ILE CG1  C  N N 213 
ILE CG2  C  N N 214 
ILE CD1  C  N N 215 
ILE OXT  O  N N 216 
ILE H    H  N N 217 
ILE H2   H  N N 218 
ILE HA   H  N N 219 
ILE HB   H  N N 220 
ILE HG12 H  N N 221 
ILE HG13 H  N N 222 
ILE HG21 H  N N 223 
ILE HG22 H  N N 224 
ILE HG23 H  N N 225 
ILE HD11 H  N N 226 
ILE HD12 H  N N 227 
ILE HD13 H  N N 228 
ILE HXT  H  N N 229 
LEU N    N  N N 230 
LEU CA   C  N S 231 
LEU C    C  N N 232 
LEU O    O  N N 233 
LEU CB   C  N N 234 
LEU CG   C  N N 235 
LEU CD1  C  N N 236 
LEU CD2  C  N N 237 
LEU OXT  O  N N 238 
LEU H    H  N N 239 
LEU H2   H  N N 240 
LEU HA   H  N N 241 
LEU HB2  H  N N 242 
LEU HB3  H  N N 243 
LEU HG   H  N N 244 
LEU HD11 H  N N 245 
LEU HD12 H  N N 246 
LEU HD13 H  N N 247 
LEU HD21 H  N N 248 
LEU HD22 H  N N 249 
LEU HD23 H  N N 250 
LEU HXT  H  N N 251 
LYS N    N  N N 252 
LYS CA   C  N S 253 
LYS C    C  N N 254 
LYS O    O  N N 255 
LYS CB   C  N N 256 
LYS CG   C  N N 257 
LYS CD   C  N N 258 
LYS CE   C  N N 259 
LYS NZ   N  N N 260 
LYS OXT  O  N N 261 
LYS H    H  N N 262 
LYS H2   H  N N 263 
LYS HA   H  N N 264 
LYS HB2  H  N N 265 
LYS HB3  H  N N 266 
LYS HG2  H  N N 267 
LYS HG3  H  N N 268 
LYS HD2  H  N N 269 
LYS HD3  H  N N 270 
LYS HE2  H  N N 271 
LYS HE3  H  N N 272 
LYS HZ1  H  N N 273 
LYS HZ2  H  N N 274 
LYS HZ3  H  N N 275 
LYS HXT  H  N N 276 
MET N    N  N N 277 
MET CA   C  N S 278 
MET C    C  N N 279 
MET O    O  N N 280 
MET CB   C  N N 281 
MET CG   C  N N 282 
MET SD   S  N N 283 
MET CE   C  N N 284 
MET OXT  O  N N 285 
MET H    H  N N 286 
MET H2   H  N N 287 
MET HA   H  N N 288 
MET HB2  H  N N 289 
MET HB3  H  N N 290 
MET HG2  H  N N 291 
MET HG3  H  N N 292 
MET HE1  H  N N 293 
MET HE2  H  N N 294 
MET HE3  H  N N 295 
MET HXT  H  N N 296 
NA  NA   NA N N 297 
PHE N    N  N N 298 
PHE CA   C  N S 299 
PHE C    C  N N 300 
PHE O    O  N N 301 
PHE CB   C  N N 302 
PHE CG   C  Y N 303 
PHE CD1  C  Y N 304 
PHE CD2  C  Y N 305 
PHE CE1  C  Y N 306 
PHE CE2  C  Y N 307 
PHE CZ   C  Y N 308 
PHE OXT  O  N N 309 
PHE H    H  N N 310 
PHE H2   H  N N 311 
PHE HA   H  N N 312 
PHE HB2  H  N N 313 
PHE HB3  H  N N 314 
PHE HD1  H  N N 315 
PHE HD2  H  N N 316 
PHE HE1  H  N N 317 
PHE HE2  H  N N 318 
PHE HZ   H  N N 319 
PHE HXT  H  N N 320 
PRO N    N  N N 321 
PRO CA   C  N S 322 
PRO C    C  N N 323 
PRO O    O  N N 324 
PRO CB   C  N N 325 
PRO CG   C  N N 326 
PRO CD   C  N N 327 
PRO OXT  O  N N 328 
PRO H    H  N N 329 
PRO HA   H  N N 330 
PRO HB2  H  N N 331 
PRO HB3  H  N N 332 
PRO HG2  H  N N 333 
PRO HG3  H  N N 334 
PRO HD2  H  N N 335 
PRO HD3  H  N N 336 
PRO HXT  H  N N 337 
SER N    N  N N 338 
SER CA   C  N S 339 
SER C    C  N N 340 
SER O    O  N N 341 
SER CB   C  N N 342 
SER OG   O  N N 343 
SER OXT  O  N N 344 
SER H    H  N N 345 
SER H2   H  N N 346 
SER HA   H  N N 347 
SER HB2  H  N N 348 
SER HB3  H  N N 349 
SER HG   H  N N 350 
SER HXT  H  N N 351 
THR N    N  N N 352 
THR CA   C  N S 353 
THR C    C  N N 354 
THR O    O  N N 355 
THR CB   C  N R 356 
THR OG1  O  N N 357 
THR CG2  C  N N 358 
THR OXT  O  N N 359 
THR H    H  N N 360 
THR H2   H  N N 361 
THR HA   H  N N 362 
THR HB   H  N N 363 
THR HG1  H  N N 364 
THR HG21 H  N N 365 
THR HG22 H  N N 366 
THR HG23 H  N N 367 
THR HXT  H  N N 368 
TRP N    N  N N 369 
TRP CA   C  N S 370 
TRP C    C  N N 371 
TRP O    O  N N 372 
TRP CB   C  N N 373 
TRP CG   C  Y N 374 
TRP CD1  C  Y N 375 
TRP CD2  C  Y N 376 
TRP NE1  N  Y N 377 
TRP CE2  C  Y N 378 
TRP CE3  C  Y N 379 
TRP CZ2  C  Y N 380 
TRP CZ3  C  Y N 381 
TRP CH2  C  Y N 382 
TRP OXT  O  N N 383 
TRP H    H  N N 384 
TRP H2   H  N N 385 
TRP HA   H  N N 386 
TRP HB2  H  N N 387 
TRP HB3  H  N N 388 
TRP HD1  H  N N 389 
TRP HE1  H  N N 390 
TRP HE3  H  N N 391 
TRP HZ2  H  N N 392 
TRP HZ3  H  N N 393 
TRP HH2  H  N N 394 
TRP HXT  H  N N 395 
TYR N    N  N N 396 
TYR CA   C  N S 397 
TYR C    C  N N 398 
TYR O    O  N N 399 
TYR CB   C  N N 400 
TYR CG   C  Y N 401 
TYR CD1  C  Y N 402 
TYR CD2  C  Y N 403 
TYR CE1  C  Y N 404 
TYR CE2  C  Y N 405 
TYR CZ   C  Y N 406 
TYR OH   O  N N 407 
TYR OXT  O  N N 408 
TYR H    H  N N 409 
TYR H2   H  N N 410 
TYR HA   H  N N 411 
TYR HB2  H  N N 412 
TYR HB3  H  N N 413 
TYR HD1  H  N N 414 
TYR HD2  H  N N 415 
TYR HE1  H  N N 416 
TYR HE2  H  N N 417 
TYR HH   H  N N 418 
TYR HXT  H  N N 419 
VAL N    N  N N 420 
VAL CA   C  N S 421 
VAL C    C  N N 422 
VAL O    O  N N 423 
VAL CB   C  N N 424 
VAL CG1  C  N N 425 
VAL CG2  C  N N 426 
VAL OXT  O  N N 427 
VAL H    H  N N 428 
VAL H2   H  N N 429 
VAL HA   H  N N 430 
VAL HB   H  N N 431 
VAL HG11 H  N N 432 
VAL HG12 H  N N 433 
VAL HG13 H  N N 434 
VAL HG21 H  N N 435 
VAL HG22 H  N N 436 
VAL HG23 H  N N 437 
VAL HXT  H  N N 438 
# 
loop_
_chem_comp_bond.comp_id 
_chem_comp_bond.atom_id_1 
_chem_comp_bond.atom_id_2 
_chem_comp_bond.value_order 
_chem_comp_bond.pdbx_aromatic_flag 
_chem_comp_bond.pdbx_stereo_config 
_chem_comp_bond.pdbx_ordinal 
9Y3 C8  C9   sing N N 1   
9Y3 C8  C7   doub N Z 2   
9Y3 C9  O10  doub N N 3   
9Y3 C7  C5   sing N N 4   
9Y3 C6  C5   doub Y N 5   
9Y3 C6  C1   sing Y N 6   
9Y3 C5  C4   sing Y N 7   
9Y3 C1  C2   doub Y N 8   
9Y3 C4  C3   doub Y N 9   
9Y3 C2  C3   sing Y N 10  
9Y3 C1  H1   sing N N 11  
9Y3 C2  H2   sing N N 12  
9Y3 C3  H3   sing N N 13  
9Y3 C4  H4   sing N N 14  
9Y3 C6  H5   sing N N 15  
9Y3 C7  H6   sing N N 16  
9Y3 C8  H7   sing N N 17  
9Y3 C9  H8   sing N N 18  
9Y6 O10 C9   doub N N 19  
9Y6 C7  C8   doub N E 20  
9Y6 C7  C5   sing N N 21  
9Y6 C9  C8   sing N N 22  
9Y6 C6  C5   doub Y N 23  
9Y6 C6  C1   sing Y N 24  
9Y6 C5  C4   sing Y N 25  
9Y6 C1  C2   doub Y N 26  
9Y6 C4  C3   doub Y N 27  
9Y6 C2  C3   sing Y N 28  
9Y6 C1  H1   sing N N 29  
9Y6 C2  H2   sing N N 30  
9Y6 C3  H3   sing N N 31  
9Y6 C4  H4   sing N N 32  
9Y6 C6  H5   sing N N 33  
9Y6 C7  H6   sing N N 34  
9Y6 C8  H7   sing N N 35  
9Y6 C9  H8   sing N N 36  
ALA N   CA   sing N N 37  
ALA N   H    sing N N 38  
ALA N   H2   sing N N 39  
ALA CA  C    sing N N 40  
ALA CA  CB   sing N N 41  
ALA CA  HA   sing N N 42  
ALA C   O    doub N N 43  
ALA C   OXT  sing N N 44  
ALA CB  HB1  sing N N 45  
ALA CB  HB2  sing N N 46  
ALA CB  HB3  sing N N 47  
ALA OXT HXT  sing N N 48  
ARG N   CA   sing N N 49  
ARG N   H    sing N N 50  
ARG N   H2   sing N N 51  
ARG CA  C    sing N N 52  
ARG CA  CB   sing N N 53  
ARG CA  HA   sing N N 54  
ARG C   O    doub N N 55  
ARG C   OXT  sing N N 56  
ARG CB  CG   sing N N 57  
ARG CB  HB2  sing N N 58  
ARG CB  HB3  sing N N 59  
ARG CG  CD   sing N N 60  
ARG CG  HG2  sing N N 61  
ARG CG  HG3  sing N N 62  
ARG CD  NE   sing N N 63  
ARG CD  HD2  sing N N 64  
ARG CD  HD3  sing N N 65  
ARG NE  CZ   sing N N 66  
ARG NE  HE   sing N N 67  
ARG CZ  NH1  sing N N 68  
ARG CZ  NH2  doub N N 69  
ARG NH1 HH11 sing N N 70  
ARG NH1 HH12 sing N N 71  
ARG NH2 HH21 sing N N 72  
ARG NH2 HH22 sing N N 73  
ARG OXT HXT  sing N N 74  
ASN N   CA   sing N N 75  
ASN N   H    sing N N 76  
ASN N   H2   sing N N 77  
ASN CA  C    sing N N 78  
ASN CA  CB   sing N N 79  
ASN CA  HA   sing N N 80  
ASN C   O    doub N N 81  
ASN C   OXT  sing N N 82  
ASN CB  CG   sing N N 83  
ASN CB  HB2  sing N N 84  
ASN CB  HB3  sing N N 85  
ASN CG  OD1  doub N N 86  
ASN CG  ND2  sing N N 87  
ASN ND2 HD21 sing N N 88  
ASN ND2 HD22 sing N N 89  
ASN OXT HXT  sing N N 90  
ASP N   CA   sing N N 91  
ASP N   H    sing N N 92  
ASP N   H2   sing N N 93  
ASP CA  C    sing N N 94  
ASP CA  CB   sing N N 95  
ASP CA  HA   sing N N 96  
ASP C   O    doub N N 97  
ASP C   OXT  sing N N 98  
ASP CB  CG   sing N N 99  
ASP CB  HB2  sing N N 100 
ASP CB  HB3  sing N N 101 
ASP CG  OD1  doub N N 102 
ASP CG  OD2  sing N N 103 
ASP OD2 HD2  sing N N 104 
ASP OXT HXT  sing N N 105 
CYS N   CA   sing N N 106 
CYS N   H    sing N N 107 
CYS N   H2   sing N N 108 
CYS CA  C    sing N N 109 
CYS CA  CB   sing N N 110 
CYS CA  HA   sing N N 111 
CYS C   O    doub N N 112 
CYS C   OXT  sing N N 113 
CYS CB  SG   sing N N 114 
CYS CB  HB2  sing N N 115 
CYS CB  HB3  sing N N 116 
CYS SG  HG   sing N N 117 
CYS OXT HXT  sing N N 118 
EDO C1  O1   sing N N 119 
EDO C1  C2   sing N N 120 
EDO C1  H11  sing N N 121 
EDO C1  H12  sing N N 122 
EDO O1  HO1  sing N N 123 
EDO C2  O2   sing N N 124 
EDO C2  H21  sing N N 125 
EDO C2  H22  sing N N 126 
EDO O2  HO2  sing N N 127 
GLN N   CA   sing N N 128 
GLN N   H    sing N N 129 
GLN N   H2   sing N N 130 
GLN CA  C    sing N N 131 
GLN CA  CB   sing N N 132 
GLN CA  HA   sing N N 133 
GLN C   O    doub N N 134 
GLN C   OXT  sing N N 135 
GLN CB  CG   sing N N 136 
GLN CB  HB2  sing N N 137 
GLN CB  HB3  sing N N 138 
GLN CG  CD   sing N N 139 
GLN CG  HG2  sing N N 140 
GLN CG  HG3  sing N N 141 
GLN CD  OE1  doub N N 142 
GLN CD  NE2  sing N N 143 
GLN NE2 HE21 sing N N 144 
GLN NE2 HE22 sing N N 145 
GLN OXT HXT  sing N N 146 
GLU N   CA   sing N N 147 
GLU N   H    sing N N 148 
GLU N   H2   sing N N 149 
GLU CA  C    sing N N 150 
GLU CA  CB   sing N N 151 
GLU CA  HA   sing N N 152 
GLU C   O    doub N N 153 
GLU C   OXT  sing N N 154 
GLU CB  CG   sing N N 155 
GLU CB  HB2  sing N N 156 
GLU CB  HB3  sing N N 157 
GLU CG  CD   sing N N 158 
GLU CG  HG2  sing N N 159 
GLU CG  HG3  sing N N 160 
GLU CD  OE1  doub N N 161 
GLU CD  OE2  sing N N 162 
GLU OE2 HE2  sing N N 163 
GLU OXT HXT  sing N N 164 
GLY N   CA   sing N N 165 
GLY N   H    sing N N 166 
GLY N   H2   sing N N 167 
GLY CA  C    sing N N 168 
GLY CA  HA2  sing N N 169 
GLY CA  HA3  sing N N 170 
GLY C   O    doub N N 171 
GLY C   OXT  sing N N 172 
GLY OXT HXT  sing N N 173 
HIS N   CA   sing N N 174 
HIS N   H    sing N N 175 
HIS N   H2   sing N N 176 
HIS CA  C    sing N N 177 
HIS CA  CB   sing N N 178 
HIS CA  HA   sing N N 179 
HIS C   O    doub N N 180 
HIS C   OXT  sing N N 181 
HIS CB  CG   sing N N 182 
HIS CB  HB2  sing N N 183 
HIS CB  HB3  sing N N 184 
HIS CG  ND1  sing Y N 185 
HIS CG  CD2  doub Y N 186 
HIS ND1 CE1  doub Y N 187 
HIS ND1 HD1  sing N N 188 
HIS CD2 NE2  sing Y N 189 
HIS CD2 HD2  sing N N 190 
HIS CE1 NE2  sing Y N 191 
HIS CE1 HE1  sing N N 192 
HIS NE2 HE2  sing N N 193 
HIS OXT HXT  sing N N 194 
HOH O   H1   sing N N 195 
HOH O   H2   sing N N 196 
ILE N   CA   sing N N 197 
ILE N   H    sing N N 198 
ILE N   H2   sing N N 199 
ILE CA  C    sing N N 200 
ILE CA  CB   sing N N 201 
ILE CA  HA   sing N N 202 
ILE C   O    doub N N 203 
ILE C   OXT  sing N N 204 
ILE CB  CG1  sing N N 205 
ILE CB  CG2  sing N N 206 
ILE CB  HB   sing N N 207 
ILE CG1 CD1  sing N N 208 
ILE CG1 HG12 sing N N 209 
ILE CG1 HG13 sing N N 210 
ILE CG2 HG21 sing N N 211 
ILE CG2 HG22 sing N N 212 
ILE CG2 HG23 sing N N 213 
ILE CD1 HD11 sing N N 214 
ILE CD1 HD12 sing N N 215 
ILE CD1 HD13 sing N N 216 
ILE OXT HXT  sing N N 217 
LEU N   CA   sing N N 218 
LEU N   H    sing N N 219 
LEU N   H2   sing N N 220 
LEU CA  C    sing N N 221 
LEU CA  CB   sing N N 222 
LEU CA  HA   sing N N 223 
LEU C   O    doub N N 224 
LEU C   OXT  sing N N 225 
LEU CB  CG   sing N N 226 
LEU CB  HB2  sing N N 227 
LEU CB  HB3  sing N N 228 
LEU CG  CD1  sing N N 229 
LEU CG  CD2  sing N N 230 
LEU CG  HG   sing N N 231 
LEU CD1 HD11 sing N N 232 
LEU CD1 HD12 sing N N 233 
LEU CD1 HD13 sing N N 234 
LEU CD2 HD21 sing N N 235 
LEU CD2 HD22 sing N N 236 
LEU CD2 HD23 sing N N 237 
LEU OXT HXT  sing N N 238 
LYS N   CA   sing N N 239 
LYS N   H    sing N N 240 
LYS N   H2   sing N N 241 
LYS CA  C    sing N N 242 
LYS CA  CB   sing N N 243 
LYS CA  HA   sing N N 244 
LYS C   O    doub N N 245 
LYS C   OXT  sing N N 246 
LYS CB  CG   sing N N 247 
LYS CB  HB2  sing N N 248 
LYS CB  HB3  sing N N 249 
LYS CG  CD   sing N N 250 
LYS CG  HG2  sing N N 251 
LYS CG  HG3  sing N N 252 
LYS CD  CE   sing N N 253 
LYS CD  HD2  sing N N 254 
LYS CD  HD3  sing N N 255 
LYS CE  NZ   sing N N 256 
LYS CE  HE2  sing N N 257 
LYS CE  HE3  sing N N 258 
LYS NZ  HZ1  sing N N 259 
LYS NZ  HZ2  sing N N 260 
LYS NZ  HZ3  sing N N 261 
LYS OXT HXT  sing N N 262 
MET N   CA   sing N N 263 
MET N   H    sing N N 264 
MET N   H2   sing N N 265 
MET CA  C    sing N N 266 
MET CA  CB   sing N N 267 
MET CA  HA   sing N N 268 
MET C   O    doub N N 269 
MET C   OXT  sing N N 270 
MET CB  CG   sing N N 271 
MET CB  HB2  sing N N 272 
MET CB  HB3  sing N N 273 
MET CG  SD   sing N N 274 
MET CG  HG2  sing N N 275 
MET CG  HG3  sing N N 276 
MET SD  CE   sing N N 277 
MET CE  HE1  sing N N 278 
MET CE  HE2  sing N N 279 
MET CE  HE3  sing N N 280 
MET OXT HXT  sing N N 281 
PHE N   CA   sing N N 282 
PHE N   H    sing N N 283 
PHE N   H2   sing N N 284 
PHE CA  C    sing N N 285 
PHE CA  CB   sing N N 286 
PHE CA  HA   sing N N 287 
PHE C   O    doub N N 288 
PHE C   OXT  sing N N 289 
PHE CB  CG   sing N N 290 
PHE CB  HB2  sing N N 291 
PHE CB  HB3  sing N N 292 
PHE CG  CD1  doub Y N 293 
PHE CG  CD2  sing Y N 294 
PHE CD1 CE1  sing Y N 295 
PHE CD1 HD1  sing N N 296 
PHE CD2 CE2  doub Y N 297 
PHE CD2 HD2  sing N N 298 
PHE CE1 CZ   doub Y N 299 
PHE CE1 HE1  sing N N 300 
PHE CE2 CZ   sing Y N 301 
PHE CE2 HE2  sing N N 302 
PHE CZ  HZ   sing N N 303 
PHE OXT HXT  sing N N 304 
PRO N   CA   sing N N 305 
PRO N   CD   sing N N 306 
PRO N   H    sing N N 307 
PRO CA  C    sing N N 308 
PRO CA  CB   sing N N 309 
PRO CA  HA   sing N N 310 
PRO C   O    doub N N 311 
PRO C   OXT  sing N N 312 
PRO CB  CG   sing N N 313 
PRO CB  HB2  sing N N 314 
PRO CB  HB3  sing N N 315 
PRO CG  CD   sing N N 316 
PRO CG  HG2  sing N N 317 
PRO CG  HG3  sing N N 318 
PRO CD  HD2  sing N N 319 
PRO CD  HD3  sing N N 320 
PRO OXT HXT  sing N N 321 
SER N   CA   sing N N 322 
SER N   H    sing N N 323 
SER N   H2   sing N N 324 
SER CA  C    sing N N 325 
SER CA  CB   sing N N 326 
SER CA  HA   sing N N 327 
SER C   O    doub N N 328 
SER C   OXT  sing N N 329 
SER CB  OG   sing N N 330 
SER CB  HB2  sing N N 331 
SER CB  HB3  sing N N 332 
SER OG  HG   sing N N 333 
SER OXT HXT  sing N N 334 
THR N   CA   sing N N 335 
THR N   H    sing N N 336 
THR N   H2   sing N N 337 
THR CA  C    sing N N 338 
THR CA  CB   sing N N 339 
THR CA  HA   sing N N 340 
THR C   O    doub N N 341 
THR C   OXT  sing N N 342 
THR CB  OG1  sing N N 343 
THR CB  CG2  sing N N 344 
THR CB  HB   sing N N 345 
THR OG1 HG1  sing N N 346 
THR CG2 HG21 sing N N 347 
THR CG2 HG22 sing N N 348 
THR CG2 HG23 sing N N 349 
THR OXT HXT  sing N N 350 
TRP N   CA   sing N N 351 
TRP N   H    sing N N 352 
TRP N   H2   sing N N 353 
TRP CA  C    sing N N 354 
TRP CA  CB   sing N N 355 
TRP CA  HA   sing N N 356 
TRP C   O    doub N N 357 
TRP C   OXT  sing N N 358 
TRP CB  CG   sing N N 359 
TRP CB  HB2  sing N N 360 
TRP CB  HB3  sing N N 361 
TRP CG  CD1  doub Y N 362 
TRP CG  CD2  sing Y N 363 
TRP CD1 NE1  sing Y N 364 
TRP CD1 HD1  sing N N 365 
TRP CD2 CE2  doub Y N 366 
TRP CD2 CE3  sing Y N 367 
TRP NE1 CE2  sing Y N 368 
TRP NE1 HE1  sing N N 369 
TRP CE2 CZ2  sing Y N 370 
TRP CE3 CZ3  doub Y N 371 
TRP CE3 HE3  sing N N 372 
TRP CZ2 CH2  doub Y N 373 
TRP CZ2 HZ2  sing N N 374 
TRP CZ3 CH2  sing Y N 375 
TRP CZ3 HZ3  sing N N 376 
TRP CH2 HH2  sing N N 377 
TRP OXT HXT  sing N N 378 
TYR N   CA   sing N N 379 
TYR N   H    sing N N 380 
TYR N   H2   sing N N 381 
TYR CA  C    sing N N 382 
TYR CA  CB   sing N N 383 
TYR CA  HA   sing N N 384 
TYR C   O    doub N N 385 
TYR C   OXT  sing N N 386 
TYR CB  CG   sing N N 387 
TYR CB  HB2  sing N N 388 
TYR CB  HB3  sing N N 389 
TYR CG  CD1  doub Y N 390 
TYR CG  CD2  sing Y N 391 
TYR CD1 CE1  sing Y N 392 
TYR CD1 HD1  sing N N 393 
TYR CD2 CE2  doub Y N 394 
TYR CD2 HD2  sing N N 395 
TYR CE1 CZ   doub Y N 396 
TYR CE1 HE1  sing N N 397 
TYR CE2 CZ   sing Y N 398 
TYR CE2 HE2  sing N N 399 
TYR CZ  OH   sing N N 400 
TYR OH  HH   sing N N 401 
TYR OXT HXT  sing N N 402 
VAL N   CA   sing N N 403 
VAL N   H    sing N N 404 
VAL N   H2   sing N N 405 
VAL CA  C    sing N N 406 
VAL CA  CB   sing N N 407 
VAL CA  HA   sing N N 408 
VAL C   O    doub N N 409 
VAL C   OXT  sing N N 410 
VAL CB  CG1  sing N N 411 
VAL CB  CG2  sing N N 412 
VAL CB  HB   sing N N 413 
VAL CG1 HG11 sing N N 414 
VAL CG1 HG12 sing N N 415 
VAL CG1 HG13 sing N N 416 
VAL CG2 HG21 sing N N 417 
VAL CG2 HG22 sing N N 418 
VAL CG2 HG23 sing N N 419 
VAL OXT HXT  sing N N 420 
# 
_pdbx_initial_refinement_model.id               1 
_pdbx_initial_refinement_model.entity_id_list   ? 
_pdbx_initial_refinement_model.type             'experimental model' 
_pdbx_initial_refinement_model.source_name      PDB 
_pdbx_initial_refinement_model.accession_code   1DPX 
_pdbx_initial_refinement_model.details          ? 
# 
_atom_sites.entry_id                    6AGN 
_atom_sites.fract_transf_matrix[1][1]   -0.01119827 
_atom_sites.fract_transf_matrix[1][2]   -0.00285786 
_atom_sites.fract_transf_matrix[1][3]   0.00526028 
_atom_sites.fract_transf_matrix[2][1]   -0.00374486 
_atom_sites.fract_transf_matrix[2][2]   0.01204914 
_atom_sites.fract_transf_matrix[2][3]   -0.00142600 
_atom_sites.fract_transf_matrix[3][1]   -0.00991414 
_atom_sites.fract_transf_matrix[3][2]   -0.00596250 
_atom_sites.fract_transf_matrix[3][3]   -0.02434495 
_atom_sites.fract_transf_vector[1]      -0.256120 
_atom_sites.fract_transf_vector[2]      -0.007955 
_atom_sites.fract_transf_vector[3]      -0.238685 
# 
loop_
_atom_type.symbol 
C  
CL 
N  
NA 
O  
S  
# 
loop_
_atom_site.group_PDB 
_atom_site.id 
_atom_site.type_symbol 
_atom_site.label_atom_id 
_atom_site.label_alt_id 
_atom_site.label_comp_id 
_atom_site.label_asym_id 
_atom_site.label_entity_id 
_atom_site.label_seq_id 
_atom_site.pdbx_PDB_ins_code 
_atom_site.Cartn_x 
_atom_site.Cartn_y 
_atom_site.Cartn_z 
_atom_site.occupancy 
_atom_site.B_iso_or_equiv 
_atom_site.pdbx_formal_charge 
_atom_site.auth_seq_id 
_atom_site.auth_comp_id 
_atom_site.auth_asym_id 
_atom_site.auth_atom_id 
_atom_site.pdbx_PDB_model_num 
ATOM   1    N  N   . LYS A 1 1   ? -6.566  3.294   11.951  1.00 10.91 ? 1   LYS A N   1 
ATOM   2    C  CA  . LYS A 1 1   ? -5.572  2.701   12.897  1.00 11.36 ? 1   LYS A CA  1 
ATOM   3    C  C   . LYS A 1 1   ? -4.210  3.182   12.487  1.00 9.51  ? 1   LYS A C   1 
ATOM   4    O  O   . LYS A 1 1   ? -3.885  3.086   11.265  1.00 9.54  ? 1   LYS A O   1 
ATOM   5    C  CB  . LYS A 1 1   ? -5.655  1.166   12.845  1.00 10.85 ? 1   LYS A CB  1 
ATOM   6    C  CG  . LYS A 1 1   ? -4.571  0.466   13.646  1.00 12.66 ? 1   LYS A CG  1 
ATOM   7    C  CD  . LYS A 1 1   ? -4.828  -1.041  13.690  1.00 12.94 ? 1   LYS A CD  1 
ATOM   8    C  CE  . LYS A 1 1   ? -3.639  -1.788  14.270  1.00 14.29 ? 1   LYS A CE  1 
ATOM   9    N  NZ  . LYS A 1 1   ? -3.945  -3.235  14.397  1.00 19.01 ? 1   LYS A NZ  1 
ATOM   10   N  N   . VAL A 1 2   ? -3.382  3.579   13.407  1.00 10.85 ? 2   VAL A N   1 
ATOM   11   C  CA  . VAL A 1 2   ? -1.959  3.872   13.117  1.00 9.82  ? 2   VAL A CA  1 
ATOM   12   C  C   . VAL A 1 2   ? -1.167  2.693   13.600  1.00 9.13  ? 2   VAL A C   1 
ATOM   13   O  O   . VAL A 1 2   ? -1.119  2.466   14.875  1.00 11.90 ? 2   VAL A O   1 
ATOM   14   C  CB  . VAL A 1 2   ? -1.460  5.218   13.717  1.00 10.87 ? 2   VAL A CB  1 
ATOM   15   C  CG1 . VAL A 1 2   ? -0.011  5.467   13.395  1.00 12.67 ? 2   VAL A CG1 1 
ATOM   16   C  CG2 . VAL A 1 2   ? -2.288  6.356   13.134  1.00 10.89 ? 2   VAL A CG2 1 
ATOM   17   N  N   . PHE A 1 3   ? -0.568  1.966   12.732  1.00 9.49  ? 3   PHE A N   1 
ATOM   18   C  CA  . PHE A 1 3   ? 0.277   0.809   13.128  1.00 9.83  ? 3   PHE A CA  1 
ATOM   19   C  C   . PHE A 1 3   ? 1.610   1.290   13.617  1.00 11.31 ? 3   PHE A C   1 
ATOM   20   O  O   . PHE A 1 3   ? 2.187   2.244   13.127  1.00 10.73 ? 3   PHE A O   1 
ATOM   21   C  CB  . PHE A 1 3   ? 0.547   -0.067  11.914  1.00 10.67 ? 3   PHE A CB  1 
ATOM   22   C  CG  . PHE A 1 3   ? -0.576  -1.028  11.602  1.00 9.61  ? 3   PHE A CG  1 
ATOM   23   C  CD1 . PHE A 1 3   ? -1.704  -0.646  10.908  1.00 10.42 ? 3   PHE A CD1 1 
ATOM   24   C  CD2 . PHE A 1 3   ? -0.529  -2.363  11.959  1.00 10.74 ? 3   PHE A CD2 1 
ATOM   25   C  CE1 . PHE A 1 3   ? -2.695  -1.549  10.630  1.00 11.12 ? 3   PHE A CE1 1 
ATOM   26   C  CE2 . PHE A 1 3   ? -1.520  -3.261  11.652  1.00 11.44 ? 3   PHE A CE2 1 
ATOM   27   C  CZ  . PHE A 1 3   ? -2.627  -2.866  10.959  1.00 11.65 ? 3   PHE A CZ  1 
ATOM   28   N  N   . GLY A 1 4   ? 2.190   0.471   14.546  1.00 13.39 ? 4   GLY A N   1 
ATOM   29   C  CA  . GLY A 1 4   ? 3.569   0.530   14.792  1.00 14.07 ? 4   GLY A CA  1 
ATOM   30   C  C   . GLY A 1 4   ? 4.313   -0.153  13.689  1.00 11.95 ? 4   GLY A C   1 
ATOM   31   O  O   . GLY A 1 4   ? 3.842   -0.997  12.891  1.00 11.67 ? 4   GLY A O   1 
ATOM   32   N  N   . ARG A 1 5   ? 5.549   0.189   13.537  1.00 13.38 ? 5   ARG A N   1 
ATOM   33   C  CA  . ARG A 1 5   ? 6.304   -0.289  12.595  1.00 11.67 ? 5   ARG A CA  1 
ATOM   34   C  C   . ARG A 1 5   ? 6.414   -1.903  12.423  1.00 11.78 ? 5   ARG A C   1 
ATOM   35   O  O   . ARG A 1 5   ? 6.224   -2.556  11.441  1.00 12.17 ? 5   ARG A O   1 
ATOM   36   C  CB  . ARG A 1 5   ? 7.726   0.301   12.767  1.00 14.09 ? 5   ARG A CB  1 
ATOM   37   C  CG  . ARG A 1 5   ? 8.673   -0.213  11.691  1.00 15.34 ? 5   ARG A CG  1 
ATOM   38   C  CD  . ARG A 1 5   ? 10.178  0.361   12.008  1.00 15.39 ? 5   ARG A CD  1 
ATOM   39   N  NE  . ARG A 1 5   ? 10.916  0.110   13.288  1.00 16.93 ? 5   ARG A NE  1 
ATOM   40   C  CZ  . ARG A 1 5   ? 11.697  -0.940  13.508  1.00 18.86 ? 5   ARG A CZ  1 
ATOM   41   N  NH1 . ARG A 1 5   ? 11.902  -1.918  12.638  1.00 15.06 ? 5   ARG A NH1 1 
ATOM   42   N  NH2 . ARG A 1 5   ? 12.309  -1.060  14.685  1.00 21.37 ? 5   ARG A NH2 1 
ATOM   43   N  N   . CYS A 1 6   ? 6.841   -2.478  13.538  1.00 11.98 ? 6   CYS A N   1 
ATOM   44   C  CA  . CYS A 1 6   ? 6.902   -3.921  13.662  1.00 11.45 ? 6   CYS A CA  1 
ATOM   45   C  C   . CYS A 1 6   ? 5.502   -4.618  13.608  1.00 11.42 ? 6   CYS A C   1 
ATOM   46   O  O   . CYS A 1 6   ? 5.395   -5.656  13.004  1.00 12.11 ? 6   CYS A O   1 
ATOM   47   C  CB  . CYS A 1 6   ? 7.705   -4.472  14.830  1.00 13.16 ? 6   CYS A CB  1 
ATOM   48   S  SG  . CYS A 1 6   ? 9.421   -3.999  14.836  1.00 14.49 ? 6   CYS A SG  1 
ATOM   49   N  N   . GLU A 1 7   ? 4.537   -3.943  14.164  1.00 11.51 ? 7   GLU A N   1 
ATOM   50   C  CA  . GLU A 1 7   ? 3.185   -4.444  14.098  1.00 10.93 ? 7   GLU A CA  1 
ATOM   51   C  C   . GLU A 1 7   ? 2.713   -4.566  12.624  1.00 10.02 ? 7   GLU A C   1 
ATOM   52   O  O   . GLU A 1 7   ? 2.114   -5.514  12.218  1.00 11.03 ? 7   GLU A O   1 
ATOM   53   C  CB  . GLU A 1 7   ? 2.255   -3.502  14.836  1.00 11.97 ? 7   GLU A CB  1 
ATOM   54   C  CG  . GLU A 1 7   ? 0.879   -3.919  14.902  1.00 14.58 ? 7   GLU A CG  1 
ATOM   55   C  CD  . GLU A 1 7   ? -0.066  -2.868  15.448  1.00 18.43 ? 7   GLU A CD  1 
ATOM   56   O  OE1 . GLU A 1 7   ? 0.303   -1.660  15.563  1.00 17.58 ? 7   GLU A OE1 1 
ATOM   57   O  OE2 . GLU A 1 7   ? -1.203  -3.246  15.851  1.00 20.05 ? 7   GLU A OE2 1 
ATOM   58   N  N   . LEU A 1 8   ? 3.007   -3.494  11.821  1.00 9.93  ? 8   LEU A N   1 
ATOM   59   C  CA  . LEU A 1 8   ? 2.616   -3.549  10.415  1.00 9.49  ? 8   LEU A CA  1 
ATOM   60   C  C   . LEU A 1 8   ? 3.395   -4.608  9.643   1.00 9.99  ? 8   LEU A C   1 
ATOM   61   O  O   . LEU A 1 8   ? 2.859   -5.321  8.816   1.00 10.54 ? 8   LEU A O   1 
ATOM   62   C  CB  . LEU A 1 8   ? 2.815   -2.175  9.741   1.00 9.54  ? 8   LEU A CB  1 
ATOM   63   C  CG  . LEU A 1 8   ? 2.378   -2.157  8.313   1.00 9.60  ? 8   LEU A CG  1 
ATOM   64   C  CD1 . LEU A 1 8   ? 0.884   -2.470  8.151   1.00 10.57 ? 8   LEU A CD1 1 
ATOM   65   C  CD2 . LEU A 1 8   ? 2.629   -0.760  7.749   1.00 11.55 ? 8   LEU A CD2 1 
ATOM   66   N  N   . ALA A 1 9   ? 4.692   -4.700  9.903   1.00 10.90 ? 9   ALA A N   1 
ATOM   67   C  CA  . ALA A 1 9   ? 5.518   -5.722  9.293   1.00 11.88 ? 9   ALA A CA  1 
ATOM   68   C  C   . ALA A 1 9   ? 4.940   -7.142  9.469   1.00 11.01 ? 9   ALA A C   1 
ATOM   69   O  O   . ALA A 1 9   ? 4.800   -7.923  8.600   1.00 11.76 ? 9   ALA A O   1 
ATOM   70   C  CB  . ALA A 1 9   ? 6.957   -5.655  9.847   1.00 12.64 ? 9   ALA A CB  1 
ATOM   71   N  N   . ALA A 1 10  ? 4.549   -7.365  10.746  1.00 11.89 ? 10  ALA A N   1 
ATOM   72   C  CA  . ALA A 1 10  ? 3.926   -8.648  11.135  1.00 12.67 ? 10  ALA A CA  1 
ATOM   73   C  C   . ALA A 1 10  ? 2.643   -8.854  10.364  1.00 12.49 ? 10  ALA A C   1 
ATOM   74   O  O   . ALA A 1 10  ? 2.376   -10.000 9.856   1.00 13.91 ? 10  ALA A O   1 
ATOM   75   C  CB  . ALA A 1 10  ? 3.717   -8.766  12.625  1.00 13.69 ? 10  ALA A CB  1 
ATOM   76   N  N   . ALA A 1 11  ? 1.777   -7.873  10.325  1.00 11.35 ? 11  ALA A N   1 
ATOM   77   C  CA  . ALA A 1 11  ? 0.569   -7.981  9.623   1.00 11.86 ? 11  ALA A CA  1 
ATOM   78   C  C   . ALA A 1 11  ? 0.743   -8.230  8.157   1.00 11.40 ? 11  ALA A C   1 
ATOM   79   O  O   . ALA A 1 11  ? 0.020   -9.034  7.505   1.00 12.58 ? 11  ALA A O   1 
ATOM   80   C  CB  . ALA A 1 11  ? -0.343  -6.793  9.882   1.00 13.48 ? 11  ALA A CB  1 
ATOM   81   N  N   . MET A 1 12  ? 1.676   -7.494  7.519   1.00 11.08 ? 12  MET A N   1 
ATOM   82   C  CA  . MET A 1 12  ? 1.948   -7.699  6.135   1.00 10.92 ? 12  MET A CA  1 
ATOM   83   C  C   . MET A 1 12  ? 2.413   -9.109  5.861   1.00 11.65 ? 12  MET A C   1 
ATOM   84   O  O   . MET A 1 12  ? 2.034   -9.684  4.845   1.00 13.01 ? 12  MET A O   1 
ATOM   85   C  CB  . MET A 1 12  ? 2.935   -6.622  5.627   1.00 9.67  ? 12  MET A CB  1 
ATOM   86   C  CG  . MET A 1 12  ? 2.310   -5.227  5.550   1.00 9.11  ? 12  MET A CG  1 
ATOM   87   S  SD  . MET A 1 12  ? 3.562   -4.069  5.044   1.00 9.91  ? 12  MET A SD  1 
ATOM   88   C  CE  . MET A 1 12  ? 2.558   -2.838  4.271   1.00 10.75 ? 12  MET A CE  1 
ATOM   89   N  N   . LYS A 1 13  ? 3.287   -9.606  6.737   1.00 13.75 ? 13  LYS A N   1 
ATOM   90   C  CA  . LYS A 1 13  ? 3.797   -11.013 6.555   1.00 14.25 ? 13  LYS A CA  1 
ATOM   91   C  C   . LYS A 1 13  ? 2.667   -11.995 6.715   1.00 14.42 ? 13  LYS A C   1 
ATOM   92   O  O   . LYS A 1 13  ? 2.480   -12.930 5.858   1.00 16.37 ? 13  LYS A O   1 
ATOM   93   C  CB  . LYS A 1 13  ? 4.879   -11.274 7.568   1.00 15.11 ? 13  LYS A CB  1 
ATOM   94   C  CG  . LYS A 1 13  ? 5.452   -12.728 7.501   1.00 16.93 ? 13  LYS A CG  1 
ATOM   95   C  CD  . LYS A 1 13  ? 6.788   -12.756 8.323   1.00 21.63 ? 13  LYS A CD  1 
ATOM   96   C  CE  . LYS A 1 13  ? 7.686   -13.977 8.122   1.00 29.40 ? 13  LYS A CE  1 
ATOM   97   N  NZ  . LYS A 1 13  ? 6.812   -15.104 8.377   1.00 31.61 ? 13  LYS A NZ  1 
ATOM   98   N  N   . ARG A 1 14  ? 1.816   -11.821 7.665   1.00 15.14 ? 14  ARG A N   1 
ATOM   99   C  CA  A ARG A 1 14  ? 0.707   -12.751 7.858   0.50 16.34 ? 14  ARG A CA  1 
ATOM   100  C  CA  B ARG A 1 14  ? 0.708   -12.762 7.818   0.50 16.32 ? 14  ARG A CA  1 
ATOM   101  C  C   . ARG A 1 14  ? -0.166  -12.766 6.596   1.00 15.14 ? 14  ARG A C   1 
ATOM   102  O  O   . ARG A 1 14  ? -0.728  -13.819 6.249   1.00 17.36 ? 14  ARG A O   1 
ATOM   103  C  CB  A ARG A 1 14  ? -0.064  -12.274 9.132   0.50 17.74 ? 14  ARG A CB  1 
ATOM   104  C  CB  B ARG A 1 14  ? -0.188  -12.365 9.006   0.50 18.41 ? 14  ARG A CB  1 
ATOM   105  C  CG  A ARG A 1 14  ? -1.338  -13.022 9.541   0.50 20.08 ? 14  ARG A CG  1 
ATOM   106  C  CG  B ARG A 1 14  ? -1.344  -13.367 9.181   0.50 21.45 ? 14  ARG A CG  1 
ATOM   107  C  CD  A ARG A 1 14  ? -1.258  -14.552 9.703   0.50 19.13 ? 14  ARG A CD  1 
ATOM   108  C  CD  B ARG A 1 14  ? -2.082  -13.355 10.492  0.50 20.54 ? 14  ARG A CD  1 
ATOM   109  N  NE  A ARG A 1 14  ? -2.638  -15.006 9.505   0.50 20.39 ? 14  ARG A NE  1 
ATOM   110  N  NE  B ARG A 1 14  ? -3.124  -12.327 10.564  0.50 21.72 ? 14  ARG A NE  1 
ATOM   111  C  CZ  A ARG A 1 14  ? -3.096  -16.165 9.124   0.50 15.21 ? 14  ARG A CZ  1 
ATOM   112  C  CZ  B ARG A 1 14  ? -4.419  -12.382 10.129  0.50 19.44 ? 14  ARG A CZ  1 
ATOM   113  N  NH1 A ARG A 1 14  ? -4.377  -16.255 8.969   0.50 21.78 ? 14  ARG A NH1 1 
ATOM   114  N  NH1 B ARG A 1 14  ? -5.147  -11.274 10.324  0.50 24.22 ? 14  ARG A NH1 1 
ATOM   115  N  NH2 A ARG A 1 14  ? -2.331  -17.172 8.765   0.50 22.34 ? 14  ARG A NH2 1 
ATOM   116  N  NH2 B ARG A 1 14  ? -5.077  -13.388 9.516   0.50 16.01 ? 14  ARG A NH2 1 
ATOM   117  N  N   . HIS A 1 15  ? -0.329  -11.597 5.899   1.00 14.46 ? 15  HIS A N   1 
ATOM   118  C  CA  . HIS A 1 15  ? -1.189  -11.479 4.734   1.00 14.22 ? 15  HIS A CA  1 
ATOM   119  C  C   . HIS A 1 15  ? -0.481  -11.766 3.453   1.00 13.91 ? 15  HIS A C   1 
ATOM   120  O  O   . HIS A 1 15  ? -1.011  -11.489 2.347   1.00 16.65 ? 15  HIS A O   1 
ATOM   121  C  CB  . HIS A 1 15  ? -1.851  -10.065 4.665   1.00 14.42 ? 15  HIS A CB  1 
ATOM   122  C  CG  . HIS A 1 15  ? -2.925  -9.875  5.678   1.00 15.19 ? 15  HIS A CG  1 
ATOM   123  N  ND1 . HIS A 1 15  ? -2.733  -9.496  6.964   1.00 17.71 ? 15  HIS A ND1 1 
ATOM   124  C  CD2 . HIS A 1 15  ? -4.243  -10.056 5.539   1.00 21.73 ? 15  HIS A CD2 1 
ATOM   125  C  CE1 . HIS A 1 15  ? -3.924  -9.417  7.588   1.00 18.80 ? 15  HIS A CE1 1 
ATOM   126  N  NE2 . HIS A 1 15  ? -4.830  -9.812  6.749   1.00 22.79 ? 15  HIS A NE2 1 
ATOM   127  N  N   . GLY A 1 16  ? 0.714   -12.293 3.496   1.00 14.31 ? 16  GLY A N   1 
ATOM   128  C  CA  . GLY A 1 16  ? 1.344   -12.845 2.318   1.00 15.95 ? 16  GLY A CA  1 
ATOM   129  C  C   . GLY A 1 16  ? 2.171   -11.894 1.489   1.00 14.83 ? 16  GLY A C   1 
ATOM   130  O  O   . GLY A 1 16  ? 2.542   -12.175 0.372   1.00 15.44 ? 16  GLY A O   1 
ATOM   131  N  N   . LEU A 1 17  ? 2.566   -10.752 2.049   1.00 14.89 ? 17  LEU A N   1 
ATOM   132  C  CA  . LEU A 1 17  ? 3.475   -9.815  1.288   1.00 15.57 ? 17  LEU A CA  1 
ATOM   133  C  C   . LEU A 1 17  ? 4.952   -10.033 1.346   1.00 17.52 ? 17  LEU A C   1 
ATOM   134  O  O   . LEU A 1 17  ? 5.679   -9.447  0.534   1.00 16.56 ? 17  LEU A O   1 
ATOM   135  C  CB  . LEU A 1 17  ? 3.272   -8.357  1.743   1.00 14.60 ? 17  LEU A CB  1 
ATOM   136  C  CG  . LEU A 1 17  ? 2.003   -7.792  1.233   1.00 14.84 ? 17  LEU A CG  1 
ATOM   137  C  CD1 . LEU A 1 17  ? 1.902   -6.292  1.698   1.00 12.74 ? 17  LEU A CD1 1 
ATOM   138  C  CD2 . LEU A 1 17  ? 1.879   -7.704  -0.326  1.00 12.41 ? 17  LEU A CD2 1 
ATOM   139  N  N   . ASP A 1 18  ? 5.432   -10.906 2.283   1.00 18.06 ? 18  ASP A N   1 
ATOM   140  C  CA  . ASP A 1 18  ? 6.815   -11.055 2.480   1.00 21.03 ? 18  ASP A CA  1 
ATOM   141  C  C   . ASP A 1 18  ? 7.355   -11.724 1.224   1.00 18.75 ? 18  ASP A C   1 
ATOM   142  O  O   . ASP A 1 18  ? 7.016   -12.912 0.912   1.00 20.85 ? 18  ASP A O   1 
ATOM   143  C  CB  . ASP A 1 18  ? 7.059   -11.873 3.747   1.00 24.06 ? 18  ASP A CB  1 
ATOM   144  C  CG  . ASP A 1 18  ? 8.442   -11.945 4.123   1.00 29.59 ? 18  ASP A CG  1 
ATOM   145  O  OD1 . ASP A 1 18  ? 9.308   -11.462 3.391   1.00 31.90 ? 18  ASP A OD1 1 
ATOM   146  O  OD2 . ASP A 1 18  ? 8.675   -12.545 5.214   1.00 37.77 ? 18  ASP A OD2 1 
ATOM   147  N  N   . ASN A 1 19  ? 8.178   -11.029 0.427   1.00 17.33 ? 19  ASN A N   1 
ATOM   148  C  CA  . ASN A 1 19  ? 8.673   -11.515 -0.792  1.00 15.65 ? 19  ASN A CA  1 
ATOM   149  C  C   . ASN A 1 19  ? 7.728   -11.681 -1.962  1.00 14.60 ? 19  ASN A C   1 
ATOM   150  O  O   . ASN A 1 19  ? 7.988   -12.243 -2.993  1.00 15.67 ? 19  ASN A O   1 
ATOM   151  C  CB  . ASN A 1 19  ? 9.676   -12.697 -0.673  1.00 17.66 ? 19  ASN A CB  1 
ATOM   152  C  CG  . ASN A 1 19  ? 10.993  -12.117 -0.568  1.00 30.02 ? 19  ASN A CG  1 
ATOM   153  O  OD1 . ASN A 1 19  ? 11.525  -11.969 0.562   1.00 34.65 ? 19  ASN A OD1 1 
ATOM   154  N  ND2 . ASN A 1 19  ? 11.394  -11.435 -1.679  1.00 30.31 ? 19  ASN A ND2 1 
ATOM   155  N  N   . TYR A 1 20  ? 6.543   -11.008 -1.843  1.00 13.82 ? 20  TYR A N   1 
ATOM   156  C  CA  . TYR A 1 20  ? 5.573   -11.088 -2.911  1.00 12.41 ? 20  TYR A CA  1 
ATOM   157  C  C   . TYR A 1 20  ? 6.065   -10.382 -4.147  1.00 12.62 ? 20  TYR A C   1 
ATOM   158  O  O   . TYR A 1 20  ? 6.555   -9.212  -4.078  1.00 11.23 ? 20  TYR A O   1 
ATOM   159  C  CB  . TYR A 1 20  ? 4.283   -10.475 -2.443  1.00 13.07 ? 20  TYR A CB  1 
ATOM   160  C  CG  . TYR A 1 20  ? 3.118   -10.758 -3.392  1.00 11.65 ? 20  TYR A CG  1 
ATOM   161  C  CD1 . TYR A 1 20  ? 2.316   -11.923 -3.300  1.00 13.48 ? 20  TYR A CD1 1 
ATOM   162  C  CD2 . TYR A 1 20  ? 2.839   -9.916  -4.450  1.00 11.25 ? 20  TYR A CD2 1 
ATOM   163  C  CE1 . TYR A 1 20  ? 1.328   -12.179 -4.245  1.00 15.07 ? 20  TYR A CE1 1 
ATOM   164  C  CE2 . TYR A 1 20  ? 1.907   -10.183 -5.379  1.00 12.68 ? 20  TYR A CE2 1 
ATOM   165  C  CZ  . TYR A 1 20  ? 1.187   -11.365 -5.277  1.00 14.00 ? 20  TYR A CZ  1 
ATOM   166  O  OH  . TYR A 1 20  ? 0.147   -11.623 -6.193  1.00 16.75 ? 20  TYR A OH  1 
ATOM   167  N  N   . ARG A 1 21  ? 6.058   -11.089 -5.305  1.00 12.59 ? 21  ARG A N   1 
ATOM   168  C  CA  . ARG A 1 21  ? 6.651   -10.588 -6.523  1.00 13.18 ? 21  ARG A CA  1 
ATOM   169  C  C   . ARG A 1 21  ? 8.118   -10.186 -6.334  1.00 11.91 ? 21  ARG A C   1 
ATOM   170  O  O   . ARG A 1 21  ? 8.599   -9.354  -7.048  1.00 12.57 ? 21  ARG A O   1 
ATOM   171  C  CB  . ARG A 1 21  ? 5.822   -9.492  -7.138  1.00 16.40 ? 21  ARG A CB  1 
ATOM   172  C  CG  . ARG A 1 21  ? 4.513   -10.015 -7.751  1.00 20.43 ? 21  ARG A CG  1 
ATOM   173  C  CD  . ARG A 1 21  ? 4.696   -10.528 -9.152  1.00 24.17 ? 21  ARG A CD  1 
ATOM   174  N  NE  . ARG A 1 21  ? 3.525   -11.391 -9.464  1.00 36.26 ? 21  ARG A NE  1 
ATOM   175  C  CZ  . ARG A 1 21  ? 3.016   -11.526 -10.691 1.00 37.54 ? 21  ARG A CZ  1 
ATOM   176  N  NH1 . ARG A 1 21  ? 1.930   -12.300 -10.889 1.00 38.90 ? 21  ARG A NH1 1 
ATOM   177  N  NH2 . ARG A 1 21  ? 3.539   -10.846 -11.717 1.00 40.40 ? 21  ARG A NH2 1 
ATOM   178  N  N   . GLY A 1 22  ? 8.751   -10.835 -5.388  1.00 11.95 ? 22  GLY A N   1 
ATOM   179  C  CA  . GLY A 1 22  ? 10.184  -10.578 -5.144  1.00 11.42 ? 22  GLY A CA  1 
ATOM   180  C  C   . GLY A 1 22  ? 10.528  -9.384  -4.264  1.00 10.29 ? 22  GLY A C   1 
ATOM   181  O  O   . GLY A 1 22  ? 11.665  -9.067  -4.061  1.00 10.67 ? 22  GLY A O   1 
ATOM   182  N  N   . TYR A 1 23  ? 9.489   -8.758  -3.664  1.00 9.19  ? 23  TYR A N   1 
ATOM   183  C  CA  . TYR A 1 23  ? 9.720   -7.558  -2.810  1.00 8.69  ? 23  TYR A CA  1 
ATOM   184  C  C   . TYR A 1 23  ? 9.687   -7.936  -1.376  1.00 10.37 ? 23  TYR A C   1 
ATOM   185  O  O   . TYR A 1 23  ? 8.697   -8.385  -0.811  1.00 10.05 ? 23  TYR A O   1 
ATOM   186  C  CB  . TYR A 1 23  ? 8.645   -6.486  -3.151  1.00 9.15  ? 23  TYR A CB  1 
ATOM   187  C  CG  . TYR A 1 23  ? 8.859   -5.850  -4.482  1.00 8.91  ? 23  TYR A CG  1 
ATOM   188  C  CD1 . TYR A 1 23  ? 9.727   -4.812  -4.631  1.00 8.42  ? 23  TYR A CD1 1 
ATOM   189  C  CD2 . TYR A 1 23  ? 8.182   -6.377  -5.611  1.00 9.28  ? 23  TYR A CD2 1 
ATOM   190  C  CE1 . TYR A 1 23  ? 9.950   -4.237  -5.849  1.00 8.90  ? 23  TYR A CE1 1 
ATOM   191  C  CE2 . TYR A 1 23  ? 8.428   -5.830  -6.837  1.00 8.76  ? 23  TYR A CE2 1 
ATOM   192  C  CZ  . TYR A 1 23  ? 9.302   -4.734  -6.978  1.00 9.27  ? 23  TYR A CZ  1 
ATOM   193  O  OH  . TYR A 1 23  ? 9.494   -4.149  -8.198  1.00 10.06 ? 23  TYR A OH  1 
ATOM   194  N  N   . SER A 1 24  ? 10.861  -7.796  -0.729  1.00 11.01 ? 24  SER A N   1 
ATOM   195  C  CA  . SER A 1 24  ? 10.976  -8.126  0.701   1.00 10.64 ? 24  SER A CA  1 
ATOM   196  C  C   . SER A 1 24  ? 10.111  -7.278  1.592   1.00 9.52  ? 24  SER A C   1 
ATOM   197  O  O   . SER A 1 24  ? 9.631   -6.167  1.180   1.00 10.76 ? 24  SER A O   1 
ATOM   198  C  CB  . SER A 1 24  ? 12.405  -7.879  1.094   1.00 12.14 ? 24  SER A CB  1 
ATOM   199  O  OG  . SER A 1 24  ? 12.760  -6.507  1.094   1.00 13.53 ? 24  SER A OG  1 
ATOM   200  N  N   . LEU A 1 25  ? 9.869   -7.746  2.795   1.00 10.63 ? 25  LEU A N   1 
ATOM   201  C  CA  . LEU A 1 25  ? 8.985   -7.041  3.686   1.00 10.35 ? 25  LEU A CA  1 
ATOM   202  C  C   . LEU A 1 25  ? 9.401   -5.655  3.955   1.00 9.78  ? 25  LEU A C   1 
ATOM   203  O  O   . LEU A 1 25  ? 8.494   -4.746  4.110   1.00 10.22 ? 25  LEU A O   1 
ATOM   204  C  CB  . LEU A 1 25  ? 8.915   -7.863  4.987   1.00 12.08 ? 25  LEU A CB  1 
ATOM   205  C  CG  . LEU A 1 25  ? 7.873   -7.601  5.955   1.00 14.03 ? 25  LEU A CG  1 
ATOM   206  C  CD1 . LEU A 1 25  ? 6.435   -7.750  5.379   1.00 14.70 ? 25  LEU A CD1 1 
ATOM   207  C  CD2 . LEU A 1 25  ? 8.069   -8.516  7.195   1.00 14.29 ? 25  LEU A CD2 1 
ATOM   208  N  N   . GLY A 1 26  ? 10.664  -5.338  4.078   1.00 9.78  ? 26  GLY A N   1 
ATOM   209  C  CA  . GLY A 1 26  ? 11.069  -3.969  4.310   1.00 9.39  ? 26  GLY A CA  1 
ATOM   210  C  C   . GLY A 1 26  ? 10.676  -3.059  3.206   1.00 8.26  ? 26  GLY A C   1 
ATOM   211  O  O   . GLY A 1 26  ? 10.438  -1.817  3.458   1.00 8.71  ? 26  GLY A O   1 
ATOM   212  N  N   . ASN A 1 27  ? 10.622  -3.508  1.951   1.00 8.83  ? 27  ASN A N   1 
ATOM   213  C  CA  . ASN A 1 27  ? 10.094  -2.686  0.870   1.00 8.01  ? 27  ASN A CA  1 
ATOM   214  C  C   . ASN A 1 27  ? 8.643   -2.240  1.134   1.00 7.37  ? 27  ASN A C   1 
ATOM   215  O  O   . ASN A 1 27  ? 8.321   -1.042  0.882   1.00 7.89  ? 27  ASN A O   1 
ATOM   216  C  CB  . ASN A 1 27  ? 10.211  -3.367  -0.490  1.00 9.25  ? 27  ASN A CB  1 
ATOM   217  C  CG  . ASN A 1 27  ? 11.602  -3.304  -1.043  1.00 8.29  ? 27  ASN A CG  1 
ATOM   218  O  OD1 . ASN A 1 27  ? 12.023  -2.315  -1.502  1.00 9.19  ? 27  ASN A OD1 1 
ATOM   219  N  ND2 . ASN A 1 27  ? 12.360  -4.436  -0.945  1.00 10.36 ? 27  ASN A ND2 1 
ATOM   220  N  N   . TRP A 1 28  ? 7.830   -3.164  1.542   1.00 7.81  ? 28  TRP A N   1 
ATOM   221  C  CA  . TRP A 1 28  ? 6.412   -2.877  1.785   1.00 7.65  ? 28  TRP A CA  1 
ATOM   222  C  C   . TRP A 1 28  ? 6.233   -1.956  2.988   1.00 8.01  ? 28  TRP A C   1 
ATOM   223  O  O   . TRP A 1 28  ? 5.398   -1.045  2.940   1.00 8.01  ? 28  TRP A O   1 
ATOM   224  C  CB  . TRP A 1 28  ? 5.672   -4.179  1.987   1.00 8.61  ? 28  TRP A CB  1 
ATOM   225  C  CG  . TRP A 1 28  ? 5.645   -5.053  0.770   1.00 8.03  ? 28  TRP A CG  1 
ATOM   226  C  CD1 . TRP A 1 28  ? 6.375   -6.171  0.527   1.00 9.50  ? 28  TRP A CD1 1 
ATOM   227  C  CD2 . TRP A 1 28  ? 4.880   -4.812  -0.423  1.00 8.08  ? 28  TRP A CD2 1 
ATOM   228  N  NE1 . TRP A 1 28  ? 6.091   -6.636  -0.741  1.00 9.21  ? 28  TRP A NE1 1 
ATOM   229  C  CE2 . TRP A 1 28  ? 5.169   -5.828  -1.325  1.00 8.73  ? 28  TRP A CE2 1 
ATOM   230  C  CE3 . TRP A 1 28  ? 3.932   -3.838  -0.770  1.00 8.88  ? 28  TRP A CE3 1 
ATOM   231  C  CZ2 . TRP A 1 28  ? 4.561   -5.903  -2.567  1.00 10.54 ? 28  TRP A CZ2 1 
ATOM   232  C  CZ3 . TRP A 1 28  ? 3.314   -3.933  -2.009  1.00 9.83  ? 28  TRP A CZ3 1 
ATOM   233  C  CH2 . TRP A 1 28  ? 3.663   -4.968  -2.919  1.00 10.22 ? 28  TRP A CH2 1 
ATOM   234  N  N   . VAL A 1 29  ? 7.026   -2.178  4.047   1.00 8.19  ? 29  VAL A N   1 
ATOM   235  C  CA  . VAL A 1 29  ? 6.951   -1.311  5.218   1.00 8.22  ? 29  VAL A CA  1 
ATOM   236  C  C   . VAL A 1 29  ? 7.418   0.078   4.890   1.00 7.85  ? 29  VAL A C   1 
ATOM   237  O  O   . VAL A 1 29  ? 6.803   1.087   5.275   1.00 7.97  ? 29  VAL A O   1 
ATOM   238  C  CB  . VAL A 1 29  ? 7.701   -1.924  6.408   1.00 8.53  ? 29  VAL A CB  1 
ATOM   239  C  CG1 . VAL A 1 29  ? 7.708   -1.003  7.630   1.00 8.67  ? 29  VAL A CG1 1 
ATOM   240  C  CG2 . VAL A 1 29  ? 7.117   -3.244  6.846   1.00 9.75  ? 29  VAL A CG2 1 
ATOM   241  N  N   . CYS A 1 30  ? 8.534   0.194   4.177   1.00 8.20  ? 30  CYS A N   1 
ATOM   242  C  CA  . CYS A 1 30  ? 9.015   1.489   3.744   1.00 7.79  ? 30  CYS A CA  1 
ATOM   243  C  C   . CYS A 1 30  ? 7.977   2.246   2.883   1.00 7.93  ? 30  CYS A C   1 
ATOM   244  O  O   . CYS A 1 30  ? 7.752   3.442   3.107   1.00 7.75  ? 30  CYS A O   1 
ATOM   245  C  CB  . CYS A 1 30  ? 10.345  1.278   2.955   1.00 8.20  ? 30  CYS A CB  1 
ATOM   246  S  SG  . CYS A 1 30  ? 11.159  2.831   2.498   1.00 9.15  ? 30  CYS A SG  1 
ATOM   247  N  N   . ALA A 1 31  ? 7.371   1.504   1.962   1.00 7.80  ? 31  ALA A N   1 
ATOM   248  C  CA  . ALA A 1 31  ? 6.357   2.157   1.142   1.00 7.36  ? 31  ALA A CA  1 
ATOM   249  C  C   . ALA A 1 31  ? 5.232   2.689   2.017   1.00 7.37  ? 31  ALA A C   1 
ATOM   250  O  O   . ALA A 1 31  ? 4.759   3.845   1.829   1.00 7.85  ? 31  ALA A O   1 
ATOM   251  C  CB  . ALA A 1 31  ? 5.836   1.227   0.066   1.00 8.47  ? 31  ALA A CB  1 
ATOM   252  N  N   . ALA A 1 32  ? 4.748   1.868   2.929   1.00 7.08  ? 32  ALA A N   1 
ATOM   253  C  CA  . ALA A 1 32  ? 3.634   2.312   3.791   1.00 7.01  ? 32  ALA A CA  1 
ATOM   254  C  C   . ALA A 1 32  ? 4.080   3.500   4.634   1.00 7.26  ? 32  ALA A C   1 
ATOM   255  O  O   . ALA A 1 32  ? 3.254   4.428   4.895   1.00 7.50  ? 32  ALA A O   1 
ATOM   256  C  CB  . ALA A 1 32  ? 3.195   1.158   4.652   1.00 7.48  ? 32  ALA A CB  1 
ATOM   257  N  N   . LYS A 1 33  ? 5.319   3.527   5.150   1.00 7.19  ? 33  LYS A N   1 
ATOM   258  C  CA  . LYS A 1 33  ? 5.773   4.632   5.945   1.00 7.41  ? 33  LYS A CA  1 
ATOM   259  C  C   . LYS A 1 33  ? 5.607   5.960   5.187   1.00 7.28  ? 33  LYS A C   1 
ATOM   260  O  O   . LYS A 1 33  ? 5.053   6.926   5.724   1.00 8.03  ? 33  LYS A O   1 
ATOM   261  C  CB  . LYS A 1 33  ? 7.262   4.453   6.333   1.00 8.20  ? 33  LYS A CB  1 
ATOM   262  C  CG  . LYS A 1 33  ? 7.867   5.657   7.040   1.00 10.24 ? 33  LYS A CG  1 
ATOM   263  C  CD  . LYS A 1 33  ? 7.336   5.838   8.389   1.00 12.80 ? 33  LYS A CD  1 
ATOM   264  C  CE  . LYS A 1 33  ? 8.017   6.991   9.109   1.00 14.75 ? 33  LYS A CE  1 
ATOM   265  N  NZ  . LYS A 1 33  ? 7.426   7.033   10.503  1.00 16.99 ? 33  LYS A NZ  1 
ATOM   266  N  N   . PHE A 1 34  ? 6.112   5.987   3.968   1.00 7.36  ? 34  PHE A N   1 
ATOM   267  C  CA  . PHE A 1 34  ? 6.114   7.232   3.227   1.00 7.47  ? 34  PHE A CA  1 
ATOM   268  C  C   . PHE A 1 34  ? 4.797   7.497   2.541   1.00 7.73  ? 34  PHE A C   1 
ATOM   269  O  O   . PHE A 1 34  ? 4.503   8.710   2.266   1.00 9.60  ? 34  PHE A O   1 
ATOM   270  C  CB  . PHE A 1 34  ? 7.309   7.329   2.318   1.00 8.57  ? 34  PHE A CB  1 
ATOM   271  C  CG  . PHE A 1 34  ? 8.627   7.315   3.111   1.00 8.48  ? 34  PHE A CG  1 
ATOM   272  C  CD1 . PHE A 1 34  ? 8.811   8.273   4.078   1.00 9.12  ? 34  PHE A CD1 1 
ATOM   273  C  CD2 . PHE A 1 34  ? 9.580   6.342   2.979   1.00 11.12 ? 34  PHE A CD2 1 
ATOM   274  C  CE1 . PHE A 1 34  ? 10.001  8.297   4.840   1.00 10.42 ? 34  PHE A CE1 1 
ATOM   275  C  CE2 . PHE A 1 34  ? 10.748  6.342   3.732   1.00 13.43 ? 34  PHE A CE2 1 
ATOM   276  C  CZ  . PHE A 1 34  ? 10.914  7.345   4.604   1.00 12.41 ? 34  PHE A CZ  1 
ATOM   277  N  N   . GLU A 1 35  ? 3.986   6.517   2.262   1.00 6.80  ? 35  GLU A N   1 
ATOM   278  C  CA  . GLU A 1 35  ? 2.651   6.785   1.698   1.00 7.04  ? 35  GLU A CA  1 
ATOM   279  C  C   . GLU A 1 35  ? 1.719   7.291   2.722   1.00 7.29  ? 35  GLU A C   1 
ATOM   280  O  O   . GLU A 1 35  ? 0.912   8.234   2.452   1.00 7.69  ? 35  GLU A O   1 
ATOM   281  C  CB  . GLU A 1 35  ? 2.118   5.519   1.045   1.00 7.17  ? 35  GLU A CB  1 
ATOM   282  C  CG  . GLU A 1 35  ? 2.830   5.085   -0.205  1.00 7.62  ? 35  GLU A CG  1 
ATOM   283  C  CD  . GLU A 1 35  ? 2.668   6.007   -1.345  1.00 8.11  ? 35  GLU A CD  1 
ATOM   284  O  OE1 . GLU A 1 35  ? 1.960   7.057   -1.287  1.00 9.05  ? 35  GLU A OE1 1 
ATOM   285  O  OE2 . GLU A 1 35  ? 3.354   5.696   -2.390  1.00 9.38  ? 35  GLU A OE2 1 
ATOM   286  N  N   . SER A 1 36  ? 1.692   6.715   3.947   1.00 7.31  ? 36  SER A N   1 
ATOM   287  C  CA  . SER A 1 36  ? 0.610   6.991   4.912   1.00 7.29  ? 36  SER A CA  1 
ATOM   288  C  C   . SER A 1 36  ? 1.093   7.217   6.296   1.00 7.61  ? 36  SER A C   1 
ATOM   289  O  O   . SER A 1 36  ? 0.271   7.450   7.198   1.00 7.96  ? 36  SER A O   1 
ATOM   290  C  CB  . SER A 1 36  ? -0.329  5.809   4.945   1.00 7.59  ? 36  SER A CB  1 
ATOM   291  O  OG  . SER A 1 36  ? 0.331   4.659   5.486   1.00 7.27  ? 36  SER A OG  1 
ATOM   292  N  N   . ASN A 1 37  ? 2.393   7.121   6.596   1.00 7.53  ? 37  ASN A N   1 
ATOM   293  C  CA  . ASN A 1 37  ? 2.870   7.139   7.995   1.00 8.31  ? 37  ASN A CA  1 
ATOM   294  C  C   . ASN A 1 37  ? 2.213   6.050   8.798   1.00 7.85  ? 37  ASN A C   1 
ATOM   295  O  O   . ASN A 1 37  ? 2.000   6.234   10.019  1.00 8.69  ? 37  ASN A O   1 
ATOM   296  C  CB  . ASN A 1 37  ? 2.867   8.489   8.652   1.00 10.52 ? 37  ASN A CB  1 
ATOM   297  C  CG  . ASN A 1 37  ? 4.006   8.618   9.730   1.00 11.85 ? 37  ASN A CG  1 
ATOM   298  O  OD1 . ASN A 1 37  ? 4.872   7.828   9.844   1.00 14.23 ? 37  ASN A OD1 1 
ATOM   299  N  ND2 . ASN A 1 37  ? 3.820   9.607   10.626  1.00 16.27 ? 37  ASN A ND2 1 
ATOM   300  N  N   . PHE A 1 38  ? 1.886   4.925   8.182   1.00 7.09  ? 38  PHE A N   1 
ATOM   301  C  CA  . PHE A 1 38  ? 1.315   3.756   8.813   1.00 7.23  ? 38  PHE A CA  1 
ATOM   302  C  C   . PHE A 1 38  ? -0.125  3.943   9.269   1.00 7.19  ? 38  PHE A C   1 
ATOM   303  O  O   . PHE A 1 38  ? -0.652  3.157   10.062  1.00 7.88  ? 38  PHE A O   1 
ATOM   304  C  CB  . PHE A 1 38  ? 2.170   3.230   9.957   1.00 7.85  ? 38  PHE A CB  1 
ATOM   305  C  CG  . PHE A 1 38  ? 3.598   2.926   9.638   1.00 6.98  ? 38  PHE A CG  1 
ATOM   306  C  CD1 . PHE A 1 38  ? 4.025   2.372   8.452   1.00 7.45  ? 38  PHE A CD1 1 
ATOM   307  C  CD2 . PHE A 1 38  ? 4.572   3.123   10.629  1.00 8.84  ? 38  PHE A CD2 1 
ATOM   308  C  CE1 . PHE A 1 38  ? 5.342   2.021   8.238   1.00 8.15  ? 38  PHE A CE1 1 
ATOM   309  C  CE2 . PHE A 1 38  ? 5.891   2.737   10.424  1.00 9.36  ? 38  PHE A CE2 1 
ATOM   310  C  CZ  . PHE A 1 38  ? 6.281   2.176   9.235   1.00 8.78  ? 38  PHE A CZ  1 
ATOM   311  N  N   . ASN A 1 39  ? -0.816  4.961   8.724   1.00 7.22  ? 39  ASN A N   1 
ATOM   312  C  CA  . ASN A 1 39  ? -2.193  5.296   9.079   1.00 6.99  ? 39  ASN A CA  1 
ATOM   313  C  C   . ASN A 1 39  ? -3.167  4.719   8.101   1.00 6.44  ? 39  ASN A C   1 
ATOM   314  O  O   . ASN A 1 39  ? -3.185  5.162   6.931   1.00 7.46  ? 39  ASN A O   1 
ATOM   315  C  CB  . ASN A 1 39  ? -2.308  6.780   9.189   1.00 7.42  ? 39  ASN A CB  1 
ATOM   316  C  CG  . ASN A 1 39  ? -3.672  7.228   9.750   1.00 7.44  ? 39  ASN A CG  1 
ATOM   317  O  OD1 . ASN A 1 39  ? -4.565  6.477   9.921   1.00 7.92  ? 39  ASN A OD1 1 
ATOM   318  N  ND2 . ASN A 1 39  ? -3.716  8.558   10.169  1.00 11.80 ? 39  ASN A ND2 1 
ATOM   319  N  N   . THR A 1 40  ? -3.979  3.749   8.485   1.00 7.10  ? 40  THR A N   1 
ATOM   320  C  CA  . THR A 1 40  ? -4.942  3.166   7.579   1.00 8.05  ? 40  THR A CA  1 
ATOM   321  C  C   . THR A 1 40  ? -5.952  4.175   7.053   1.00 6.95  ? 40  THR A C   1 
ATOM   322  O  O   . THR A 1 40  ? -6.551  3.928   6.009   1.00 8.03  ? 40  THR A O   1 
ATOM   323  C  CB  . THR A 1 40  ? -5.687  1.975   8.156   1.00 8.55  ? 40  THR A CB  1 
ATOM   324  O  OG1 . THR A 1 40  ? -6.598  2.407   9.174   1.00 10.05 ? 40  THR A OG1 1 
ATOM   325  C  CG2 . THR A 1 40  ? -4.797  0.882   8.688   1.00 9.13  ? 40  THR A CG2 1 
ATOM   326  N  N   . GLN A 1 41  ? -6.201  5.246   7.796   1.00 6.72  ? 41  GLN A N   1 
ATOM   327  C  CA  . GLN A 1 41  ? -7.248  6.175   7.399   1.00 6.86  ? 41  GLN A CA  1 
ATOM   328  C  C   . GLN A 1 41  ? -6.716  7.294   6.489   1.00 7.91  ? 41  GLN A C   1 
ATOM   329  O  O   . GLN A 1 41  ? -7.529  8.189   6.120   1.00 9.53  ? 41  GLN A O   1 
ATOM   330  C  CB  . GLN A 1 41  ? -7.939  6.789   8.602   1.00 7.18  ? 41  GLN A CB  1 
ATOM   331  C  CG  . GLN A 1 41  ? -8.673  5.712   9.439   1.00 8.37  ? 41  GLN A CG  1 
ATOM   332  C  CD  . GLN A 1 41  ? -9.587  6.316   10.395  1.00 8.51  ? 41  GLN A CD  1 
ATOM   333  O  OE1 . GLN A 1 41  ? -10.738 6.712   10.006  1.00 11.23 ? 41  GLN A OE1 1 
ATOM   334  N  NE2 . GLN A 1 41  ? -9.185  6.469   11.642  1.00 9.33  ? 41  GLN A NE2 1 
ATOM   335  N  N   . ALA A 1 42  ? -5.474  7.265   6.063   1.00 7.28  ? 42  ALA A N   1 
ATOM   336  C  CA  . ALA A 1 42  ? -4.930  8.297   5.212   1.00 8.25  ? 42  ALA A CA  1 
ATOM   337  C  C   . ALA A 1 42  ? -5.666  8.381   3.877   1.00 6.75  ? 42  ALA A C   1 
ATOM   338  O  O   . ALA A 1 42  ? -5.899  7.384   3.212   1.00 7.21  ? 42  ALA A O   1 
ATOM   339  C  CB  . ALA A 1 42  ? -3.466  7.946   4.926   1.00 9.04  ? 42  ALA A CB  1 
ATOM   340  N  N   . THR A 1 43  ? -5.961  9.630   3.456   1.00 8.24  ? 43  THR A N   1 
ATOM   341  C  CA  . THR A 1 43  ? -6.496  9.896   2.137   1.00 8.87  ? 43  THR A CA  1 
ATOM   342  C  C   . THR A 1 43  ? -5.776  11.101  1.585   1.00 9.93  ? 43  THR A C   1 
ATOM   343  O  O   . THR A 1 43  ? -5.364  12.038  2.333   1.00 11.47 ? 43  THR A O   1 
ATOM   344  C  CB  . THR A 1 43  ? -7.949  10.218  2.154   1.00 9.60  ? 43  THR A CB  1 
ATOM   345  O  OG1 . THR A 1 43  ? -8.238  11.380  2.940   1.00 10.62 ? 43  THR A OG1 1 
ATOM   346  C  CG2 . THR A 1 43  ? -8.788  9.041   2.631   1.00 10.06 ? 43  THR A CG2 1 
ATOM   347  N  N   . ASN A 1 44  ? -5.631  11.165  0.239   1.00 7.92  ? 44  ASN A N   1 
ATOM   348  C  CA  . ASN A 1 44  ? -5.039  12.351  -0.370  1.00 8.36  ? 44  ASN A CA  1 
ATOM   349  C  C   . ASN A 1 44  ? -5.642  12.462  -1.776  1.00 8.03  ? 44  ASN A C   1 
ATOM   350  O  O   . ASN A 1 44  ? -5.655  11.555  -2.531  1.00 9.25  ? 44  ASN A O   1 
ATOM   351  C  CB  . ASN A 1 44  ? -3.560  12.232  -0.431  1.00 11.27 ? 44  ASN A CB  1 
ATOM   352  C  CG  . ASN A 1 44  ? -2.922  12.450  0.957   1.00 13.76 ? 44  ASN A CG  1 
ATOM   353  O  OD1 . ASN A 1 44  ? -2.918  13.600  1.558   1.00 17.19 ? 44  ASN A OD1 1 
ATOM   354  N  ND2 . ASN A 1 44  ? -2.427  11.370  1.541   1.00 14.54 ? 44  ASN A ND2 1 
ATOM   355  N  N   . ARG A 1 45  ? -6.033  13.679  -2.085  1.00 9.25  ? 45  ARG A N   1 
ATOM   356  C  CA  . ARG A 1 45  ? -6.647  14.033  -3.368  1.00 10.51 ? 45  ARG A CA  1 
ATOM   357  C  C   . ARG A 1 45  ? -5.554  14.336  -4.365  1.00 11.56 ? 45  ARG A C   1 
ATOM   358  O  O   . ARG A 1 45  ? -4.639  15.153  -4.042  1.00 14.79 ? 45  ARG A O   1 
ATOM   359  C  CB  . ARG A 1 45  ? -7.522  15.220  -3.208  1.00 13.57 ? 45  ARG A CB  1 
ATOM   360  C  CG  . ARG A 1 45  ? -8.342  15.803  -4.344  1.00 15.28 ? 45  ARG A CG  1 
ATOM   361  C  CD  A ARG A 1 45  ? -9.208  14.989  -4.944  0.50 11.31 ? 45  ARG A CD  1 
ATOM   362  C  CD  B ARG A 1 45  ? -9.531  14.732  -4.502  0.50 17.04 ? 45  ARG A CD  1 
ATOM   363  N  NE  A ARG A 1 45  ? -9.998  14.141  -4.069  0.50 8.81  ? 45  ARG A NE  1 
ATOM   364  N  NE  B ARG A 1 45  ? -10.497 14.443  -5.664  0.50 14.39 ? 45  ARG A NE  1 
ATOM   365  C  CZ  A ARG A 1 45  ? -10.979 14.479  -3.253  0.50 9.22  ? 45  ARG A CZ  1 
ATOM   366  C  CZ  B ARG A 1 45  ? -11.725 14.913  -5.733  0.50 12.19 ? 45  ARG A CZ  1 
ATOM   367  N  NH1 A ARG A 1 45  ? -11.558 13.506  -2.590  0.50 9.27  ? 45  ARG A NH1 1 
ATOM   368  N  NH1 B ARG A 1 45  ? -12.562 14.558  -6.771  0.50 11.72 ? 45  ARG A NH1 1 
ATOM   369  N  NH2 A ARG A 1 45  ? -11.429 15.719  -3.140  0.50 10.45 ? 45  ARG A NH2 1 
ATOM   370  N  NH2 B ARG A 1 45  ? -12.110 15.765  -4.812  0.50 13.72 ? 45  ARG A NH2 1 
ATOM   371  N  N   . ASN A 1 46  ? -5.625  13.778  -5.525  1.00 11.61 ? 46  ASN A N   1 
ATOM   372  C  CA  . ASN A 1 46  ? -4.751  14.041  -6.631  1.00 13.43 ? 46  ASN A CA  1 
ATOM   373  C  C   . ASN A 1 46  ? -5.342  15.251  -7.449  1.00 13.38 ? 46  ASN A C   1 
ATOM   374  O  O   . ASN A 1 46  ? -6.488  15.517  -7.451  1.00 16.97 ? 46  ASN A O   1 
ATOM   375  C  CB  . ASN A 1 46  ? -4.585  12.853  -7.459  1.00 13.24 ? 46  ASN A CB  1 
ATOM   376  C  CG  . ASN A 1 46  ? -4.052  11.639  -6.707  1.00 11.84 ? 46  ASN A CG  1 
ATOM   377  O  OD1 . ASN A 1 46  ? -4.603  10.527  -6.834  1.00 14.59 ? 46  ASN A OD1 1 
ATOM   378  N  ND2 . ASN A 1 46  ? -3.061  11.865  -5.869  1.00 13.82 ? 46  ASN A ND2 1 
ATOM   379  N  N   . THR A 1 47  ? -4.488  16.162  -7.936  1.00 18.85 ? 47  THR A N   1 
ATOM   380  C  CA  . THR A 1 47  ? -4.970  17.434  -8.627  1.00 19.77 ? 47  THR A CA  1 
ATOM   381  C  C   . THR A 1 47  ? -6.006  17.150  -9.749  1.00 22.34 ? 47  THR A C   1 
ATOM   382  O  O   . THR A 1 47  ? -6.875  17.985  -10.008 1.00 23.66 ? 47  THR A O   1 
ATOM   383  C  CB  . THR A 1 47  ? -3.799  18.192  -9.252  1.00 23.25 ? 47  THR A CB  1 
ATOM   384  O  OG1 . THR A 1 47  ? -3.099  17.286  -10.057 1.00 22.86 ? 47  THR A OG1 1 
ATOM   385  C  CG2 . THR A 1 47  ? -2.749  18.578  -8.210  1.00 27.35 ? 47  THR A CG2 1 
ATOM   386  N  N   . ASP A 1 48  ? -5.947  15.970  -10.340 1.00 16.27 ? 48  ASP A N   1 
ATOM   387  C  CA  . ASP A 1 48  ? -6.971  15.523  -11.325 1.00 16.71 ? 48  ASP A CA  1 
ATOM   388  C  C   . ASP A 1 48  ? -8.240  14.991  -10.838 1.00 18.56 ? 48  ASP A C   1 
ATOM   389  O  O   . ASP A 1 48  ? -9.125  14.633  -11.620 1.00 18.92 ? 48  ASP A O   1 
ATOM   390  C  CB  . ASP A 1 48  ? -6.381  14.585  -12.268 1.00 16.32 ? 48  ASP A CB  1 
ATOM   391  C  CG  . ASP A 1 48  ? -6.146  13.247  -11.753 1.00 21.77 ? 48  ASP A CG  1 
ATOM   392  O  OD1 . ASP A 1 48  ? -6.485  12.754  -10.605 1.00 17.79 ? 48  ASP A OD1 1 
ATOM   393  O  OD2 . ASP A 1 48  ? -5.520  12.574  -12.521 1.00 22.40 ? 48  ASP A OD2 1 
ATOM   394  N  N   . GLY A 1 49  ? -8.350  14.938  -9.539  1.00 15.33 ? 49  GLY A N   1 
ATOM   395  C  CA  . GLY A 1 49  ? -9.603  14.561  -8.978  1.00 14.34 ? 49  GLY A CA  1 
ATOM   396  C  C   . GLY A 1 49  ? -9.711  13.088  -8.508  1.00 12.66 ? 49  GLY A C   1 
ATOM   397  O  O   . GLY A 1 49  ? -10.683 12.801  -7.816  1.00 13.26 ? 49  GLY A O   1 
ATOM   398  N  N   . SER A 1 50  ? -8.802  12.209  -8.875  1.00 10.62 ? 50  SER A N   1 
ATOM   399  C  CA  . SER A 1 50  ? -8.713  10.886  -8.228  1.00 9.08  ? 50  SER A CA  1 
ATOM   400  C  C   . SER A 1 50  ? -8.266  11.086  -6.745  1.00 7.81  ? 50  SER A C   1 
ATOM   401  O  O   . SER A 1 50  ? -7.840  12.144  -6.393  1.00 9.24  ? 50  SER A O   1 
ATOM   402  C  CB  . SER A 1 50  ? -7.821  9.985   -8.963  1.00 9.38  ? 50  SER A CB  1 
ATOM   403  O  OG  . SER A 1 50  ? -6.491  10.436  -8.986  1.00 11.44 ? 50  SER A OG  1 
ATOM   404  N  N   . THR A 1 51  ? -8.399  10.019  -5.973  1.00 6.89  ? 51  THR A N   1 
ATOM   405  C  CA  . THR A 1 51  ? -7.996  10.050  -4.550  1.00 6.88  ? 51  THR A CA  1 
ATOM   406  C  C   . THR A 1 51  ? -7.252  8.776   -4.261  1.00 6.67  ? 51  THR A C   1 
ATOM   407  O  O   . THR A 1 51  ? -7.545  7.715   -4.769  1.00 6.97  ? 51  THR A O   1 
ATOM   408  C  CB  . THR A 1 51  ? -9.230  10.165  -3.668  1.00 7.08  ? 51  THR A CB  1 
ATOM   409  O  OG1 . THR A 1 51  ? -9.975  11.340  -4.027  1.00 7.91  ? 51  THR A OG1 1 
ATOM   410  C  CG2 . THR A 1 51  ? -8.927  10.266  -2.186  1.00 8.13  ? 51  THR A CG2 1 
ATOM   411  N  N   . ASP A 1 52  ? -6.214  8.906   -3.374  1.00 6.67  ? 52  ASP A N   1 
ATOM   412  C  CA  . ASP A 1 52  ? -5.464  7.808   -2.864  1.00 7.00  ? 52  ASP A CA  1 
ATOM   413  C  C   . ASP A 1 52  ? -5.904  7.424   -1.471  1.00 6.62  ? 52  ASP A C   1 
ATOM   414  O  O   . ASP A 1 52  ? -6.131  8.314   -0.617  1.00 7.05  ? 52  ASP A O   1 
ATOM   415  C  CB  . ASP A 1 52  ? -3.970  8.121   -2.822  1.00 7.77  ? 52  ASP A CB  1 
ATOM   416  C  CG  . ASP A 1 52  ? -3.382  8.351   -4.149  1.00 10.11 ? 52  ASP A CG  1 
ATOM   417  O  OD1 . ASP A 1 52  ? -3.917  8.030   -5.222  1.00 10.85 ? 52  ASP A OD1 1 
ATOM   418  O  OD2 . ASP A 1 52  ? -2.144  8.768   -4.128  1.00 13.08 ? 52  ASP A OD2 1 
ATOM   419  N  N   . TYR A 1 53  ? -6.048  6.095   -1.200  1.00 6.69  ? 53  TYR A N   1 
ATOM   420  C  CA  . TYR A 1 53  ? -6.645  5.636   0.022   1.00 6.88  ? 53  TYR A CA  1 
ATOM   421  C  C   . TYR A 1 53  ? -5.768  4.654   0.781   1.00 6.53  ? 53  TYR A C   1 
ATOM   422  O  O   . TYR A 1 53  ? -5.289  3.647   0.189   1.00 7.19  ? 53  TYR A O   1 
ATOM   423  C  CB  . TYR A 1 53  ? -7.964  4.906   -0.283  1.00 7.19  ? 53  TYR A CB  1 
ATOM   424  C  CG  . TYR A 1 53  ? -9.028  5.808   -0.888  1.00 7.34  ? 53  TYR A CG  1 
ATOM   425  C  CD1 . TYR A 1 53  ? -9.067  6.082   -2.303  1.00 6.41  ? 53  TYR A CD1 1 
ATOM   426  C  CD2 . TYR A 1 53  ? -9.977  6.384   -0.100  1.00 7.00  ? 53  TYR A CD2 1 
ATOM   427  C  CE1 . TYR A 1 53  ? -10.045 6.867   -2.789  1.00 6.53  ? 53  TYR A CE1 1 
ATOM   428  C  CE2 . TYR A 1 53  ? -10.961 7.249   -0.644  1.00 7.24  ? 53  TYR A CE2 1 
ATOM   429  C  CZ  . TYR A 1 53  ? -10.968 7.471   -1.982  1.00 6.75  ? 53  TYR A CZ  1 
ATOM   430  O  OH  . TYR A 1 53  ? -11.960 8.309   -2.486  1.00 7.04  ? 53  TYR A OH  1 
ATOM   431  N  N   . GLY A 1 54  ? -5.670  4.820   2.086   1.00 6.87  ? 54  GLY A N   1 
ATOM   432  C  CA  . GLY A 1 54  ? -5.179  3.825   2.994   1.00 7.73  ? 54  GLY A CA  1 
ATOM   433  C  C   . GLY A 1 54  ? -3.666  3.778   3.130   1.00 6.83  ? 54  GLY A C   1 
ATOM   434  O  O   . GLY A 1 54  ? -2.932  4.646   2.712   1.00 7.24  ? 54  GLY A O   1 
ATOM   435  N  N   . ILE A 1 55  ? -3.216  2.682   3.782   1.00 7.95  ? 55  ILE A N   1 
ATOM   436  C  CA  . ILE A 1 55  ? -1.818  2.561   4.190   1.00 8.93  ? 55  ILE A CA  1 
ATOM   437  C  C   . ILE A 1 55  ? -0.857  2.576   3.042   1.00 8.79  ? 55  ILE A C   1 
ATOM   438  O  O   . ILE A 1 55  ? 0.269   3.003   3.197   1.00 9.39  ? 55  ILE A O   1 
ATOM   439  C  CB  . ILE A 1 55  ? -1.508  1.299   5.004   1.00 12.97 ? 55  ILE A CB  1 
ATOM   440  C  CG1 A ILE A 1 55  ? -2.066  -0.017  4.411   0.50 11.80 ? 55  ILE A CG1 1 
ATOM   441  C  CG1 B ILE A 1 55  ? -0.689  1.616   6.324   0.50 11.61 ? 55  ILE A CG1 1 
ATOM   442  C  CG2 A ILE A 1 55  ? -1.868  1.291   6.393   0.50 10.57 ? 55  ILE A CG2 1 
ATOM   443  C  CG2 B ILE A 1 55  ? -1.640  0.038   4.196   0.50 10.59 ? 55  ILE A CG2 1 
ATOM   444  C  CD1 A ILE A 1 55  ? -1.134  -1.285  4.774   0.50 10.69 ? 55  ILE A CD1 1 
ATOM   445  C  CD1 B ILE A 1 55  ? -0.806  0.684   7.443   0.50 10.97 ? 55  ILE A CD1 1 
ATOM   446  N  N   . LEU A 1 56  ? -1.318  2.144   1.813   1.00 8.86  ? 56  LEU A N   1 
ATOM   447  C  CA  . LEU A 1 56  ? -0.533  2.147   0.628   1.00 8.09  ? 56  LEU A CA  1 
ATOM   448  C  C   . LEU A 1 56  ? -1.058  3.094   -0.441  1.00 7.67  ? 56  LEU A C   1 
ATOM   449  O  O   . LEU A 1 56  ? -0.618  3.079   -1.593  1.00 8.56  ? 56  LEU A O   1 
ATOM   450  C  CB  . LEU A 1 56  ? -0.321  0.717   0.003   1.00 9.25  ? 56  LEU A CB  1 
ATOM   451  C  CG  . LEU A 1 56  ? 0.595   -0.158  0.906   1.00 9.83  ? 56  LEU A CG  1 
ATOM   452  C  CD1 . LEU A 1 56  ? 0.463   -1.617  0.512   1.00 11.96 ? 56  LEU A CD1 1 
ATOM   453  C  CD2 . LEU A 1 56  ? 2.030   0.297   0.789   1.00 11.94 ? 56  LEU A CD2 1 
ATOM   454  N  N   . GLN A 1 57  ? -1.948  4.026   -0.038  1.00 6.98  ? 57  GLN A N   1 
ATOM   455  C  CA  . GLN A 1 57  ? -2.345  5.154   -0.902  1.00 7.19  ? 57  GLN A CA  1 
ATOM   456  C  C   . GLN A 1 57  ? -2.719  4.648   -2.307  1.00 6.79  ? 57  GLN A C   1 
ATOM   457  O  O   . GLN A 1 57  ? -2.250  5.159   -3.328  1.00 8.15  ? 57  GLN A O   1 
ATOM   458  C  CB  . GLN A 1 57  ? -1.304  6.227   -0.892  1.00 7.89  ? 57  GLN A CB  1 
ATOM   459  C  CG  . GLN A 1 57  ? -1.241  6.955   0.459   1.00 7.37  ? 57  GLN A CG  1 
ATOM   460  C  CD  . GLN A 1 57  ? -2.449  7.775   0.688   1.00 7.76  ? 57  GLN A CD  1 
ATOM   461  O  OE1 . GLN A 1 57  ? -2.554  8.897   0.089   1.00 8.75  ? 57  GLN A OE1 1 
ATOM   462  N  NE2 . GLN A 1 57  ? -3.414  7.279   1.415   1.00 7.42  ? 57  GLN A NE2 1 
ATOM   463  N  N   . ILE A 1 58  ? -3.635  3.713   -2.325  1.00 7.06  ? 58  ILE A N   1 
ATOM   464  C  CA  . ILE A 1 58  ? -4.121  3.104   -3.610  1.00 7.52  ? 58  ILE A CA  1 
ATOM   465  C  C   . ILE A 1 58  ? -5.106  4.049   -4.275  1.00 7.07  ? 58  ILE A C   1 
ATOM   466  O  O   . ILE A 1 58  ? -6.027  4.624   -3.665  1.00 7.43  ? 58  ILE A O   1 
ATOM   467  C  CB  . ILE A 1 58  ? -4.716  1.764   -3.285  1.00 8.66  ? 58  ILE A CB  1 
ATOM   468  C  CG1 . ILE A 1 58  ? -3.545  0.843   -2.882  1.00 9.48  ? 58  ILE A CG1 1 
ATOM   469  C  CG2 . ILE A 1 58  ? -5.543  1.258   -4.485  1.00 8.35  ? 58  ILE A CG2 1 
ATOM   470  C  CD1 . ILE A 1 58  ? -3.936  -0.501  -2.419  1.00 12.20 ? 58  ILE A CD1 1 
ATOM   471  N  N   . ASN A 1 59  ? -4.883  4.275   -5.588  1.00 7.78  ? 59  ASN A N   1 
ATOM   472  C  CA  . ASN A 1 59  ? -5.565  5.310   -6.367  1.00 7.74  ? 59  ASN A CA  1 
ATOM   473  C  C   . ASN A 1 59  ? -6.849  4.886   -6.991  1.00 7.68  ? 59  ASN A C   1 
ATOM   474  O  O   . ASN A 1 59  ? -6.864  3.909   -7.766  1.00 9.51  ? 59  ASN A O   1 
ATOM   475  C  CB  . ASN A 1 59  ? -4.549  5.814   -7.425  1.00 9.72  ? 59  ASN A CB  1 
ATOM   476  C  CG  . ASN A 1 59  ? -4.899  7.052   -8.118  1.00 10.47 ? 59  ASN A CG  1 
ATOM   477  O  OD1 . ASN A 1 59  ? -6.025  7.533   -8.131  1.00 11.99 ? 59  ASN A OD1 1 
ATOM   478  N  ND2 . ASN A 1 59  ? -3.895  7.733   -8.716  1.00 13.59 ? 59  ASN A ND2 1 
ATOM   479  N  N   . SER A 1 60  ? -7.906  5.684   -6.787  1.00 7.07  ? 60  SER A N   1 
ATOM   480  C  CA  . SER A 1 60  ? -9.219  5.426   -7.370  1.00 7.52  ? 60  SER A CA  1 
ATOM   481  C  C   . SER A 1 60  ? -9.206  5.556   -8.913  1.00 8.35  ? 60  SER A C   1 
ATOM   482  O  O   . SER A 1 60  ? -10.222 5.156   -9.533  1.00 9.02  ? 60  SER A O   1 
ATOM   483  C  CB  . SER A 1 60  ? -10.205 6.418   -6.823  1.00 7.91  ? 60  SER A CB  1 
ATOM   484  O  OG  . SER A 1 60  ? -9.880  7.741   -7.193  1.00 7.94  ? 60  SER A OG  1 
ATOM   485  N  N   . ARG A 1 61  ? -8.163  6.099   -9.523  1.00 8.87  ? 61  ARG A N   1 
ATOM   486  C  CA  . ARG A 1 61  ? -8.030  6.210   -10.969 1.00 10.07 ? 61  ARG A CA  1 
ATOM   487  C  C   . ARG A 1 61  ? -8.167  4.843   -11.583 1.00 9.29  ? 61  ARG A C   1 
ATOM   488  O  O   . ARG A 1 61  ? -8.763  4.739   -12.685 1.00 11.06 ? 61  ARG A O   1 
ATOM   489  C  CB  . ARG A 1 61  ? -6.736  6.874   -11.362 1.00 10.62 ? 61  ARG A CB  1 
ATOM   490  C  CG  . ARG A 1 61  ? -6.385  6.857   -12.833 1.00 13.56 ? 61  ARG A CG  1 
ATOM   491  C  CD  . ARG A 1 61  ? -7.309  7.749   -13.593 1.00 14.40 ? 61  ARG A CD  1 
ATOM   492  N  NE  . ARG A 1 61  ? -7.041  7.689   -15.056 1.00 18.14 ? 61  ARG A NE  1 
ATOM   493  C  CZ  . ARG A 1 61  ? -7.462  6.722   -15.866 1.00 20.28 ? 61  ARG A CZ  1 
ATOM   494  N  NH1 . ARG A 1 61  ? -8.199  5.670   -15.429 1.00 18.62 ? 61  ARG A NH1 1 
ATOM   495  N  NH2 . ARG A 1 61  ? -7.193  6.773   -17.200 1.00 23.11 ? 61  ARG A NH2 1 
ATOM   496  N  N   . TRP A 1 62  ? -7.629  3.799   -10.954 1.00 9.55  ? 62  TRP A N   1 
ATOM   497  C  CA  . TRP A 1 62  ? -7.578  2.462   -11.501 1.00 10.08 ? 62  TRP A CA  1 
ATOM   498  C  C   . TRP A 1 62  ? -8.155  1.443   -10.651 1.00 9.45  ? 62  TRP A C   1 
ATOM   499  O  O   . TRP A 1 62  ? -8.657  0.405   -11.161 1.00 10.50 ? 62  TRP A O   1 
ATOM   500  C  CB  . TRP A 1 62  ? -6.124  2.013   -11.832 1.00 11.35 ? 62  TRP A CB  1 
ATOM   501  C  CG  . TRP A 1 62  ? -5.472  2.916   -12.864 1.00 13.41 ? 62  TRP A CG  1 
ATOM   502  C  CD1 . TRP A 1 62  ? -4.487  3.817   -12.643 1.00 15.61 ? 62  TRP A CD1 1 
ATOM   503  C  CD2 . TRP A 1 62  ? -5.773  2.938   -14.271 1.00 16.63 ? 62  TRP A CD2 1 
ATOM   504  N  NE1 . TRP A 1 62  ? -4.116  4.407   -13.864 1.00 17.17 ? 62  TRP A NE1 1 
ATOM   505  C  CE2 . TRP A 1 62  ? -4.887  3.861   -14.849 1.00 18.18 ? 62  TRP A CE2 1 
ATOM   506  C  CE3 . TRP A 1 62  ? -6.736  2.288   -15.047 1.00 17.10 ? 62  TRP A CE3 1 
ATOM   507  C  CZ2 . TRP A 1 62  ? -4.918  4.158   -16.246 1.00 22.28 ? 62  TRP A CZ2 1 
ATOM   508  C  CZ3 . TRP A 1 62  ? -6.717  2.545   -16.487 1.00 20.87 ? 62  TRP A CZ3 1 
ATOM   509  C  CH2 . TRP A 1 62  ? -5.804  3.444   -17.012 1.00 24.42 ? 62  TRP A CH2 1 
ATOM   510  N  N   . TRP A 1 63  ? -8.049  1.524   -9.270  1.00 8.10  ? 63  TRP A N   1 
ATOM   511  C  CA  . TRP A 1 63  ? -8.062  0.320   -8.468  1.00 8.74  ? 63  TRP A CA  1 
ATOM   512  C  C   . TRP A 1 63  ? -9.260  0.116   -7.615  1.00 8.59  ? 63  TRP A C   1 
ATOM   513  O  O   . TRP A 1 63  ? -9.517  -0.961  -7.185  1.00 9.39  ? 63  TRP A O   1 
ATOM   514  C  CB  . TRP A 1 63  ? -6.811  0.285   -7.535  1.00 8.39  ? 63  TRP A CB  1 
ATOM   515  C  CG  . TRP A 1 63  ? -5.523  0.417   -8.404  1.00 9.19  ? 63  TRP A CG  1 
ATOM   516  C  CD1 . TRP A 1 63  ? -4.718  1.463   -8.489  1.00 9.41  ? 63  TRP A CD1 1 
ATOM   517  C  CD2 . TRP A 1 63  ? -5.040  -0.613  -9.287  1.00 9.40  ? 63  TRP A CD2 1 
ATOM   518  N  NE1 . TRP A 1 63  ? -3.715  1.189   -9.424  1.00 10.52 ? 63  TRP A NE1 1 
ATOM   519  C  CE2 . TRP A 1 63  ? -3.920  -0.067  -9.926  1.00 10.44 ? 63  TRP A CE2 1 
ATOM   520  C  CE3 . TRP A 1 63  ? -5.419  -1.870  -9.606  1.00 10.22 ? 63  TRP A CE3 1 
ATOM   521  C  CZ2 . TRP A 1 63  ? -3.147  -0.828  -10.848 1.00 11.28 ? 63  TRP A CZ2 1 
ATOM   522  C  CZ3 . TRP A 1 63  ? -4.676  -2.603  -10.531 1.00 11.69 ? 63  TRP A CZ3 1 
ATOM   523  C  CH2 . TRP A 1 63  ? -3.590  -2.040  -11.146 1.00 13.06 ? 63  TRP A CH2 1 
ATOM   524  N  N   . CYS A 1 64  ? -10.011 1.180   -7.287  1.00 8.44  ? 64  CYS A N   1 
ATOM   525  C  CA  . CYS A 1 64  ? -11.128 1.089   -6.395  1.00 7.84  ? 64  CYS A CA  1 
ATOM   526  C  C   . CYS A 1 64  ? -12.182 2.061   -6.875  1.00 7.44  ? 64  CYS A C   1 
ATOM   527  O  O   . CYS A 1 64  ? -11.905 2.991   -7.578  1.00 8.14  ? 64  CYS A O   1 
ATOM   528  C  CB  . CYS A 1 64  ? -10.720 1.329   -4.929  1.00 8.53  ? 64  CYS A CB  1 
ATOM   529  S  SG  . CYS A 1 64  ? -10.059 2.937   -4.541  1.00 8.21  ? 64  CYS A SG  1 
ATOM   530  N  N   . ASN A 1 65  ? -13.435 1.819   -6.412  1.00 8.10  ? 65  ASN A N   1 
ATOM   531  C  CA  . ASN A 1 65  ? -14.556 2.734   -6.725  1.00 7.67  ? 65  ASN A CA  1 
ATOM   532  C  C   . ASN A 1 65  ? -14.848 3.688   -5.548  1.00 7.34  ? 65  ASN A C   1 
ATOM   533  O  O   . ASN A 1 65  ? -15.129 3.226   -4.478  1.00 8.42  ? 65  ASN A O   1 
ATOM   534  C  CB  . ASN A 1 65  ? -15.810 1.987   -7.088  1.00 9.15  ? 65  ASN A CB  1 
ATOM   535  C  CG  . ASN A 1 65  ? -16.893 2.990   -7.396  1.00 9.93  ? 65  ASN A CG  1 
ATOM   536  O  OD1 . ASN A 1 65  ? -16.748 3.804   -8.221  1.00 10.38 ? 65  ASN A OD1 1 
ATOM   537  N  ND2 . ASN A 1 65  ? -17.959 2.938   -6.625  1.00 12.29 ? 65  ASN A ND2 1 
ATOM   538  N  N   . ASP A 1 66  ? -14.841 5.000   -5.853  1.00 7.56  ? 66  ASP A N   1 
ATOM   539  C  CA  . ASP A 1 66  ? -15.296 5.975   -4.923  1.00 7.51  ? 66  ASP A CA  1 
ATOM   540  C  C   . ASP A 1 66  ? -16.428 6.807   -5.474  1.00 8.54  ? 66  ASP A C   1 
ATOM   541  O  O   . ASP A 1 66  ? -16.906 7.712   -4.768  1.00 9.09  ? 66  ASP A O   1 
ATOM   542  C  CB  . ASP A 1 66  ? -14.160 6.919   -4.433  1.00 6.99  ? 66  ASP A CB  1 
ATOM   543  C  CG  . ASP A 1 66  ? -13.476 7.734   -5.467  1.00 7.91  ? 66  ASP A CG  1 
ATOM   544  O  OD1 . ASP A 1 66  ? -13.969 7.851   -6.644  1.00 8.30  ? 66  ASP A OD1 1 
ATOM   545  O  OD2 . ASP A 1 66  ? -12.440 8.377   -5.098  1.00 7.66  ? 66  ASP A OD2 1 
ATOM   546  N  N   . GLY A 1 67  ? -16.939 6.511   -6.664  1.00 9.04  ? 67  GLY A N   1 
ATOM   547  C  CA  . GLY A 1 67  ? -18.045 7.290   -7.253  1.00 9.77  ? 67  GLY A CA  1 
ATOM   548  C  C   . GLY A 1 67  ? -17.737 8.626   -7.702  1.00 9.14  ? 67  GLY A C   1 
ATOM   549  O  O   . GLY A 1 67  ? -18.723 9.350   -8.131  1.00 12.04 ? 67  GLY A O   1 
ATOM   550  N  N   . ARG A 1 68  ? -16.540 9.142   -7.543  1.00 9.34  ? 68  ARG A N   1 
ATOM   551  C  CA  . ARG A 1 68  ? -16.230 10.552  -7.820  1.00 9.88  ? 68  ARG A CA  1 
ATOM   552  C  C   . ARG A 1 68  ? -14.938 10.673  -8.642  1.00 10.65 ? 68  ARG A C   1 
ATOM   553  O  O   . ARG A 1 68  ? -14.249 11.715  -8.532  1.00 13.45 ? 68  ARG A O   1 
ATOM   554  C  CB  . ARG A 1 68  ? -16.231 11.388  -6.575  1.00 10.76 ? 68  ARG A CB  1 
ATOM   555  C  CG  . ARG A 1 68  ? -15.225 10.965  -5.532  1.00 12.24 ? 68  ARG A CG  1 
ATOM   556  C  CD  . ARG A 1 68  ? -14.834 12.079  -4.599  1.00 12.61 ? 68  ARG A CD  1 
ATOM   557  N  NE  A ARG A 1 68  ? -13.596 12.201  -4.249  0.50 10.80 ? 68  ARG A NE  1 
ATOM   558  N  NE  B ARG A 1 68  ? -13.666 12.800  -5.209  0.50 9.09  ? 68  ARG A NE  1 
ATOM   559  C  CZ  A ARG A 1 68  ? -13.243 12.952  -3.211  0.50 8.34  ? 68  ARG A CZ  1 
ATOM   560  C  CZ  B ARG A 1 68  ? -13.633 14.092  -5.480  0.50 9.34  ? 68  ARG A CZ  1 
ATOM   561  N  NH1 A ARG A 1 68  ? -12.071 12.887  -2.733  0.50 8.33  ? 68  ARG A NH1 1 
ATOM   562  N  NH1 B ARG A 1 68  ? -12.700 14.636  -6.200  0.50 11.55 ? 68  ARG A NH1 1 
ATOM   563  N  NH2 A ARG A 1 68  ? -14.144 13.614  -2.546  0.50 10.29 ? 68  ARG A NH2 1 
ATOM   564  N  NH2 B ARG A 1 68  ? -14.514 14.925  -5.005  0.50 10.83 ? 68  ARG A NH2 1 
ATOM   565  N  N   . THR A 1 69  ? -14.603 9.682   -9.463  1.00 9.11  ? 69  THR A N   1 
ATOM   566  C  CA  . THR A 1 69  ? -13.391 9.745   -10.302 1.00 9.32  ? 69  THR A CA  1 
ATOM   567  C  C   . THR A 1 69  ? -13.853 9.379   -11.721 1.00 9.18  ? 69  THR A C   1 
ATOM   568  O  O   . THR A 1 69  ? -13.709 8.311   -12.193 1.00 10.44 ? 69  THR A O   1 
ATOM   569  C  CB  . THR A 1 69  ? -12.292 8.811   -9.815  1.00 8.93  ? 69  THR A CB  1 
ATOM   570  O  OG1 . THR A 1 69  ? -12.107 8.997   -8.358  1.00 8.90  ? 69  THR A OG1 1 
ATOM   571  C  CG2 . THR A 1 69  ? -11.028 9.111   -10.484 1.00 9.86  ? 69  THR A CG2 1 
ATOM   572  N  N   . PRO A 1 70  ? -14.322 10.359  -12.478 1.00 10.28 ? 70  PRO A N   1 
ATOM   573  C  CA  . PRO A 1 70  ? -14.835 10.084  -13.870 1.00 10.11 ? 70  PRO A CA  1 
ATOM   574  C  C   . PRO A 1 70  ? -13.921 9.371   -14.681 1.00 11.49 ? 70  PRO A C   1 
ATOM   575  O  O   . PRO A 1 70  ? -12.714 9.796   -14.850 1.00 14.41 ? 70  PRO A O   1 
ATOM   576  C  CB  . PRO A 1 70  ? -15.129 11.527  -14.394 1.00 12.07 ? 70  PRO A CB  1 
ATOM   577  C  CG  . PRO A 1 70  ? -15.575 12.262  -13.167 1.00 12.60 ? 70  PRO A CG  1 
ATOM   578  C  CD  . PRO A 1 70  ? -14.624 11.737  -12.071 1.00 12.22 ? 70  PRO A CD  1 
ATOM   579  N  N   . GLY A 1 71  ? -14.424 8.362   -15.424 1.00 10.81 ? 71  GLY A N   1 
ATOM   580  C  CA  . GLY A 1 71  ? -13.670 7.616   -16.351 1.00 12.57 ? 71  GLY A CA  1 
ATOM   581  C  C   . GLY A 1 71  ? -12.773 6.582   -15.754 1.00 12.59 ? 71  GLY A C   1 
ATOM   582  O  O   . GLY A 1 71  ? -12.078 5.826   -16.441 1.00 15.65 ? 71  GLY A O   1 
ATOM   583  N  N   . SER A 1 72  ? -12.781 6.452   -14.426 1.00 11.31 ? 72  SER A N   1 
ATOM   584  C  CA  . SER A 1 72  ? -11.817 5.566   -13.755 1.00 11.04 ? 72  SER A CA  1 
ATOM   585  C  C   . SER A 1 72  ? -12.232 4.148   -13.847 1.00 12.07 ? 72  SER A C   1 
ATOM   586  O  O   . SER A 1 72  ? -13.387 3.768   -14.254 1.00 13.76 ? 72  SER A O   1 
ATOM   587  C  CB  . SER A 1 72  ? -11.709 5.994   -12.287 1.00 11.05 ? 72  SER A CB  1 
ATOM   588  O  OG  . SER A 1 72  ? -12.840 5.661   -11.562 1.00 11.31 ? 72  SER A OG  1 
ATOM   589  N  N   . ARG A 1 73  ? -11.362 3.256   -13.436 1.00 11.96 ? 73  ARG A N   1 
ATOM   590  C  CA  . ARG A 1 73  ? -11.641 1.870   -13.291 1.00 11.45 ? 73  ARG A CA  1 
ATOM   591  C  C   . ARG A 1 73  ? -11.677 1.408   -11.806 1.00 10.85 ? 73  ARG A C   1 
ATOM   592  O  O   . ARG A 1 73  ? -11.368 2.294   -10.906 1.00 10.77 ? 73  ARG A O   1 
ATOM   593  C  CB  . ARG A 1 73  ? -10.623 0.983   -14.064 1.00 12.35 ? 73  ARG A CB  1 
ATOM   594  C  CG  . ARG A 1 73  ? -10.554 1.305   -15.548 1.00 15.69 ? 73  ARG A CG  1 
ATOM   595  C  CD  . ARG A 1 73  ? -11.819 0.885   -16.294 1.00 16.29 ? 73  ARG A CD  1 
ATOM   596  N  NE  . ARG A 1 73  ? -11.882 -0.541  -16.425 1.00 19.98 ? 73  ARG A NE  1 
ATOM   597  C  CZ  . ARG A 1 73  ? -11.269 -1.275  -17.400 1.00 14.73 ? 73  ARG A CZ  1 
ATOM   598  N  NH1 . ARG A 1 73  ? -10.683 -0.627  -18.349 1.00 17.34 ? 73  ARG A NH1 1 
ATOM   599  N  NH2 . ARG A 1 73  ? -11.342 -2.554  -17.337 1.00 18.23 ? 73  ARG A NH2 1 
ATOM   600  N  N   . ASN A 1 74  ? -12.058 0.232   -11.547 1.00 11.46 ? 74  ASN A N   1 
ATOM   601  C  CA  . ASN A 1 74  ? -12.155 -0.390  -10.230 1.00 10.30 ? 74  ASN A CA  1 
ATOM   602  C  C   . ASN A 1 74  ? -11.584 -1.827  -10.324 1.00 10.88 ? 74  ASN A C   1 
ATOM   603  O  O   . ASN A 1 74  ? -12.280 -2.774  -10.156 1.00 11.50 ? 74  ASN A O   1 
ATOM   604  C  CB  . ASN A 1 74  ? -13.589 -0.405  -9.690  1.00 11.19 ? 74  ASN A CB  1 
ATOM   605  C  CG  . ASN A 1 74  ? -13.755 -1.083  -8.373  1.00 10.80 ? 74  ASN A CG  1 
ATOM   606  O  OD1 . ASN A 1 74  ? -12.794 -1.364  -7.684  1.00 11.05 ? 74  ASN A OD1 1 
ATOM   607  N  ND2 . ASN A 1 74  ? -15.016 -1.323  -7.986  1.00 12.45 ? 74  ASN A ND2 1 
ATOM   608  N  N   . LEU A 1 75  ? -10.292 -1.923  -10.590 1.00 10.84 ? 75  LEU A N   1 
ATOM   609  C  CA  . LEU A 1 75  ? -9.652  -3.239  -10.916 1.00 11.60 ? 75  LEU A CA  1 
ATOM   610  C  C   . LEU A 1 75  ? -9.567  -4.078  -9.767  1.00 11.48 ? 75  LEU A C   1 
ATOM   611  O  O   . LEU A 1 75  ? -9.466  -5.346  -9.908  1.00 14.04 ? 75  LEU A O   1 
ATOM   612  C  CB  . LEU A 1 75  ? -8.366  -3.024  -11.661 1.00 13.37 ? 75  LEU A CB  1 
ATOM   613  C  CG  . LEU A 1 75  ? -8.448  -2.306  -12.994 1.00 14.18 ? 75  LEU A CG  1 
ATOM   614  C  CD1 . LEU A 1 75  ? -7.054  -1.984  -13.521 1.00 16.41 ? 75  LEU A CD1 1 
ATOM   615  C  CD2 . LEU A 1 75  ? -9.216  -3.133  -14.050 1.00 16.54 ? 75  LEU A CD2 1 
ATOM   616  N  N   . CYS A 1 76  ? -9.534  -3.587  -8.493  1.00 10.57 ? 76  CYS A N   1 
ATOM   617  C  CA  . CYS A 1 76  ? -9.600  -4.442  -7.364  1.00 11.45 ? 76  CYS A CA  1 
ATOM   618  C  C   . CYS A 1 76  ? -10.988 -4.886  -6.918  1.00 11.04 ? 76  CYS A C   1 
ATOM   619  O  O   . CYS A 1 76  ? -11.146 -5.593  -5.991  1.00 11.91 ? 76  CYS A O   1 
ATOM   620  C  CB  . CYS A 1 76  ? -8.821  -3.835  -6.102  1.00 10.30 ? 76  CYS A CB  1 
ATOM   621  S  SG  . CYS A 1 76  ? -7.051  -3.724  -6.558  1.00 10.91 ? 76  CYS A SG  1 
ATOM   622  N  N   . ASN A 1 77  ? -11.991 -4.297  -7.605  1.00 11.36 ? 77  ASN A N   1 
ATOM   623  C  CA  . ASN A 1 77  ? -13.401 -4.652  -7.330  1.00 12.46 ? 77  ASN A CA  1 
ATOM   624  C  C   . ASN A 1 77  ? -13.780 -4.404  -5.920  1.00 12.01 ? 77  ASN A C   1 
ATOM   625  O  O   . ASN A 1 77  ? -14.350 -5.239  -5.259  1.00 12.98 ? 77  ASN A O   1 
ATOM   626  C  CB  . ASN A 1 77  ? -13.732 -6.098  -7.788  1.00 14.07 ? 77  ASN A CB  1 
ATOM   627  C  CG  . ASN A 1 77  ? -13.330 -6.357  -9.241  1.00 20.90 ? 77  ASN A CG  1 
ATOM   628  O  OD1 . ASN A 1 77  ? -13.834 -5.762  -10.157 1.00 26.57 ? 77  ASN A OD1 1 
ATOM   629  N  ND2 . ASN A 1 77  ? -12.306 -7.228  -9.443  1.00 23.48 ? 77  ASN A ND2 1 
ATOM   630  N  N   . ILE A 1 78  ? -13.495 -3.209  -5.367  1.00 11.10 ? 78  ILE A N   1 
ATOM   631  C  CA  . ILE A 1 78  ? -13.777 -2.864  -4.037  1.00 10.69 ? 78  ILE A CA  1 
ATOM   632  C  C   . ILE A 1 78  ? -14.162 -1.363  -3.964  1.00 9.58  ? 78  ILE A C   1 
ATOM   633  O  O   . ILE A 1 78  ? -13.656 -0.554  -4.719  1.00 9.94  ? 78  ILE A O   1 
ATOM   634  C  CB  . ILE A 1 78  ? -12.535 -3.052  -3.096  1.00 13.38 ? 78  ILE A CB  1 
ATOM   635  C  CG1 . ILE A 1 78  ? -11.312 -2.336  -3.650  1.00 11.18 ? 78  ILE A CG1 1 
ATOM   636  C  CG2 . ILE A 1 78  ? -12.332 -4.537  -2.689  1.00 14.78 ? 78  ILE A CG2 1 
ATOM   637  C  CD1 . ILE A 1 78  ? -10.116 -2.249  -2.675  1.00 14.24 ? 78  ILE A CD1 1 
ATOM   638  N  N   . PRO A 1 79  ? -14.969 -1.037  -2.953  1.00 10.22 ? 79  PRO A N   1 
ATOM   639  C  CA  . PRO A 1 79  ? -15.129 0.423   -2.614  1.00 9.46  ? 79  PRO A CA  1 
ATOM   640  C  C   . PRO A 1 79  ? -13.831 0.900   -2.043  1.00 7.74  ? 79  PRO A C   1 
ATOM   641  O  O   . PRO A 1 79  ? -13.176 0.234   -1.251  1.00 8.77  ? 79  PRO A O   1 
ATOM   642  C  CB  . PRO A 1 79  ? -16.227 0.434   -1.563  1.00 10.45 ? 79  PRO A CB  1 
ATOM   643  C  CG  . PRO A 1 79  ? -16.137 -0.918  -0.880  1.00 13.96 ? 79  PRO A CG  1 
ATOM   644  C  CD  . PRO A 1 79  ? -15.689 -1.888  -1.998  1.00 11.34 ? 79  PRO A CD  1 
ATOM   645  N  N   . CYS A 1 80  ? -13.459 2.130   -2.411  1.00 7.84  ? 80  CYS A N   1 
ATOM   646  C  CA  . CYS A 1 80  ? -12.240 2.713   -1.863  1.00 7.48  ? 80  CYS A CA  1 
ATOM   647  C  C   . CYS A 1 80  ? -12.268 2.765   -0.338  1.00 7.79  ? 80  CYS A C   1 
ATOM   648  O  O   . CYS A 1 80  ? -11.209 2.647   0.316   1.00 8.00  ? 80  CYS A O   1 
ATOM   649  C  CB  . CYS A 1 80  ? -11.980 4.058   -2.455  1.00 7.36  ? 80  CYS A CB  1 
ATOM   650  S  SG  . CYS A 1 80  ? -11.727 4.095   -4.260  1.00 7.87  ? 80  CYS A SG  1 
ATOM   651  N  N   . SER A 1 81  ? -13.437 2.949   0.264   1.00 8.34  ? 81  SER A N   1 
ATOM   652  C  CA  . SER A 1 81  ? -13.512 2.922   1.730   1.00 9.31  ? 81  SER A CA  1 
ATOM   653  C  C   . SER A 1 81  ? -12.968 1.635   2.376   1.00 9.14  ? 81  SER A C   1 
ATOM   654  O  O   . SER A 1 81  ? -12.496 1.693   3.548   1.00 10.74 ? 81  SER A O   1 
ATOM   655  C  CB  . SER A 1 81  ? -14.961 3.153   2.184   1.00 10.80 ? 81  SER A CB  1 
ATOM   656  O  OG  . SER A 1 81  ? -15.776 2.070   1.703   1.00 11.57 ? 81  SER A OG  1 
ATOM   657  N  N   . ALA A 1 82  ? -13.043 0.507   1.679   1.00 9.91  ? 82  ALA A N   1 
ATOM   658  C  CA  . ALA A 1 82  ? -12.438 -0.692  2.245   1.00 10.27 ? 82  ALA A CA  1 
ATOM   659  C  C   . ALA A 1 82  ? -11.011 -0.582  2.525   1.00 9.84  ? 82  ALA A C   1 
ATOM   660  O  O   . ALA A 1 82  ? -10.450 -1.400  3.353   1.00 11.45 ? 82  ALA A O   1 
ATOM   661  C  CB  . ALA A 1 82  ? -12.722 -1.853  1.347   1.00 12.11 ? 82  ALA A CB  1 
ATOM   662  N  N   . LEU A 1 83  ? -10.329 0.305   1.808   1.00 8.91  ? 83  LEU A N   1 
ATOM   663  C  CA  . LEU A 1 83  ? -8.906  0.508   1.963   1.00 9.37  ? 83  LEU A CA  1 
ATOM   664  C  C   . LEU A 1 83  ? -8.576  1.312   3.164   1.00 9.21  ? 83  LEU A C   1 
ATOM   665  O  O   . LEU A 1 83  ? -7.400  1.582   3.416   1.00 10.11 ? 83  LEU A O   1 
ATOM   666  C  CB  . LEU A 1 83  ? -8.319  1.140   0.696   1.00 9.86  ? 83  LEU A CB  1 
ATOM   667  C  CG  . LEU A 1 83  ? -8.517  0.377   -0.576  1.00 11.52 ? 83  LEU A CG  1 
ATOM   668  C  CD1 . LEU A 1 83  ? -8.227  1.205   -1.778  1.00 11.93 ? 83  LEU A CD1 1 
ATOM   669  C  CD2 . LEU A 1 83  ? -7.559  -0.822  -0.553  1.00 12.45 ? 83  LEU A CD2 1 
ATOM   670  N  N   . LEU A 1 84  ? -9.561  1.754   3.933   1.00 9.32  ? 84  LEU A N   1 
ATOM   671  C  CA  . LEU A 1 84  ? -9.305  2.545   5.149   1.00 9.40  ? 84  LEU A CA  1 
ATOM   672  C  C   . LEU A 1 84  ? -9.486  1.784   6.452   1.00 9.30  ? 84  LEU A C   1 
ATOM   673  O  O   . LEU A 1 84  ? -9.248  2.337   7.556   1.00 10.74 ? 84  LEU A O   1 
ATOM   674  C  CB  . LEU A 1 84  ? -10.234 3.814   5.181   1.00 9.64  ? 84  LEU A CB  1 
ATOM   675  C  CG  . LEU A 1 84  ? -10.095 4.669   3.959   1.00 9.65  ? 84  LEU A CG  1 
ATOM   676  C  CD1 . LEU A 1 84  ? -11.039 5.840   4.101   1.00 13.78 ? 84  LEU A CD1 1 
ATOM   677  C  CD2 . LEU A 1 84  ? -8.722  5.164   3.687   1.00 9.37  ? 84  LEU A CD2 1 
ATOM   678  N  N   . SER A 1 85  ? -9.871  0.522   6.345   1.00 9.73  ? 85  SER A N   1 
ATOM   679  C  CA  . SER A 1 85  ? -10.154 -0.311  7.491   1.00 10.74 ? 85  SER A CA  1 
ATOM   680  C  C   . SER A 1 85  ? -8.990  -0.494  8.398   1.00 10.59 ? 85  SER A C   1 
ATOM   681  O  O   . SER A 1 85  ? -7.810  -0.511  7.957   1.00 10.89 ? 85  SER A O   1 
ATOM   682  C  CB  A SER A 1 85  ? -10.685 -1.649  6.986   0.50 10.43 ? 85  SER A CB  1 
ATOM   683  C  CB  B SER A 1 85  ? -10.704 -1.652  6.989   0.50 12.91 ? 85  SER A CB  1 
ATOM   684  O  OG  A SER A 1 85  ? -10.885 -2.526  8.078   0.50 9.14  ? 85  SER A OG  1 
ATOM   685  O  OG  B SER A 1 85  ? -9.886  -2.218  5.973   0.50 17.70 ? 85  SER A OG  1 
ATOM   686  N  N   . SER A 1 86  ? -9.227  -0.800  9.691   1.00 11.02 ? 86  SER A N   1 
ATOM   687  C  CA  . SER A 1 86  ? -8.102  -1.201  10.563  1.00 11.82 ? 86  SER A CA  1 
ATOM   688  C  C   . SER A 1 86  ? -7.555  -2.535  10.124  1.00 11.89 ? 86  SER A C   1 
ATOM   689  O  O   . SER A 1 86  ? -6.371  -2.822  10.449  1.00 14.64 ? 86  SER A O   1 
ATOM   690  C  CB  . SER A 1 86  ? -8.578  -1.302  12.017  1.00 13.80 ? 86  SER A CB  1 
ATOM   691  O  OG  . SER A 1 86  ? -9.701  -2.067  12.138  1.00 17.61 ? 86  SER A OG  1 
ATOM   692  N  N   . ASP A 1 87  ? -8.300  -3.368  9.493   1.00 11.36 ? 87  ASP A N   1 
ATOM   693  C  CA  . ASP A 1 87  ? -7.865  -4.651  8.936   1.00 12.86 ? 87  ASP A CA  1 
ATOM   694  C  C   . ASP A 1 87  ? -7.281  -4.378  7.549   1.00 11.53 ? 87  ASP A C   1 
ATOM   695  O  O   . ASP A 1 87  ? -8.015  -3.897  6.684   1.00 11.54 ? 87  ASP A O   1 
ATOM   696  C  CB  . ASP A 1 87  ? -9.103  -5.559  8.836   1.00 14.42 ? 87  ASP A CB  1 
ATOM   697  C  CG  . ASP A 1 87  ? -8.761  -6.924  8.422   1.00 20.19 ? 87  ASP A CG  1 
ATOM   698  O  OD1 . ASP A 1 87  ? -8.041  -7.155  7.476   1.00 15.71 ? 87  ASP A OD1 1 
ATOM   699  O  OD2 . ASP A 1 87  ? -9.284  -7.845  9.121   1.00 28.43 ? 87  ASP A OD2 1 
ATOM   700  N  N   . ILE A 1 88  ? -6.017  -4.765  7.365   1.00 10.63 ? 88  ILE A N   1 
ATOM   701  C  CA  . ILE A 1 88  ? -5.344  -4.438  6.102   1.00 9.67  ? 88  ILE A CA  1 
ATOM   702  C  C   . ILE A 1 88  ? -5.578  -5.376  4.949   1.00 9.19  ? 88  ILE A C   1 
ATOM   703  O  O   . ILE A 1 88  ? -4.999  -5.178  3.883   1.00 9.53  ? 88  ILE A O   1 
ATOM   704  C  CB  . ILE A 1 88  ? -3.851  -4.249  6.301   1.00 10.92 ? 88  ILE A CB  1 
ATOM   705  C  CG1 . ILE A 1 88  ? -3.074  -5.591  6.616   1.00 11.21 ? 88  ILE A CG1 1 
ATOM   706  C  CG2 . ILE A 1 88  ? -3.603  -3.146  7.381   1.00 12.71 ? 88  ILE A CG2 1 
ATOM   707  C  CD1 . ILE A 1 88  ? -1.585  -5.406  6.621   1.00 12.85 ? 88  ILE A CD1 1 
ATOM   708  N  N   . THR A 1 89  ? -6.461  -6.370  5.123   1.00 9.50  ? 89  THR A N   1 
ATOM   709  C  CA  . THR A 1 89  ? -6.674  -7.336  4.060   1.00 11.06 ? 89  THR A CA  1 
ATOM   710  C  C   . THR A 1 89  ? -6.958  -6.750  2.692   1.00 10.37 ? 89  THR A C   1 
ATOM   711  O  O   . THR A 1 89  ? -6.329  -7.141  1.727   1.00 10.96 ? 89  THR A O   1 
ATOM   712  C  CB  . THR A 1 89  ? -7.789  -8.334  4.470   1.00 12.60 ? 89  THR A CB  1 
ATOM   713  O  OG1 . THR A 1 89  ? -7.438  -8.989  5.696   1.00 14.49 ? 89  THR A OG1 1 
ATOM   714  C  CG2 . THR A 1 89  ? -8.041  -9.344  3.343   1.00 14.44 ? 89  THR A CG2 1 
ATOM   715  N  N   . ALA A 1 90  ? -7.920  -5.829  2.634   1.00 10.27 ? 90  ALA A N   1 
ATOM   716  C  CA  . ALA A 1 90  ? -8.295  -5.305  1.343   1.00 10.77 ? 90  ALA A CA  1 
ATOM   717  C  C   . ALA A 1 90  ? -7.161  -4.569  0.698   1.00 9.41  ? 90  ALA A C   1 
ATOM   718  O  O   . ALA A 1 90  ? -6.869  -4.705  -0.517  1.00 9.79  ? 90  ALA A O   1 
ATOM   719  C  CB  . ALA A 1 90  ? -9.539  -4.439  1.414   1.00 10.86 ? 90  ALA A CB  1 
ATOM   720  N  N   . SER A 1 91  ? -6.421  -3.760  1.464   1.00 8.91  ? 91  SER A N   1 
ATOM   721  C  CA  . SER A 1 91  ? -5.256  -3.050  0.953   1.00 8.59  ? 91  SER A CA  1 
ATOM   722  C  C   . SER A 1 91  ? -4.182  -4.025  0.452   1.00 7.69  ? 91  SER A C   1 
ATOM   723  O  O   . SER A 1 91  ? -3.601  -3.785  -0.598  1.00 8.84  ? 91  SER A O   1 
ATOM   724  C  CB  . SER A 1 91  ? -4.661  -2.106  1.951   1.00 8.59  ? 91  SER A CB  1 
ATOM   725  O  OG  . SER A 1 91  ? -5.430  -0.907  2.053   1.00 8.98  ? 91  SER A OG  1 
ATOM   726  N  N   . VAL A 1 92  ? -3.907  -5.060  1.230   1.00 8.21  ? 92  VAL A N   1 
ATOM   727  C  CA  . VAL A 1 92  ? -2.896  -6.028  0.823   1.00 8.88  ? 92  VAL A CA  1 
ATOM   728  C  C   . VAL A 1 92  ? -3.320  -6.711  -0.451  1.00 9.47  ? 92  VAL A C   1 
ATOM   729  O  O   . VAL A 1 92  ? -2.539  -6.900  -1.422  1.00 10.70 ? 92  VAL A O   1 
ATOM   730  C  CB  . VAL A 1 92  ? -2.623  -7.042  1.922   1.00 10.45 ? 92  VAL A CB  1 
ATOM   731  C  CG1 . VAL A 1 92  ? -1.799  -8.211  1.382   1.00 11.38 ? 92  VAL A CG1 1 
ATOM   732  C  CG2 . VAL A 1 92  ? -1.916  -6.361  3.046   1.00 10.95 ? 92  VAL A CG2 1 
ATOM   733  N  N   . ASN A 1 93  ? -4.575  -7.207  -0.545  1.00 10.32 ? 93  ASN A N   1 
ATOM   734  C  CA  . ASN A 1 93  ? -4.977  -7.948  -1.744  1.00 11.04 ? 93  ASN A CA  1 
ATOM   735  C  C   . ASN A 1 93  ? -4.937  -7.092  -2.957  1.00 9.70  ? 93  ASN A C   1 
ATOM   736  O  O   . ASN A 1 93  ? -4.616  -7.563  -4.048  1.00 11.02 ? 93  ASN A O   1 
ATOM   737  C  CB  . ASN A 1 93  ? -6.346  -8.535  -1.592  1.00 15.35 ? 93  ASN A CB  1 
ATOM   738  C  CG  . ASN A 1 93  ? -6.456  -9.641  -0.560  1.00 18.47 ? 93  ASN A CG  1 
ATOM   739  O  OD1 . ASN A 1 93  ? -7.607  -9.896  -0.069  1.00 25.90 ? 93  ASN A OD1 1 
ATOM   740  N  ND2 . ASN A 1 93  ? -5.418  -10.078 -0.103  1.00 17.67 ? 93  ASN A ND2 1 
ATOM   741  N  N   . CYS A 1 94  ? -5.337  -5.808  -2.817  1.00 9.68  ? 94  CYS A N   1 
ATOM   742  C  CA  . CYS A 1 94  ? -5.258  -4.943  -3.938  1.00 9.15  ? 94  CYS A CA  1 
ATOM   743  C  C   . CYS A 1 94  ? -3.837  -4.600  -4.337  1.00 9.27  ? 94  CYS A C   1 
ATOM   744  O  O   . CYS A 1 94  ? -3.461  -4.599  -5.535  1.00 9.70  ? 94  CYS A O   1 
ATOM   745  C  CB  . CYS A 1 94  ? -6.089  -3.660  -3.673  1.00 10.03 ? 94  CYS A CB  1 
ATOM   746  S  SG  . CYS A 1 94  ? -6.297  -2.555  -5.073  1.00 10.24 ? 94  CYS A SG  1 
ATOM   747  N  N   . ALA A 1 95  ? -2.966  -4.366  -3.332  1.00 8.87  ? 95  ALA A N   1 
ATOM   748  C  CA  . ALA A 1 95  ? -1.563  -4.152  -3.615  1.00 8.98  ? 95  ALA A CA  1 
ATOM   749  C  C   . ALA A 1 95  ? -0.896  -5.310  -4.410  1.00 8.76  ? 95  ALA A C   1 
ATOM   750  O  O   . ALA A 1 95  ? -0.060  -5.081  -5.247  1.00 8.90  ? 95  ALA A O   1 
ATOM   751  C  CB  . ALA A 1 95  ? -0.800  -3.885  -2.336  1.00 8.99  ? 95  ALA A CB  1 
ATOM   752  N  N   . LYS A 1 96  ? -1.346  -6.530  -4.116  1.00 8.62  ? 96  LYS A N   1 
ATOM   753  C  CA  . LYS A 1 96  ? -0.795  -7.721  -4.848  1.00 9.75  ? 96  LYS A CA  1 
ATOM   754  C  C   . LYS A 1 96  ? -1.135  -7.548  -6.294  1.00 10.37 ? 96  LYS A C   1 
ATOM   755  O  O   . LYS A 1 96  ? -0.333  -7.898  -7.191  1.00 10.86 ? 96  LYS A O   1 
ATOM   756  C  CB  . LYS A 1 96  ? -1.385  -9.000  -4.216  1.00 10.52 ? 96  LYS A CB  1 
ATOM   757  C  CG  . LYS A 1 96  ? -0.786  -9.321  -2.901  1.00 11.18 ? 96  LYS A CG  1 
ATOM   758  C  CD  . LYS A 1 96  ? -1.402  -10.576 -2.324  1.00 13.14 ? 96  LYS A CD  1 
ATOM   759  C  CE  . LYS A 1 96  ? -0.879  -10.979 -0.969  1.00 14.75 ? 96  LYS A CE  1 
ATOM   760  N  NZ  . LYS A 1 96  ? -1.565  -12.134 -0.326  1.00 17.59 ? 96  LYS A NZ  1 
ATOM   761  N  N   . LYS A 1 97  ? -2.361  -7.124  -6.660  1.00 10.12 ? 97  LYS A N   1 
ATOM   762  C  CA  . LYS A 1 97  ? -2.702  -6.957  -8.063  1.00 10.12 ? 97  LYS A CA  1 
ATOM   763  C  C   . LYS A 1 97  ? -1.875  -5.797  -8.639  1.00 10.36 ? 97  LYS A C   1 
ATOM   764  O  O   . LYS A 1 97  ? -1.355  -5.937  -9.784  1.00 11.34 ? 97  LYS A O   1 
ATOM   765  C  CB  . LYS A 1 97  ? -4.143  -6.608  -8.200  1.00 12.47 ? 97  LYS A CB  1 
ATOM   766  C  CG  A LYS A 1 97  ? -5.130  -7.591  -7.841  0.50 13.94 ? 97  LYS A CG  1 
ATOM   767  C  CG  B LYS A 1 97  ? -4.673  -6.685  -9.609  0.50 13.28 ? 97  LYS A CG  1 
ATOM   768  C  CD  A LYS A 1 97  ? -6.511  -7.137  -8.381  0.50 16.58 ? 97  LYS A CD  1 
ATOM   769  C  CD  B LYS A 1 97  ? -6.172  -6.523  -9.755  0.50 15.15 ? 97  LYS A CD  1 
ATOM   770  C  CE  A LYS A 1 97  ? -7.552  -8.144  -8.062  0.50 18.30 ? 97  LYS A CE  1 
ATOM   771  C  CE  B LYS A 1 97  ? -6.727  -7.897  -10.146 0.50 19.92 ? 97  LYS A CE  1 
ATOM   772  N  NZ  A LYS A 1 97  ? -7.594  -8.371  -6.612  0.50 23.22 ? 97  LYS A NZ  1 
ATOM   773  N  NZ  B LYS A 1 97  ? -6.962  -9.014  -9.213  0.50 22.81 ? 97  LYS A NZ  1 
ATOM   774  N  N   . ILE A 1 98  ? -1.685  -4.680  -7.963  1.00 9.25  ? 98  ILE A N   1 
ATOM   775  C  CA  . ILE A 1 98  ? -1.006  -3.543  -8.474  1.00 9.62  ? 98  ILE A CA  1 
ATOM   776  C  C   . ILE A 1 98  ? 0.439   -3.958  -8.795  1.00 9.63  ? 98  ILE A C   1 
ATOM   777  O  O   . ILE A 1 98  ? 0.941   -3.612  -9.858  1.00 10.63 ? 98  ILE A O   1 
ATOM   778  C  CB  . ILE A 1 98  ? -1.033  -2.355  -7.456  1.00 9.28  ? 98  ILE A CB  1 
ATOM   779  C  CG1 . ILE A 1 98  ? -2.474  -1.882  -7.270  1.00 9.63  ? 98  ILE A CG1 1 
ATOM   780  C  CG2 . ILE A 1 98  ? -0.158  -1.259  -7.945  1.00 11.11 ? 98  ILE A CG2 1 
ATOM   781  C  CD1 . ILE A 1 98  ? -2.701  -0.951  -6.113  1.00 10.73 ? 98  ILE A CD1 1 
ATOM   782  N  N   . VAL A 1 99  ? 1.140   -4.582  -7.847  1.00 8.86  ? 99  VAL A N   1 
ATOM   783  C  CA  . VAL A 1 99  ? 2.539   -4.883  -7.979  1.00 8.88  ? 99  VAL A CA  1 
ATOM   784  C  C   . VAL A 1 99  ? 2.792   -5.910  -9.044  1.00 10.15 ? 99  VAL A C   1 
ATOM   785  O  O   . VAL A 1 99  ? 3.962   -6.107  -9.496  1.00 11.26 ? 99  VAL A O   1 
ATOM   786  C  CB  . VAL A 1 99  ? 3.175   -5.273  -6.645  1.00 8.86  ? 99  VAL A CB  1 
ATOM   787  C  CG1 . VAL A 1 99  ? 2.778   -6.671  -6.259  1.00 9.24  ? 99  VAL A CG1 1 
ATOM   788  C  CG2 . VAL A 1 99  ? 4.669   -5.113  -6.625  1.00 9.34  ? 99  VAL A CG2 1 
ATOM   789  N  N   . SER A 1 100 ? 1.734   -6.655  -9.449  1.00 10.35 ? 100 SER A N   1 
ATOM   790  C  CA  . SER A 1 100 ? 1.795   -7.651  -10.476 1.00 12.23 ? 100 SER A CA  1 
ATOM   791  C  C   . SER A 1 100 ? 1.532   -7.117  -11.825 1.00 13.01 ? 100 SER A C   1 
ATOM   792  O  O   . SER A 1 100 ? 1.535   -7.938  -12.844 1.00 15.08 ? 100 SER A O   1 
ATOM   793  C  CB  . SER A 1 100 ? 0.855   -8.790  -10.132 1.00 12.05 ? 100 SER A CB  1 
ATOM   794  O  OG  . SER A 1 100 ? 1.133   -9.427  -8.986  1.00 14.40 ? 100 SER A OG  1 
ATOM   795  N  N   . ASP A 1 101 ? 1.268   -5.884  -12.005 1.00 12.58 ? 101 ASP A N   1 
ATOM   796  C  CA  . ASP A 1 101 ? 0.743   -5.350  -13.288 1.00 15.18 ? 101 ASP A CA  1 
ATOM   797  C  C   . ASP A 1 101 ? 1.804   -4.927  -14.289 1.00 15.69 ? 101 ASP A C   1 
ATOM   798  O  O   . ASP A 1 101 ? 1.435   -4.534  -15.400 1.00 17.66 ? 101 ASP A O   1 
ATOM   799  C  CB  . ASP A 1 101 ? -0.252  -4.286  -13.082 1.00 16.15 ? 101 ASP A CB  1 
ATOM   800  C  CG  . ASP A 1 101 ? 0.313   -3.027  -12.832 1.00 16.65 ? 101 ASP A CG  1 
ATOM   801  O  OD1 . ASP A 1 101 ? 1.573   -2.794  -12.852 1.00 21.13 ? 101 ASP A OD1 1 
ATOM   802  O  OD2 . ASP A 1 101 ? -0.505  -2.087  -12.528 1.00 21.21 ? 101 ASP A OD2 1 
ATOM   803  N  N   . GLY A 1 102 ? 3.077   -5.138  -13.982 1.00 14.46 ? 102 GLY A N   1 
ATOM   804  C  CA  . GLY A 1 102 ? 4.134   -4.955  -14.994 1.00 14.87 ? 102 GLY A CA  1 
ATOM   805  C  C   . GLY A 1 102 ? 5.245   -4.058  -14.461 1.00 13.54 ? 102 GLY A C   1 
ATOM   806  O  O   . GLY A 1 102 ? 6.404   -4.250  -14.860 1.00 15.02 ? 102 GLY A O   1 
ATOM   807  N  N   . ASN A 1 103 ? 4.971   -3.078  -13.589 1.00 13.31 ? 103 ASN A N   1 
ATOM   808  C  CA  . ASN A 1 103 ? 6.006   -2.136  -13.186 1.00 14.20 ? 103 ASN A CA  1 
ATOM   809  C  C   . ASN A 1 103 ? 6.431   -2.351  -11.735 1.00 11.24 ? 103 ASN A C   1 
ATOM   810  O  O   . ASN A 1 103 ? 7.229   -1.559  -11.154 1.00 11.72 ? 103 ASN A O   1 
ATOM   811  C  CB  . ASN A 1 103 ? 5.804   -0.720  -13.468 1.00 17.62 ? 103 ASN A CB  1 
ATOM   812  C  CG  . ASN A 1 103 ? 5.634   -0.438  -14.972 1.00 21.98 ? 103 ASN A CG  1 
ATOM   813  O  OD1 . ASN A 1 103 ? 6.391   -0.998  -15.828 1.00 23.62 ? 103 ASN A OD1 1 
ATOM   814  N  ND2 . ASN A 1 103 ? 4.599   0.222   -15.303 1.00 31.09 ? 103 ASN A ND2 1 
ATOM   815  N  N   . GLY A 1 104 ? 6.030   -3.451  -11.164 1.00 10.65 ? 104 GLY A N   1 
ATOM   816  C  CA  . GLY A 1 104 ? 6.483   -3.745  -9.848  1.00 8.88  ? 104 GLY A CA  1 
ATOM   817  C  C   . GLY A 1 104 ? 6.119   -2.685  -8.837  1.00 8.79  ? 104 GLY A C   1 
ATOM   818  O  O   . GLY A 1 104 ? 5.053   -2.058  -8.959  1.00 10.04 ? 104 GLY A O   1 
ATOM   819  N  N   . MET A 1 105 ? 6.973   -2.397  -7.892  1.00 8.26  ? 105 MET A N   1 
ATOM   820  C  CA  . MET A 1 105 ? 6.645   -1.380  -6.882  1.00 7.74  ? 105 MET A CA  1 
ATOM   821  C  C   . MET A 1 105 ? 6.818   0.020   -7.384  1.00 8.40  ? 105 MET A C   1 
ATOM   822  O  O   . MET A 1 105 ? 6.477   0.984   -6.654  1.00 8.15  ? 105 MET A O   1 
ATOM   823  C  CB  . MET A 1 105 ? 7.389   -1.629  -5.571  1.00 8.16  ? 105 MET A CB  1 
ATOM   824  C  CG  . MET A 1 105 ? 6.836   -2.825  -4.799  1.00 8.14  ? 105 MET A CG  1 
ATOM   825  S  SD  . MET A 1 105 ? 7.429   -2.903  -3.064  1.00 8.79  ? 105 MET A SD  1 
ATOM   826  C  CE  . MET A 1 105 ? 6.496   -1.605  -2.348  1.00 9.56  ? 105 MET A CE  1 
ATOM   827  N  N   . ASN A 1 106 ? 7.335   0.198   -8.620  1.00 9.22  ? 106 ASN A N   1 
ATOM   828  C  CA  . ASN A 1 106 ? 7.418   1.568   -9.166  1.00 9.21  ? 106 ASN A CA  1 
ATOM   829  C  C   . ASN A 1 106 ? 6.061   2.171   -9.321  1.00 9.72  ? 106 ASN A C   1 
ATOM   830  O  O   . ASN A 1 106 ? 5.940   3.424   -9.486  1.00 10.63 ? 106 ASN A O   1 
ATOM   831  C  CB  . ASN A 1 106 ? 8.139   1.578   -10.526 1.00 11.04 ? 106 ASN A CB  1 
ATOM   832  C  CG  . ASN A 1 106 ? 9.572   1.127   -10.408 1.00 10.52 ? 106 ASN A CG  1 
ATOM   833  O  OD1 . ASN A 1 106 ? 10.412  1.843   -9.830  1.00 11.20 ? 106 ASN A OD1 1 
ATOM   834  N  ND2 . ASN A 1 106 ? 9.857   -0.090  -10.901 1.00 11.66 ? 106 ASN A ND2 1 
ATOM   835  N  N   . ALA A 1 107 ? 4.983   1.372   -9.262  1.00 10.38 ? 107 ALA A N   1 
ATOM   836  C  CA  . ALA A 1 107 ? 3.652   1.929   -9.253  1.00 11.80 ? 107 ALA A CA  1 
ATOM   837  C  C   . ALA A 1 107 ? 3.515   2.950   -8.103  1.00 10.88 ? 107 ALA A C   1 
ATOM   838  O  O   . ALA A 1 107 ? 2.721   3.921   -8.248  1.00 13.36 ? 107 ALA A O   1 
ATOM   839  C  CB  . ALA A 1 107 ? 2.616   0.806   -9.042  1.00 13.10 ? 107 ALA A CB  1 
ATOM   840  N  N   . TRP A 1 108 ? 4.167   2.731   -6.963  1.00 8.99  ? 108 TRP A N   1 
ATOM   841  C  CA  . TRP A 1 108 ? 4.152   3.649   -5.861  1.00 9.49  ? 108 TRP A CA  1 
ATOM   842  C  C   . TRP A 1 108 ? 5.330   4.624   -6.101  1.00 10.54 ? 108 TRP A C   1 
ATOM   843  O  O   . TRP A 1 108 ? 6.527   4.311   -5.846  1.00 10.08 ? 108 TRP A O   1 
ATOM   844  C  CB  . TRP A 1 108 ? 4.296   2.950   -4.547  1.00 9.75  ? 108 TRP A CB  1 
ATOM   845  C  CG  . TRP A 1 108 ? 3.047   2.089   -4.140  1.00 8.32  ? 108 TRP A CG  1 
ATOM   846  C  CD1 . TRP A 1 108 ? 1.944   2.632   -3.495  1.00 9.03  ? 108 TRP A CD1 1 
ATOM   847  C  CD2 . TRP A 1 108 ? 2.754   0.774   -4.452  1.00 8.11  ? 108 TRP A CD2 1 
ATOM   848  N  NE1 . TRP A 1 108 ? 1.029   1.677   -3.355  1.00 9.58  ? 108 TRP A NE1 1 
ATOM   849  C  CE2 . TRP A 1 108 ? 1.438   0.475   -3.932  1.00 9.01  ? 108 TRP A CE2 1 
ATOM   850  C  CE3 . TRP A 1 108 ? 3.460   -0.281  -5.077  1.00 7.82  ? 108 TRP A CE3 1 
ATOM   851  C  CZ2 . TRP A 1 108 ? 0.890   -0.721  -4.032  1.00 8.93  ? 108 TRP A CZ2 1 
ATOM   852  C  CZ3 . TRP A 1 108 ? 2.860   -1.494  -5.196  1.00 8.30  ? 108 TRP A CZ3 1 
ATOM   853  C  CH2 . TRP A 1 108 ? 1.590   -1.729  -4.697  1.00 8.82  ? 108 TRP A CH2 1 
ATOM   854  N  N   . VAL A 1 109 ? 5.094   5.798   -6.691  1.00 11.92 ? 109 VAL A N   1 
ATOM   855  C  CA  . VAL A 1 109 ? 6.137   6.787   -6.936  1.00 11.89 ? 109 VAL A CA  1 
ATOM   856  C  C   . VAL A 1 109 ? 7.020   7.038   -5.692  1.00 11.01 ? 109 VAL A C   1 
ATOM   857  O  O   . VAL A 1 109 ? 8.206   7.158   -5.733  1.00 12.75 ? 109 VAL A O   1 
ATOM   858  C  CB  . VAL A 1 109 ? 5.510   8.088   -7.514  1.00 13.85 ? 109 VAL A CB  1 
ATOM   859  C  CG1 A VAL A 1 109 ? 4.795   8.612   -6.356  0.50 14.56 ? 109 VAL A CG1 1 
ATOM   860  C  CG1 B VAL A 1 109 ? 6.074   9.376   -7.011  0.50 14.16 ? 109 VAL A CG1 1 
ATOM   861  C  CG2 A VAL A 1 109 ? 6.608   9.129   -7.764  0.50 12.41 ? 109 VAL A CG2 1 
ATOM   862  C  CG2 B VAL A 1 109 ? 5.206   7.826   -9.076  0.50 11.82 ? 109 VAL A CG2 1 
ATOM   863  N  N   . ALA A 1 110 ? 6.412   7.167   -4.598  1.00 9.67  ? 110 ALA A N   1 
ATOM   864  C  CA  . ALA A 1 110 ? 7.154   7.336   -3.270  1.00 11.87 ? 110 ALA A CA  1 
ATOM   865  C  C   . ALA A 1 110 ? 8.047   6.191   -2.910  1.00 10.53 ? 110 ALA A C   1 
ATOM   866  O  O   . ALA A 1 110 ? 9.109   6.374   -2.278  1.00 11.31 ? 110 ALA A O   1 
ATOM   867  C  CB  . ALA A 1 110 ? 6.330   7.540   -2.195  1.00 13.46 ? 110 ALA A CB  1 
ATOM   868  N  N   . TRP A 1 111 ? 7.644   4.963   -3.222  1.00 10.00 ? 111 TRP A N   1 
ATOM   869  C  CA  . TRP A 1 111 ? 8.616   3.837   -3.102  1.00 9.27  ? 111 TRP A CA  1 
ATOM   870  C  C   . TRP A 1 111 ? 9.775   4.080   -4.040  1.00 9.79  ? 111 TRP A C   1 
ATOM   871  O  O   . TRP A 1 111 ? 10.927  3.955   -3.576  1.00 9.54  ? 111 TRP A O   1 
ATOM   872  C  CB  . TRP A 1 111 ? 7.925   2.497   -3.354  1.00 9.08  ? 111 TRP A CB  1 
ATOM   873  C  CG  . TRP A 1 111 ? 8.916   1.348   -3.364  1.00 9.04  ? 111 TRP A CG  1 
ATOM   874  C  CD1 . TRP A 1 111 ? 9.326   0.633   -2.255  1.00 8.53  ? 111 TRP A CD1 1 
ATOM   875  C  CD2 . TRP A 1 111 ? 9.646   0.844   -4.471  1.00 9.14  ? 111 TRP A CD2 1 
ATOM   876  N  NE1 . TRP A 1 111 ? 10.297  -0.263  -2.657  1.00 8.72  ? 111 TRP A NE1 1 
ATOM   877  C  CE2 . TRP A 1 111 ? 10.508  -0.142  -3.974  1.00 8.47  ? 111 TRP A CE2 1 
ATOM   878  C  CE3 . TRP A 1 111 ? 9.686   1.093   -5.840  1.00 9.64  ? 111 TRP A CE3 1 
ATOM   879  C  CZ2 . TRP A 1 111 ? 11.297  -0.864  -4.796  1.00 9.94  ? 111 TRP A CZ2 1 
ATOM   880  C  CZ3 . TRP A 1 111 ? 10.468  0.393   -6.619  1.00 10.12 ? 111 TRP A CZ3 1 
ATOM   881  C  CH2 . TRP A 1 111 ? 11.297  -0.566  -6.119  1.00 10.73 ? 111 TRP A CH2 1 
ATOM   882  N  N   . ARG A 1 112 ? 9.532   4.479   -5.290  1.00 10.90 ? 112 ARG A N   1 
ATOM   883  C  CA  . ARG A 1 112 ? 10.595  4.663   -6.178  1.00 11.25 ? 112 ARG A CA  1 
ATOM   884  C  C   . ARG A 1 112 ? 11.540  5.778   -5.648  1.00 11.04 ? 112 ARG A C   1 
ATOM   885  O  O   . ARG A 1 112 ? 12.712  5.659   -5.675  1.00 12.66 ? 112 ARG A O   1 
ATOM   886  C  CB  . ARG A 1 112 ? 10.101  4.981   -7.635  1.00 14.27 ? 112 ARG A CB  1 
ATOM   887  C  CG  . ARG A 1 112 ? 11.259  5.139   -8.584  1.00 15.86 ? 112 ARG A CG  1 
ATOM   888  C  CD  . ARG A 1 112 ? 10.926  5.310   -10.088 1.00 16.99 ? 112 ARG A CD  1 
ATOM   889  N  NE  . ARG A 1 112 ? 9.899   6.262   -10.272 1.00 20.11 ? 112 ARG A NE  1 
ATOM   890  C  CZ  . ARG A 1 112 ? 9.998   7.607   -10.219 1.00 24.50 ? 112 ARG A CZ  1 
ATOM   891  N  NH1 . ARG A 1 112 ? 11.199  8.228   -10.037 1.00 27.00 ? 112 ARG A NH1 1 
ATOM   892  N  NH2 . ARG A 1 112 ? 8.879   8.334   -10.325 1.00 26.78 ? 112 ARG A NH2 1 
ATOM   893  N  N   . ASN A 1 113 ? 10.928  6.845   -5.133  1.00 10.98 ? 113 ASN A N   1 
ATOM   894  C  CA  . ASN A 1 113 ? 11.706  8.028   -4.722  1.00 10.46 ? 113 ASN A CA  1 
ATOM   895  C  C   . ASN A 1 113 ? 12.328  7.907   -3.378  1.00 10.44 ? 113 ASN A C   1 
ATOM   896  O  O   . ASN A 1 113 ? 13.357  8.644   -3.137  1.00 11.07 ? 113 ASN A O   1 
ATOM   897  C  CB  . ASN A 1 113 ? 10.853  9.274   -4.849  1.00 9.73  ? 113 ASN A CB  1 
ATOM   898  C  CG  . ASN A 1 113 ? 10.537  9.663   -6.270  1.00 11.42 ? 113 ASN A CG  1 
ATOM   899  O  OD1 . ASN A 1 113 ? 11.332  9.416   -7.117  1.00 13.77 ? 113 ASN A OD1 1 
ATOM   900  N  ND2 . ASN A 1 113 ? 9.424   10.296  -6.483  1.00 11.45 ? 113 ASN A ND2 1 
ATOM   901  N  N   . ARG A 1 114 ? 11.816  7.107   -2.459  1.00 10.05 ? 114 ARG A N   1 
ATOM   902  C  CA  . ARG A 1 114 ? 12.317  7.124   -1.086  1.00 10.54 ? 114 ARG A CA  1 
ATOM   903  C  C   . ARG A 1 114 ? 12.739  5.778   -0.547  1.00 10.09 ? 114 ARG A C   1 
ATOM   904  O  O   . ARG A 1 114 ? 13.433  5.748   0.489   1.00 11.85 ? 114 ARG A O   1 
ATOM   905  C  CB  . ARG A 1 114 ? 11.221  7.740   -0.216  1.00 11.24 ? 114 ARG A CB  1 
ATOM   906  C  CG  . ARG A 1 114 ? 10.829  9.102   -0.712  1.00 11.35 ? 114 ARG A CG  1 
ATOM   907  C  CD  . ARG A 1 114 ? 9.791   9.743   0.082   1.00 11.28 ? 114 ARG A CD  1 
ATOM   908  N  NE  . ARG A 1 114 ? 10.284  10.238  1.411   1.00 10.77 ? 114 ARG A NE  1 
ATOM   909  C  CZ  . ARG A 1 114 ? 9.550   10.922  2.214   1.00 11.64 ? 114 ARG A CZ  1 
ATOM   910  N  NH1 . ARG A 1 114 ? 8.316   11.164  1.938   1.00 11.03 ? 114 ARG A NH1 1 
ATOM   911  N  NH2 . ARG A 1 114 ? 10.059  11.362  3.382   1.00 12.17 ? 114 ARG A NH2 1 
ATOM   912  N  N   . CYS A 1 115 ? 12.409  4.671   -1.214  1.00 9.34  ? 115 CYS A N   1 
ATOM   913  C  CA  . CYS A 1 115 ? 12.715  3.349   -0.713  1.00 9.35  ? 115 CYS A CA  1 
ATOM   914  C  C   . CYS A 1 115 ? 13.601  2.582   -1.647  1.00 9.33  ? 115 CYS A C   1 
ATOM   915  O  O   . CYS A 1 115 ? 14.513  1.847   -1.193  1.00 10.14 ? 115 CYS A O   1 
ATOM   916  C  CB  . CYS A 1 115 ? 11.445  2.560   -0.528  1.00 9.16  ? 115 CYS A CB  1 
ATOM   917  S  SG  . CYS A 1 115 ? 10.285  3.293   0.677   1.00 9.58  ? 115 CYS A SG  1 
ATOM   918  N  N   . LYS A 1 116 ? 13.340  2.621   -2.949  1.00 9.42  ? 116 LYS A N   1 
ATOM   919  C  CA  . LYS A 1 116 ? 14.062  1.845   -3.950  1.00 10.62 ? 116 LYS A CA  1 
ATOM   920  C  C   . LYS A 1 116 ? 15.546  2.149   -3.811  1.00 10.66 ? 116 LYS A C   1 
ATOM   921  O  O   . LYS A 1 116 ? 15.978  3.277   -3.765  1.00 11.58 ? 116 LYS A O   1 
ATOM   922  C  CB  . LYS A 1 116 ? 13.565  2.262   -5.299  1.00 10.42 ? 116 LYS A CB  1 
ATOM   923  C  CG  . LYS A 1 116 ? 14.163  1.548   -6.488  1.00 11.06 ? 116 LYS A CG  1 
ATOM   924  C  CD  . LYS A 1 116 ? 13.605  2.030   -7.828  1.00 10.29 ? 116 LYS A CD  1 
ATOM   925  C  CE  . LYS A 1 116 ? 14.022  1.199   -9.006  1.00 10.52 ? 116 LYS A CE  1 
ATOM   926  N  NZ  . LYS A 1 116 ? 13.353  1.666   -10.238 1.00 11.06 ? 116 LYS A NZ  1 
ATOM   927  N  N   . GLY A 1 117 ? 16.326  1.059   -3.708  1.00 13.56 ? 117 GLY A N   1 
ATOM   928  C  CA  . GLY A 1 117 ? 17.773  1.233   -3.664  1.00 15.19 ? 117 GLY A CA  1 
ATOM   929  C  C   . GLY A 1 117 ? 18.304  1.499   -2.303  1.00 14.91 ? 117 GLY A C   1 
ATOM   930  O  O   . GLY A 1 117 ? 19.542  1.477   -2.121  1.00 19.87 ? 117 GLY A O   1 
ATOM   931  N  N   . THR A 1 118 ? 17.508  1.688   -1.285  1.00 12.00 ? 118 THR A N   1 
ATOM   932  C  CA  . THR A 1 118 ? 17.942  1.951   0.083   1.00 11.81 ? 118 THR A CA  1 
ATOM   933  C  C   . THR A 1 118 ? 17.977  0.689   0.880   1.00 11.82 ? 118 THR A C   1 
ATOM   934  O  O   . THR A 1 118 ? 17.564  -0.347  0.488   1.00 12.35 ? 118 THR A O   1 
ATOM   935  C  CB  . THR A 1 118 ? 17.013  3.030   0.706   1.00 12.33 ? 118 THR A CB  1 
ATOM   936  O  OG1 . THR A 1 118 ? 15.803  2.387   1.104   1.00 11.23 ? 118 THR A OG1 1 
ATOM   937  C  CG2 . THR A 1 118 ? 16.762  4.211   -0.123  1.00 13.08 ? 118 THR A CG2 1 
ATOM   938  N  N   . ASP A 1 119 ? 18.537  0.797   2.103   1.00 12.93 ? 119 ASP A N   1 
ATOM   939  C  CA  . ASP A 1 119 ? 18.612  -0.296  3.040   1.00 13.72 ? 119 ASP A CA  1 
ATOM   940  C  C   . ASP A 1 119 ? 17.248  -0.562  3.692   1.00 13.07 ? 119 ASP A C   1 
ATOM   941  O  O   . ASP A 1 119 ? 17.029  -0.229  4.853   1.00 14.26 ? 119 ASP A O   1 
ATOM   942  C  CB  . ASP A 1 119 ? 19.700  -0.019  4.102   1.00 16.87 ? 119 ASP A CB  1 
ATOM   943  C  CG  . ASP A 1 119 ? 19.725  -1.115  5.166   1.00 21.89 ? 119 ASP A CG  1 
ATOM   944  O  OD1 . ASP A 1 119 ? 19.422  -2.323  4.856   1.00 24.59 ? 119 ASP A OD1 1 
ATOM   945  O  OD2 . ASP A 1 119 ? 20.223  -0.772  6.309   1.00 31.24 ? 119 ASP A OD2 1 
ATOM   946  N  N   . VAL A 1 120 ? 16.331  -1.138  2.905   1.00 12.68 ? 120 VAL A N   1 
ATOM   947  C  CA  . VAL A 1 120 ? 14.967  -1.330  3.369   1.00 11.69 ? 120 VAL A CA  1 
ATOM   948  C  C   . VAL A 1 120 ? 14.862  -2.304  4.501   1.00 11.26 ? 120 VAL A C   1 
ATOM   949  O  O   . VAL A 1 120 ? 13.880  -2.249  5.249   1.00 11.68 ? 120 VAL A O   1 
ATOM   950  C  CB  . VAL A 1 120 ? 14.005  -1.664  2.207   1.00 11.93 ? 120 VAL A CB  1 
ATOM   951  C  CG1 . VAL A 1 120 ? 13.932  -0.585  1.195   1.00 13.06 ? 120 VAL A CG1 1 
ATOM   952  C  CG2 . VAL A 1 120 ? 14.392  -2.971  1.583   1.00 13.38 ? 120 VAL A CG2 1 
ATOM   953  N  N   . GLN A 1 121 ? 15.839  -3.197  4.697   1.00 13.71 ? 121 GLN A N   1 
ATOM   954  C  CA  . GLN A 1 121 ? 15.775  -4.069  5.839   1.00 13.70 ? 121 GLN A CA  1 
ATOM   955  C  C   . GLN A 1 121 ? 15.758  -3.363  7.185   1.00 11.75 ? 121 GLN A C   1 
ATOM   956  O  O   . GLN A 1 121 ? 15.240  -3.893  8.178   1.00 12.68 ? 121 GLN A O   1 
ATOM   957  C  CB  . GLN A 1 121 ? 16.880  -5.156  5.713   1.00 16.09 ? 121 GLN A CB  1 
ATOM   958  C  CG  . GLN A 1 121 ? 16.798  -6.308  6.692   1.00 22.29 ? 121 GLN A CG  1 
ATOM   959  C  CD  . GLN A 1 121 ? 17.323  -6.006  8.074   1.00 24.93 ? 121 GLN A CD  1 
ATOM   960  O  OE1 . GLN A 1 121 ? 18.096  -5.091  8.261   1.00 24.56 ? 121 GLN A OE1 1 
ATOM   961  N  NE2 . GLN A 1 121 ? 16.823  -6.713  9.052   1.00 26.50 ? 121 GLN A NE2 1 
ATOM   962  N  N   . ALA A 1 122 ? 16.270  -2.135  7.224   1.00 11.75 ? 122 ALA A N   1 
ATOM   963  C  CA  . ALA A 1 122 ? 16.198  -1.318  8.437   1.00 13.17 ? 122 ALA A CA  1 
ATOM   964  C  C   . ALA A 1 122 ? 14.746  -1.218  8.941   1.00 11.49 ? 122 ALA A C   1 
ATOM   965  O  O   . ALA A 1 122 ? 14.475  -1.118  10.131  1.00 12.03 ? 122 ALA A O   1 
ATOM   966  C  CB  . ALA A 1 122 ? 16.724  0.079   8.247   1.00 14.47 ? 122 ALA A CB  1 
ATOM   967  N  N   . TRP A 1 123 ? 13.740  -1.247  8.013   1.00 10.69 ? 123 TRP A N   1 
ATOM   968  C  CA  . TRP A 1 123 ? 12.349  -1.107  8.417   1.00 10.38 ? 123 TRP A CA  1 
ATOM   969  C  C   . TRP A 1 123 ? 11.799  -2.267  9.211   1.00 10.82 ? 123 TRP A C   1 
ATOM   970  O  O   . TRP A 1 123 ? 10.797  -2.089  9.937   1.00 11.75 ? 123 TRP A O   1 
ATOM   971  C  CB  . TRP A 1 123 ? 11.477  -0.782  7.189   1.00 10.83 ? 123 TRP A CB  1 
ATOM   972  C  CG  . TRP A 1 123 ? 11.752  0.560   6.689   1.00 10.76 ? 123 TRP A CG  1 
ATOM   973  C  CD1 . TRP A 1 123 ? 12.575  0.857   5.613   1.00 13.42 ? 123 TRP A CD1 1 
ATOM   974  C  CD2 . TRP A 1 123 ? 11.339  1.790   7.263   1.00 11.22 ? 123 TRP A CD2 1 
ATOM   975  N  NE1 . TRP A 1 123 ? 12.691  2.177   5.484   1.00 13.26 ? 123 TRP A NE1 1 
ATOM   976  C  CE2 . TRP A 1 123 ? 12.006  2.801   6.467   1.00 12.42 ? 123 TRP A CE2 1 
ATOM   977  C  CE3 . TRP A 1 123 ? 10.596  2.144   8.371   1.00 12.80 ? 123 TRP A CE3 1 
ATOM   978  C  CZ2 . TRP A 1 123 ? 11.837  4.130   6.742   1.00 14.72 ? 123 TRP A CZ2 1 
ATOM   979  C  CZ3 . TRP A 1 123 ? 10.457  3.534   8.663   1.00 15.74 ? 123 TRP A CZ3 1 
ATOM   980  C  CH2 . TRP A 1 123 ? 11.116  4.452   7.846   1.00 15.18 ? 123 TRP A CH2 1 
ATOM   981  N  N   . ILE A 1 124 ? 12.422  -3.455  9.096   1.00 11.07 ? 124 ILE A N   1 
ATOM   982  C  CA  . ILE A 1 124 ? 11.969  -4.593  9.829   1.00 11.34 ? 124 ILE A CA  1 
ATOM   983  C  C   . ILE A 1 124 ? 12.998  -5.040  10.872  1.00 13.24 ? 124 ILE A C   1 
ATOM   984  O  O   . ILE A 1 124 ? 12.754  -6.039  11.556  1.00 14.72 ? 124 ILE A O   1 
ATOM   985  C  CB  . ILE A 1 124 ? 11.563  -5.731  8.907   1.00 14.08 ? 124 ILE A CB  1 
ATOM   986  C  CG1 . ILE A 1 124 ? 12.642  -6.225  8.005   1.00 16.61 ? 124 ILE A CG1 1 
ATOM   987  C  CG2 . ILE A 1 124 ? 10.335  -5.265  8.014   1.00 14.39 ? 124 ILE A CG2 1 
ATOM   988  C  CD1 . ILE A 1 124 ? 12.376  -7.530  7.181   1.00 22.10 ? 124 ILE A CD1 1 
ATOM   989  N  N   . ARG A 1 125 ? 14.067  -4.301  11.023  1.00 13.45 ? 125 ARG A N   1 
ATOM   990  C  CA  . ARG A 1 125 ? 15.203  -4.714  11.902  1.00 14.55 ? 125 ARG A CA  1 
ATOM   991  C  C   . ARG A 1 125 ? 14.695  -4.776  13.227  1.00 14.88 ? 125 ARG A C   1 
ATOM   992  O  O   . ARG A 1 125 ? 14.032  -3.955  13.748  1.00 14.91 ? 125 ARG A O   1 
ATOM   993  C  CB  . ARG A 1 125 ? 16.295  -3.714  11.756  1.00 18.36 ? 125 ARG A CB  1 
ATOM   994  C  CG  . ARG A 1 125 ? 17.536  -4.045  12.601  1.00 21.88 ? 125 ARG A CG  1 
ATOM   995  C  CD  . ARG A 1 125 ? 18.688  -3.234  12.089  1.00 27.29 ? 125 ARG A CD  1 
ATOM   996  N  NE  . ARG A 1 125 ? 18.958  -3.291  10.587  1.00 27.07 ? 125 ARG A NE  1 
ATOM   997  C  CZ  . ARG A 1 125 ? 19.436  -2.250  9.901   1.00 36.12 ? 125 ARG A CZ  1 
ATOM   998  N  NH1 . ARG A 1 125 ? 19.670  -2.325  8.583   1.00 35.94 ? 125 ARG A NH1 1 
ATOM   999  N  NH2 . ARG A 1 125 ? 19.632  -1.072  10.542  1.00 41.24 ? 125 ARG A NH2 1 
ATOM   1000 N  N   . GLY A 1 126 ? 15.047  -5.934  13.894  1.00 15.74 ? 126 GLY A N   1 
ATOM   1001 C  CA  . GLY A 1 126 ? 14.660  -6.162  15.219  1.00 18.68 ? 126 GLY A CA  1 
ATOM   1002 C  C   . GLY A 1 126 ? 13.274  -6.672  15.481  1.00 17.14 ? 126 GLY A C   1 
ATOM   1003 O  O   . GLY A 1 126 ? 12.887  -6.951  16.616  1.00 20.23 ? 126 GLY A O   1 
ATOM   1004 N  N   . CYS A 1 127 ? 12.388  -6.670  14.490  1.00 15.76 ? 127 CYS A N   1 
ATOM   1005 C  CA  . CYS A 1 127 ? 11.000  -7.027  14.719  1.00 16.00 ? 127 CYS A CA  1 
ATOM   1006 C  C   . CYS A 1 127 ? 10.786  -8.565  14.989  1.00 17.37 ? 127 CYS A C   1 
ATOM   1007 O  O   . CYS A 1 127 ? 11.358  -9.329  14.264  1.00 17.03 ? 127 CYS A O   1 
ATOM   1008 C  CB  . CYS A 1 127 ? 10.227  -6.606  13.463  1.00 13.64 ? 127 CYS A CB  1 
ATOM   1009 S  SG  . CYS A 1 127 ? 10.112  -4.905  13.104  1.00 14.00 ? 127 CYS A SG  1 
ATOM   1010 N  N   . ARG A 1 128 ? 9.808   -8.909  15.859  1.00 18.55 ? 128 ARG A N   1 
ATOM   1011 C  CA  . ARG A 1 128 ? 9.615   -10.308 16.119  1.00 24.67 ? 128 ARG A CA  1 
ATOM   1012 C  C   . ARG A 1 128 ? 8.835   -10.964 14.987  1.00 22.51 ? 128 ARG A C   1 
ATOM   1013 O  O   . ARG A 1 128 ? 8.955   -12.196 14.798  1.00 34.71 ? 128 ARG A O   1 
ATOM   1014 C  CB  . ARG A 1 128 ? 9.083   -10.479 17.533  1.00 30.18 ? 128 ARG A CB  1 
ATOM   1015 C  CG  . ARG A 1 128 ? 8.877   -11.861 18.064  1.00 34.61 ? 128 ARG A CG  1 
ATOM   1016 C  CD  . ARG A 1 128 ? 8.114   -11.593 19.343  1.00 35.18 ? 128 ARG A CD  1 
ATOM   1017 N  NE  . ARG A 1 128 ? 8.944   -11.227 20.487  1.00 34.38 ? 128 ARG A NE  1 
ATOM   1018 C  CZ  . ARG A 1 128 ? 8.560   -10.524 21.550  1.00 36.09 ? 128 ARG A CZ  1 
ATOM   1019 N  NH1 . ARG A 1 128 ? 9.423   -10.368 22.549  1.00 45.21 ? 128 ARG A NH1 1 
ATOM   1020 N  NH2 . ARG A 1 128 ? 7.366   -9.960  21.640  1.00 35.21 ? 128 ARG A NH2 1 
ATOM   1021 N  N   . LEU A 1 129 ? 7.938   -10.274 14.343  1.00 25.17 ? 129 LEU A N   1 
ATOM   1022 C  CA  . LEU A 1 129 ? 7.173   -10.813 13.234  1.00 25.13 ? 129 LEU A CA  1 
ATOM   1023 C  C   A LEU A 1 129 ? 6.235   -11.996 13.527  0.50 29.78 ? 129 LEU A C   1 
ATOM   1024 C  C   B LEU A 1 129 ? 6.129   -11.887 13.679  0.50 27.66 ? 129 LEU A C   1 
ATOM   1025 O  O   A LEU A 1 129 ? 6.380   -13.026 12.871  0.50 27.92 ? 129 LEU A O   1 
ATOM   1026 O  O   B LEU A 1 129 ? 5.477   -11.695 14.712  0.50 23.31 ? 129 LEU A O   1 
ATOM   1027 C  CB  . LEU A 1 129 ? 8.140   -11.216 12.060  1.00 23.58 ? 129 LEU A CB  1 
ATOM   1028 C  CG  . LEU A 1 129 ? 8.955   -9.993  11.503  1.00 20.47 ? 129 LEU A CG  1 
ATOM   1029 C  CD1 . LEU A 1 129 ? 9.845   -10.326 10.284  1.00 26.15 ? 129 LEU A CD1 1 
ATOM   1030 C  CD2 . LEU A 1 129 ? 8.066   -8.779  11.186  1.00 23.61 ? 129 LEU A CD2 1 
HETATM 1031 C  C1  . EDO B 2 .   ? 0.226   3.576   -6.561  1.00 15.55 ? 201 EDO A C1  1 
HETATM 1032 O  O1  . EDO B 2 .   ? 0.284   4.998   -6.593  1.00 19.50 ? 201 EDO A O1  1 
HETATM 1033 C  C2  . EDO B 2 .   ? -1.075  2.969   -6.028  1.00 13.43 ? 201 EDO A C2  1 
HETATM 1034 O  O2  . EDO B 2 .   ? -2.243  3.490   -6.742  1.00 11.98 ? 201 EDO A O2  1 
HETATM 1035 C  C1  . EDO C 2 .   ? -3.314  0.978   -15.313 1.00 51.66 ? 202 EDO A C1  1 
HETATM 1036 O  O1  . EDO C 2 .   ? -1.906  0.853   -15.379 1.00 51.74 ? 202 EDO A O1  1 
HETATM 1037 C  C2  . EDO C 2 .   ? -3.950  -0.387  -15.138 1.00 49.36 ? 202 EDO A C2  1 
HETATM 1038 O  O2  . EDO C 2 .   ? -3.000  -1.430  -15.390 1.00 52.07 ? 202 EDO A O2  1 
HETATM 1039 CL CL  . CL  D 3 .   ? 9.638   -6.322  -10.332 1.00 12.66 ? 203 CL  A CL  1 
HETATM 1040 CL CL  . CL  E 3 .   ? 13.652  -6.342  3.968   1.00 15.00 ? 204 CL  A CL  1 
HETATM 1041 CL CL  . CL  F 3 .   ? -16.067 6.882   -10.211 1.00 11.94 ? 205 CL  A CL  1 
HETATM 1042 NA NA  . NA  G 4 .   ? -12.310 4.106   -9.663  1.00 9.47  ? 206 NA  A NA  1 
HETATM 1043 C  C1  . 9Y3 H 5 .   ? 14.271  4.529   10.445  1.00 53.84 ? 207 9Y3 A C1  1 
HETATM 1044 C  C2  . 9Y3 H 5 .   ? 14.394  3.803   9.332   1.00 51.11 ? 207 9Y3 A C2  1 
HETATM 1045 C  C3  . 9Y3 H 5 .   ? 14.062  2.549   9.425   1.00 45.50 ? 207 9Y3 A C3  1 
HETATM 1046 C  C4  . 9Y3 H 5 .   ? 13.616  2.084   10.566  1.00 47.08 ? 207 9Y3 A C4  1 
HETATM 1047 C  C5  . 9Y3 H 5 .   ? 13.528  2.811   11.665  1.00 50.01 ? 207 9Y3 A C5  1 
HETATM 1048 C  C6  . 9Y3 H 5 .   ? 13.939  4.077   11.672  1.00 57.83 ? 207 9Y3 A C6  1 
HETATM 1049 C  C7  . 9Y3 H 5 .   ? 13.268  2.049   12.842  1.00 48.42 ? 207 9Y3 A C7  1 
HETATM 1050 C  C8  . 9Y3 H 5 .   ? 14.164  1.082   13.168  1.00 44.07 ? 207 9Y3 A C8  1 
HETATM 1051 C  C9  . 9Y3 H 5 .   ? 15.401  0.841   12.411  1.00 37.41 ? 207 9Y3 A C9  1 
HETATM 1052 O  O10 . 9Y3 H 5 .   ? 15.966  -0.051  11.979  1.00 33.70 ? 207 9Y3 A O10 1 
HETATM 1053 C  C1  . 9Y6 I 6 .   ? -9.215  13.330  1.047   0.50 16.31 ? 208 9Y6 A C1  1 
HETATM 1054 C  C2  . 9Y6 I 6 .   ? -9.978  14.036  0.070   0.50 23.96 ? 208 9Y6 A C2  1 
HETATM 1055 C  C3  . 9Y6 I 6 .   ? -9.514  15.131  -0.564  0.50 24.05 ? 208 9Y6 A C3  1 
HETATM 1056 C  C4  . 9Y6 I 6 .   ? -8.212  15.608  -0.423  0.50 26.75 ? 208 9Y6 A C4  1 
HETATM 1057 C  C5  . 9Y6 I 6 .   ? -7.321  15.025  0.423   0.50 16.45 ? 208 9Y6 A C5  1 
HETATM 1058 C  C6  . 9Y6 I 6 .   ? -7.843  13.930  1.201   0.50 16.22 ? 208 9Y6 A C6  1 
HETATM 1059 C  C7  . 9Y6 I 6 .   ? -5.810  15.500  0.453   1.00 25.07 ? 208 9Y6 A C7  1 
HETATM 1060 C  C8  . 9Y6 I 6 .   ? -5.222  16.017  -0.566  1.00 26.97 ? 208 9Y6 A C8  1 
HETATM 1061 C  C9  A 9Y6 I 6 .   ? -3.787  16.305  -0.575  0.50 32.03 ? 208 9Y6 A C9  1 
HETATM 1062 C  C9  B 9Y6 I 6 .   ? -3.782  16.287  -0.860  0.50 31.48 ? 208 9Y6 A C9  1 
HETATM 1063 O  O10 A 9Y6 I 6 .   ? -3.071  15.993  0.375   0.50 28.72 ? 208 9Y6 A O10 1 
HETATM 1064 O  O10 B 9Y6 I 6 .   ? -3.371  16.344  -2.079  0.50 28.49 ? 208 9Y6 A O10 1 
HETATM 1065 O  O   . HOH J 7 .   ? 11.043  -10.331 3.495   1.00 25.09 ? 301 HOH A O   1 
HETATM 1066 O  O   . HOH J 7 .   ? -8.192  -9.543  -4.983  1.00 40.86 ? 302 HOH A O   1 
HETATM 1067 O  O   . HOH J 7 .   ? 7.440   -14.109 11.417  1.00 34.56 ? 303 HOH A O   1 
HETATM 1068 O  O   . HOH J 7 .   ? -15.087 -3.935  -10.654 1.00 34.22 ? 304 HOH A O   1 
HETATM 1069 O  O   . HOH J 7 .   ? 11.242  -13.712 -1.559  1.00 47.50 ? 305 HOH A O   1 
HETATM 1070 O  O   . HOH J 7 .   ? 7.096   -9.165  16.175  1.00 40.27 ? 306 HOH A O   1 
HETATM 1071 O  O   . HOH J 7 .   ? -3.078  17.432  2.309   1.00 36.91 ? 307 HOH A O   1 
HETATM 1072 O  O   . HOH J 7 .   ? 18.581  0.969   11.321  1.00 44.77 ? 308 HOH A O   1 
HETATM 1073 O  O   . HOH J 7 .   ? 13.463  -10.157 -1.546  1.00 25.60 ? 309 HOH A O   1 
HETATM 1074 O  O   . HOH J 7 .   ? 3.263   -2.211  -11.189 1.00 20.61 ? 310 HOH A O   1 
HETATM 1075 O  O   . HOH J 7 .   ? 0.795   -0.052  -12.040 1.00 36.74 ? 311 HOH A O   1 
HETATM 1076 O  O   . HOH J 7 .   ? 16.948  2.271   12.148  1.00 42.99 ? 312 HOH A O   1 
HETATM 1077 O  O   . HOH J 7 .   ? -16.317 -5.735  -3.696  1.00 38.60 ? 313 HOH A O   1 
HETATM 1078 O  O   . HOH J 7 .   ? 3.525   7.400   -4.312  1.00 13.85 ? 314 HOH A O   1 
HETATM 1079 O  O   . HOH J 7 .   ? -1.548  -19.059 7.195   1.00 24.11 ? 315 HOH A O   1 
HETATM 1080 O  O   . HOH J 7 .   ? -10.918 12.755  -11.634 1.00 24.45 ? 316 HOH A O   1 
HETATM 1081 O  O   . HOH J 7 .   ? -5.485  -4.372  12.335  1.00 22.47 ? 317 HOH A O   1 
HETATM 1082 O  O   . HOH J 7 .   ? 4.834   -6.096  -11.987 1.00 12.44 ? 318 HOH A O   1 
HETATM 1083 O  O   . HOH J 7 .   ? -16.730 7.094   -15.124 0.50 12.40 ? 319 HOH A O   1 
HETATM 1084 O  O   . HOH J 7 .   ? 3.663   4.225   14.096  1.00 14.94 ? 320 HOH A O   1 
HETATM 1085 O  O   . HOH J 7 .   ? 1.126   4.258   -10.343 1.00 31.64 ? 321 HOH A O   1 
HETATM 1086 O  O   . HOH J 7 .   ? 2.245   6.790   -6.662  1.00 15.47 ? 322 HOH A O   1 
HETATM 1087 O  O   . HOH J 7 .   ? -1.068  9.101   -6.538  1.00 23.97 ? 323 HOH A O   1 
HETATM 1088 O  O   . HOH J 7 .   ? -4.215  -12.235 -1.092  1.00 37.80 ? 324 HOH A O   1 
HETATM 1089 O  O   . HOH J 7 .   ? 6.557   -8.011  14.651  1.00 29.13 ? 325 HOH A O   1 
HETATM 1090 O  O   . HOH J 7 .   ? -11.721 10.850  -5.989  1.00 8.45  ? 326 HOH A O   1 
HETATM 1091 O  O   . HOH J 7 .   ? -1.131  6.769   -8.016  1.00 25.15 ? 327 HOH A O   1 
HETATM 1092 O  O   . HOH J 7 .   ? 4.801   10.582  4.155   1.00 17.41 ? 328 HOH A O   1 
HETATM 1093 O  O   . HOH J 7 .   ? 2.176   9.709   -1.589  1.00 27.48 ? 329 HOH A O   1 
HETATM 1094 O  O   . HOH J 7 .   ? -18.363 2.747   1.507   1.00 13.54 ? 330 HOH A O   1 
HETATM 1095 O  O   . HOH J 7 .   ? -7.915  10.885  5.569   1.00 8.93  ? 331 HOH A O   1 
HETATM 1096 O  O   . HOH J 7 .   ? 14.487  7.335   2.394   1.00 14.92 ? 332 HOH A O   1 
HETATM 1097 O  O   . HOH J 7 .   ? 7.353   5.436   -10.600 1.00 27.02 ? 333 HOH A O   1 
HETATM 1098 O  O   . HOH J 7 .   ? 10.717  -12.196 6.943   1.00 44.62 ? 334 HOH A O   1 
HETATM 1099 O  O   . HOH J 7 .   ? 0.290   6.094   -4.124  1.00 16.38 ? 335 HOH A O   1 
HETATM 1100 O  O   . HOH J 7 .   ? 5.182   -14.112 -0.679  1.00 33.49 ? 336 HOH A O   1 
HETATM 1101 O  O   . HOH J 7 .   ? 11.027  -13.692 15.699  1.00 35.71 ? 337 HOH A O   1 
HETATM 1102 O  O   . HOH J 7 .   ? 3.733   -13.606 13.908  1.00 30.02 ? 338 HOH A O   1 
HETATM 1103 O  O   . HOH J 7 .   ? -6.179  -1.160  5.884   1.00 10.86 ? 339 HOH A O   1 
HETATM 1104 O  O   . HOH J 7 .   ? -4.696  -10.403 2.496   1.00 30.40 ? 340 HOH A O   1 
HETATM 1105 O  O   . HOH J 7 .   ? -8.814  -6.846  -4.721  1.00 17.89 ? 341 HOH A O   1 
HETATM 1106 O  O   . HOH J 7 .   ? -5.123  -10.030 -5.082  1.00 24.04 ? 342 HOH A O   1 
HETATM 1107 O  O   . HOH J 7 .   ? -7.421  -7.607  11.092  1.00 39.08 ? 343 HOH A O   1 
HETATM 1108 O  O   . HOH J 7 .   ? 4.187   -13.186 3.727   1.00 18.94 ? 344 HOH A O   1 
HETATM 1109 O  O   . HOH J 7 .   ? 0.852   8.623   -3.245  1.00 15.44 ? 345 HOH A O   1 
HETATM 1110 O  O   . HOH J 7 .   ? 16.911  2.452   5.451   1.00 21.85 ? 346 HOH A O   1 
HETATM 1111 O  O   . HOH J 7 .   ? 4.349   1.243   -17.845 1.00 39.24 ? 347 HOH A O   1 
HETATM 1112 O  O   . HOH J 7 .   ? -20.988 8.609   -9.508  1.00 19.33 ? 348 HOH A O   1 
HETATM 1113 O  O   . HOH J 7 .   ? -5.009  0.690   4.457   1.00 13.16 ? 349 HOH A O   1 
HETATM 1114 O  O   . HOH J 7 .   ? -0.410  10.362  3.605   1.00 26.55 ? 350 HOH A O   1 
HETATM 1115 O  O   . HOH J 7 .   ? -6.275  6.036   12.059  1.00 9.28  ? 351 HOH A O   1 
HETATM 1116 O  O   . HOH J 7 .   ? -0.654  10.020  -1.570  1.00 13.57 ? 352 HOH A O   1 
HETATM 1117 O  O   . HOH J 7 .   ? -2.248  -7.013  -12.168 1.00 21.85 ? 353 HOH A O   1 
HETATM 1118 O  O   . HOH J 7 .   ? 0.264   -6.959  13.680  1.00 24.34 ? 354 HOH A O   1 
HETATM 1119 O  O   . HOH J 7 .   ? -8.235  -11.625 5.995   1.00 32.90 ? 355 HOH A O   1 
HETATM 1120 O  O   . HOH J 7 .   ? -15.868 -5.505  -8.294  1.00 49.97 ? 356 HOH A O   1 
HETATM 1121 O  O   . HOH J 7 .   ? 13.929  9.100   -8.044  1.00 29.61 ? 357 HOH A O   1 
HETATM 1122 O  O   . HOH J 7 .   ? 14.869  2.987   3.648   1.00 14.09 ? 358 HOH A O   1 
HETATM 1123 O  O   . HOH J 7 .   ? 4.102   9.955   -0.185  1.00 13.30 ? 359 HOH A O   1 
HETATM 1124 O  O   . HOH J 7 .   ? -9.936  4.275   -17.296 1.00 21.94 ? 360 HOH A O   1 
HETATM 1125 O  O   . HOH J 7 .   ? -13.736 5.764   -8.472  1.00 9.73  ? 361 HOH A O   1 
HETATM 1126 O  O   . HOH J 7 .   ? -18.628 4.608   -10.117 1.00 25.24 ? 362 HOH A O   1 
HETATM 1127 O  O   . HOH J 7 .   ? 18.413  4.630   -3.919  1.00 23.16 ? 363 HOH A O   1 
HETATM 1128 O  O   . HOH J 7 .   ? -10.206 -9.768  7.319   1.00 40.60 ? 364 HOH A O   1 
HETATM 1129 O  O   . HOH J 7 .   ? -9.178  2.322   12.180  1.00 14.97 ? 365 HOH A O   1 
HETATM 1130 O  O   . HOH J 7 .   ? -13.519 1.712   6.156   1.00 19.40 ? 366 HOH A O   1 
HETATM 1131 O  O   . HOH J 7 .   ? 2.929   -14.807 -0.512  1.00 33.73 ? 367 HOH A O   1 
HETATM 1132 O  O   . HOH J 7 .   ? -1.668  0.268   16.527  1.00 24.70 ? 368 HOH A O   1 
HETATM 1133 O  O   . HOH J 7 .   ? -13.008 -4.653  -12.598 1.00 37.51 ? 369 HOH A O   1 
HETATM 1134 O  O   . HOH J 7 .   ? 6.625   -9.391  24.286  1.00 35.47 ? 370 HOH A O   1 
HETATM 1135 O  O   . HOH J 7 .   ? -1.580  11.886  -3.481  1.00 20.53 ? 371 HOH A O   1 
HETATM 1136 O  O   . HOH J 7 .   ? 4.754   -2.267  -17.729 1.00 39.68 ? 372 HOH A O   1 
HETATM 1137 O  O   . HOH J 7 .   ? 15.052  5.992   -7.202  1.00 25.13 ? 373 HOH A O   1 
HETATM 1138 O  O   . HOH J 7 .   ? 12.981  -8.829  12.009  1.00 35.42 ? 374 HOH A O   1 
HETATM 1139 O  O   . HOH J 7 .   ? 16.781  -1.809  -1.801  1.00 17.88 ? 375 HOH A O   1 
HETATM 1140 O  O   . HOH J 7 .   ? 5.859   9.464   6.672   1.00 19.81 ? 376 HOH A O   1 
HETATM 1141 O  O   . HOH J 7 .   ? -1.377  9.735   7.487   1.00 17.72 ? 377 HOH A O   1 
HETATM 1142 O  O   . HOH J 7 .   ? -8.734  -4.574  13.039  1.00 38.25 ? 378 HOH A O   1 
HETATM 1143 O  O   . HOH J 7 .   ? -9.676  -5.283  4.852   1.00 13.80 ? 379 HOH A O   1 
HETATM 1144 O  O   . HOH J 7 .   ? -16.638 14.930  -2.875  1.00 15.62 ? 380 HOH A O   1 
HETATM 1145 O  O   . HOH J 7 .   ? 0.394   8.225   11.254  1.00 17.08 ? 381 HOH A O   1 
HETATM 1146 O  O   . HOH J 7 .   ? -1.558  -13.751 -5.387  1.00 31.96 ? 382 HOH A O   1 
HETATM 1147 O  O   . HOH J 7 .   ? 10.963  -8.024  -7.912  1.00 12.67 ? 383 HOH A O   1 
HETATM 1148 O  O   . HOH J 7 .   ? 15.040  -7.956  18.185  1.00 22.38 ? 384 HOH A O   1 
HETATM 1149 O  O   . HOH J 7 .   ? 14.894  4.060   -10.459 1.00 19.65 ? 385 HOH A O   1 
HETATM 1150 O  O   . HOH J 7 .   ? -3.918  1.235   0.883   1.00 9.06  ? 386 HOH A O   1 
HETATM 1151 O  O   . HOH J 7 .   ? -8.966  -5.701  -2.190  1.00 16.49 ? 387 HOH A O   1 
HETATM 1152 O  O   . HOH J 7 .   ? 14.329  -1.507  -3.000  1.00 14.55 ? 388 HOH A O   1 
HETATM 1153 O  O   . HOH J 7 .   ? -11.886 -3.707  4.268   1.00 15.33 ? 389 HOH A O   1 
HETATM 1154 O  O   . HOH J 7 .   ? -10.048 8.837   -14.370 1.00 26.29 ? 390 HOH A O   1 
HETATM 1155 O  O   . HOH J 7 .   ? -15.288 3.663   -16.413 1.00 21.04 ? 391 HOH A O   1 
HETATM 1156 O  O   . HOH J 7 .   ? 14.810  5.904   -3.610  1.00 13.97 ? 392 HOH A O   1 
HETATM 1157 O  O   . HOH J 7 .   ? -7.222  -10.095 8.346   1.00 33.50 ? 393 HOH A O   1 
HETATM 1158 O  O   . HOH J 7 .   ? 10.061  2.632   14.401  1.00 34.25 ? 394 HOH A O   1 
HETATM 1159 O  O   . HOH J 7 .   ? -12.942 13.936  -9.845  1.00 21.33 ? 395 HOH A O   1 
HETATM 1160 O  O   . HOH J 7 .   ? -0.138  3.934   17.170  1.00 31.17 ? 396 HOH A O   1 
HETATM 1161 O  O   . HOH J 7 .   ? -1.719  15.333  -7.693  1.00 26.40 ? 397 HOH A O   1 
HETATM 1162 O  O   . HOH J 7 .   ? 8.284   12.485  5.383   1.00 13.33 ? 398 HOH A O   1 
HETATM 1163 O  O   . HOH J 7 .   ? 20.906  -0.663  -3.532  1.00 34.19 ? 399 HOH A O   1 
HETATM 1164 O  O   . HOH J 7 .   ? 15.002  -8.917  8.507   1.00 35.04 ? 400 HOH A O   1 
HETATM 1165 O  O   . HOH J 7 .   ? 6.125   7.531   13.067  1.00 28.70 ? 401 HOH A O   1 
HETATM 1166 O  O   . HOH J 7 .   ? -1.765  14.010  -2.778  1.00 50.16 ? 402 HOH A O   1 
HETATM 1167 O  O   . HOH J 7 .   ? 5.004   -13.811 -5.357  1.00 22.03 ? 403 HOH A O   1 
HETATM 1168 O  O   . HOH J 7 .   ? 20.021  3.200   2.844   1.00 20.10 ? 404 HOH A O   1 
HETATM 1169 O  O   . HOH J 7 .   ? -14.533 3.227   -10.036 1.00 11.37 ? 405 HOH A O   1 
HETATM 1170 O  O   . HOH J 7 .   ? 12.500  0.698   17.012  1.00 43.06 ? 406 HOH A O   1 
HETATM 1171 O  O   . HOH J 7 .   ? -11.933 -0.106  10.560  1.00 19.82 ? 407 HOH A O   1 
HETATM 1172 O  O   . HOH J 7 .   ? -15.812 -0.342  3.367   1.00 19.11 ? 408 HOH A O   1 
HETATM 1173 O  O   . HOH J 7 .   ? -7.732  -2.524  4.006   1.00 13.27 ? 409 HOH A O   1 
HETATM 1174 O  O   . HOH J 7 .   ? 13.053  9.790   2.280   1.00 11.94 ? 410 HOH A O   1 
HETATM 1175 O  O   . HOH J 7 .   ? -2.134  -5.722  14.568  1.00 26.87 ? 411 HOH A O   1 
HETATM 1176 O  O   . HOH J 7 .   ? -0.665  -14.462 -1.881  1.00 28.63 ? 412 HOH A O   1 
HETATM 1177 O  O   . HOH J 7 .   ? -4.629  9.999   -11.413 1.00 23.99 ? 413 HOH A O   1 
HETATM 1178 O  O   . HOH J 7 .   ? -12.073 6.561   -19.295 1.00 31.00 ? 414 HOH A O   1 
HETATM 1179 O  O   . HOH J 7 .   ? -14.665 17.080  -7.010  1.00 40.49 ? 415 HOH A O   1 
HETATM 1180 O  O   . HOH J 7 .   ? 9.034   -14.806 -4.015  1.00 28.85 ? 416 HOH A O   1 
HETATM 1181 O  O   . HOH J 7 .   ? 7.001   -15.037 -3.006  1.00 38.10 ? 417 HOH A O   1 
HETATM 1182 O  O   . HOH J 7 .   ? -4.317  3.655   16.218  1.00 20.78 ? 418 HOH A O   1 
HETATM 1183 O  O   . HOH J 7 .   ? -11.618 12.486  -14.206 1.00 28.90 ? 419 HOH A O   1 
HETATM 1184 O  O   . HOH J 7 .   ? 3.754   6.365   12.421  1.00 14.89 ? 420 HOH A O   1 
HETATM 1185 O  O   . HOH J 7 .   ? -12.673 -7.809  -4.693  1.00 29.75 ? 421 HOH A O   1 
HETATM 1186 O  O   . HOH J 7 .   ? 5.232   -2.037  16.396  1.00 20.82 ? 422 HOH A O   1 
HETATM 1187 O  O   . HOH J 7 .   ? 15.263  -4.287  -1.757  1.00 16.79 ? 423 HOH A O   1 
HETATM 1188 O  O   . HOH J 7 .   ? -2.084  6.619   -13.513 1.00 30.35 ? 424 HOH A O   1 
HETATM 1189 O  O   . HOH J 7 .   ? -5.889  -2.874  16.695  1.00 33.38 ? 425 HOH A O   1 
HETATM 1190 O  O   . HOH J 7 .   ? 2.578   0.049   -12.529 1.00 31.18 ? 426 HOH A O   1 
HETATM 1191 O  O   . HOH J 7 .   ? -1.927  4.032   -9.710  1.00 13.39 ? 427 HOH A O   1 
HETATM 1192 O  O   . HOH J 7 .   ? 8.219   -9.016  -10.044 1.00 23.49 ? 428 HOH A O   1 
HETATM 1193 O  O   . HOH J 7 .   ? 21.074  3.394   -3.928  1.00 34.63 ? 429 HOH A O   1 
HETATM 1194 O  O   . HOH J 7 .   ? -1.082  10.105  10.185  1.00 18.19 ? 430 HOH A O   1 
HETATM 1195 O  O   . HOH J 7 .   ? 16.235  -1.643  14.609  1.00 33.52 ? 431 HOH A O   1 
HETATM 1196 O  O   . HOH J 7 .   ? 17.969  -3.920  2.551   1.00 23.29 ? 432 HOH A O   1 
HETATM 1197 O  O   . HOH J 7 .   ? -20.482 4.712   -6.226  1.00 10.01 ? 433 HOH A O   1 
HETATM 1198 O  O   . HOH J 7 .   ? 21.078  -0.477  -0.248  1.00 46.36 ? 434 HOH A O   1 
HETATM 1199 O  O   . HOH J 7 .   ? -2.832  -9.211  10.709  1.00 25.52 ? 435 HOH A O   1 
HETATM 1200 O  O   . HOH J 7 .   ? -11.301 17.502  -7.288  1.00 35.35 ? 436 HOH A O   1 
HETATM 1201 O  O   . HOH J 7 .   ? -9.979  2.333   -19.115 1.00 26.32 ? 437 HOH A O   1 
HETATM 1202 O  O   . HOH J 7 .   ? -16.872 -2.229  -5.618  1.00 18.02 ? 438 HOH A O   1 
HETATM 1203 O  O   . HOH J 7 .   ? 9.804   1.117   16.071  1.00 42.27 ? 439 HOH A O   1 
HETATM 1204 O  O   . HOH J 7 .   ? 6.256   3.024   14.756  1.00 27.12 ? 440 HOH A O   1 
HETATM 1205 O  O   . HOH J 7 .   ? -7.958  4.502   14.536  1.00 27.85 ? 441 HOH A O   1 
HETATM 1206 O  O   . HOH J 7 .   ? 1.935   -7.813  -15.995 1.00 40.44 ? 442 HOH A O   1 
HETATM 1207 O  O   . HOH J 7 .   ? -15.804 5.456   -13.044 1.00 21.28 ? 443 HOH A O   1 
HETATM 1208 O  O   . HOH J 7 .   ? -17.353 -0.201  -9.850  1.00 15.60 ? 444 HOH A O   1 
HETATM 1209 O  O   . HOH J 7 .   ? 11.778  2.391   -12.921 1.00 27.06 ? 445 HOH A O   1 
HETATM 1210 O  O   . HOH J 7 .   ? -11.171 -9.086  -7.101  1.00 32.72 ? 446 HOH A O   1 
HETATM 1211 O  O   . HOH J 7 .   ? 9.099   -17.072 7.295   1.00 35.67 ? 447 HOH A O   1 
HETATM 1212 O  O   . HOH J 7 .   ? -15.383 2.014   -12.458 1.00 31.10 ? 448 HOH A O   1 
HETATM 1213 O  O   . HOH J 7 .   ? -13.228 -1.839  -13.707 1.00 14.29 ? 449 HOH A O   1 
HETATM 1214 O  O   . HOH J 7 .   ? -8.765  17.778  -7.290  1.00 35.47 ? 450 HOH A O   1 
HETATM 1215 O  O   . HOH J 7 .   ? 14.098  6.825   -9.970  1.00 26.58 ? 451 HOH A O   1 
HETATM 1216 O  O   . HOH J 7 .   ? 15.620  -6.820  -0.388  1.00 22.97 ? 452 HOH A O   1 
HETATM 1217 O  O   . HOH J 7 .   ? 7.711   -0.924  16.267  1.00 17.57 ? 453 HOH A O   1 
HETATM 1218 O  O   . HOH J 7 .   ? 5.932   10.555  12.929  1.00 22.20 ? 454 HOH A O   1 
HETATM 1219 O  O   . HOH J 7 .   ? -12.841 1.311   -19.857 1.00 28.45 ? 455 HOH A O   1 
HETATM 1220 O  O   . HOH J 7 .   ? 16.850  -8.026  12.062  1.00 19.15 ? 456 HOH A O   1 
HETATM 1221 O  O   . HOH J 7 .   ? -7.682  -12.560 1.901   1.00 33.99 ? 457 HOH A O   1 
HETATM 1222 O  O   . HOH J 7 .   ? -18.275 0.319   -4.618  1.00 10.88 ? 458 HOH A O   1 
HETATM 1223 O  O   . HOH J 7 .   ? 2.014   12.123  9.378   1.00 44.65 ? 459 HOH A O   1 
HETATM 1224 O  O   . HOH J 7 .   ? -4.574  -6.448  9.889   1.00 12.95 ? 460 HOH A O   1 
HETATM 1225 O  O   . HOH J 7 .   ? 11.368  -14.084 -3.745  1.00 41.07 ? 461 HOH A O   1 
HETATM 1226 O  O   . HOH J 7 .   ? 6.215   9.622   -11.935 1.00 46.51 ? 462 HOH A O   1 
HETATM 1227 O  O   . HOH J 7 .   ? 8.034   -13.901 -6.638  1.00 40.26 ? 463 HOH A O   1 
HETATM 1228 O  O   . HOH J 7 .   ? -10.253 -7.854  -0.624  1.00 22.09 ? 464 HOH A O   1 
HETATM 1229 O  O   . HOH J 7 .   ? 15.958  -6.430  2.219   1.00 30.52 ? 465 HOH A O   1 
HETATM 1230 O  O   . HOH J 7 .   ? 4.698   2.448   -12.742 1.00 29.94 ? 466 HOH A O   1 
HETATM 1231 O  O   . HOH J 7 .   ? 8.780   4.323   12.089  1.00 12.57 ? 467 HOH A O   1 
HETATM 1232 O  O   . HOH J 7 .   ? 8.764   4.320   -12.848 1.00 34.51 ? 468 HOH A O   1 
HETATM 1233 O  O   . HOH J 7 .   ? 14.501  -2.464  16.957  1.00 42.11 ? 469 HOH A O   1 
HETATM 1234 O  O   . HOH J 7 .   ? 0.466   -10.944 12.666  1.00 47.38 ? 470 HOH A O   1 
HETATM 1235 O  O   . HOH J 7 .   ? 2.840   -14.093 -7.299  1.00 40.85 ? 471 HOH A O   1 
HETATM 1236 O  O   . HOH J 7 .   ? -18.022 11.471  -10.877 1.00 27.14 ? 472 HOH A O   1 
HETATM 1237 O  O   . HOH J 7 .   ? 17.766  1.813   -6.877  1.00 16.48 ? 473 HOH A O   1 
HETATM 1238 O  O   . HOH J 7 .   ? -3.157  10.904  -10.187 1.00 29.94 ? 474 HOH A O   1 
HETATM 1239 O  O   . HOH J 7 .   ? -17.612 9.026   -12.033 1.00 19.69 ? 475 HOH A O   1 
HETATM 1240 O  O   . HOH J 7 .   ? -0.717  -9.235  12.532  1.00 25.86 ? 476 HOH A O   1 
HETATM 1241 O  O   . HOH J 7 .   ? -6.317  -8.776  12.744  1.00 44.03 ? 477 HOH A O   1 
HETATM 1242 O  O   . HOH J 7 .   ? -5.703  18.777  -3.567  1.00 42.53 ? 478 HOH A O   1 
HETATM 1243 O  O   . HOH J 7 .   ? 7.244   10.323  8.525   1.00 38.79 ? 479 HOH A O   1 
HETATM 1244 O  O   . HOH J 7 .   ? -8.597  -0.904  15.477  1.00 38.80 ? 480 HOH A O   1 
HETATM 1245 O  O   . HOH J 7 .   ? -7.765  -11.316 -3.524  1.00 35.60 ? 481 HOH A O   1 
HETATM 1246 O  O   . HOH J 7 .   ? 10.261  -13.158 -7.911  1.00 24.61 ? 482 HOH A O   1 
HETATM 1247 O  O   . HOH J 7 .   ? 6.796   -13.178 -9.872  1.00 48.15 ? 483 HOH A O   1 
HETATM 1248 O  O   . HOH J 7 .   ? -13.853 -0.243  8.269   1.00 20.70 ? 484 HOH A O   1 
HETATM 1249 O  O   . HOH J 7 .   ? 2.789   1.580   18.088  1.00 45.74 ? 485 HOH A O   1 
HETATM 1250 O  O   . HOH J 7 .   ? 3.402   9.850   -3.382  1.00 28.42 ? 486 HOH A O   1 
HETATM 1251 O  O   . HOH J 7 .   ? 2.073   10.718  5.407   1.00 30.65 ? 487 HOH A O   1 
HETATM 1252 O  O   . HOH J 7 .   ? -8.916  10.716  -12.702 1.00 23.92 ? 488 HOH A O   1 
HETATM 1253 O  O   . HOH J 7 .   ? -3.910  -9.477  -11.433 1.00 42.73 ? 489 HOH A O   1 
HETATM 1254 O  O   . HOH J 7 .   ? 14.304  5.554   4.721   1.00 19.63 ? 490 HOH A O   1 
HETATM 1255 O  O   . HOH J 7 .   ? -11.188 -7.640  5.332   1.00 36.20 ? 491 HOH A O   1 
HETATM 1256 O  O   . HOH J 7 .   ? -3.476  -6.365  12.142  1.00 36.22 ? 492 HOH A O   1 
HETATM 1257 O  O   . HOH J 7 .   ? 6.174   -7.952  -12.142 1.00 41.90 ? 493 HOH A O   1 
HETATM 1258 O  O   . HOH J 7 .   ? 17.294  -4.395  16.717  1.00 39.53 ? 494 HOH A O   1 
HETATM 1259 O  O   . HOH J 7 .   ? 20.085  -6.215  4.682   1.00 42.48 ? 495 HOH A O   1 
HETATM 1260 O  O   . HOH J 7 .   ? 19.291  -2.370  -3.030  1.00 20.72 ? 496 HOH A O   1 
HETATM 1261 O  O   . HOH J 7 .   ? -13.883 -3.865  5.855   1.00 37.91 ? 497 HOH A O   1 
HETATM 1262 O  O   . HOH J 7 .   ? -6.675  18.434  -1.332  0.50 37.05 ? 498 HOH A O   1 
HETATM 1263 O  O   . HOH J 7 .   ? -0.466  19.024  1.348   1.00 31.59 ? 499 HOH A O   1 
HETATM 1264 O  O   . HOH J 7 .   ? 20.797  4.555   0.331   1.00 27.89 ? 500 HOH A O   1 
HETATM 1265 O  O   . HOH J 7 .   ? -11.744 -5.640  11.724  1.00 34.89 ? 501 HOH A O   1 
HETATM 1266 O  O   . HOH J 7 .   ? -2.891  -10.304 -9.443  1.00 42.62 ? 502 HOH A O   1 
HETATM 1267 O  O   . HOH J 7 .   ? 7.731   1.559   -18.828 1.00 45.62 ? 503 HOH A O   1 
HETATM 1268 O  O   . HOH J 7 .   ? -14.305 -1.656  5.284   1.00 33.33 ? 504 HOH A O   1 
HETATM 1269 O  O   . HOH J 7 .   ? 5.982   1.862   17.364  1.00 35.40 ? 505 HOH A O   1 
HETATM 1270 O  O   . HOH J 7 .   ? 5.551   -15.647 4.303   1.00 28.13 ? 506 HOH A O   1 
HETATM 1271 O  O   . HOH J 7 .   ? -21.272 5.843   -8.612  1.00 26.45 ? 507 HOH A O   1 
HETATM 1272 O  O   . HOH J 7 .   ? 20.493  2.264   -6.317  1.00 28.79 ? 508 HOH A O   1 
HETATM 1273 O  O   . HOH J 7 .   ? -12.554 11.682  -18.861 1.00 42.26 ? 509 HOH A O   1 
HETATM 1274 O  O   . HOH J 7 .   ? 5.328   -8.491  -15.840 1.00 26.52 ? 510 HOH A O   1 
HETATM 1275 O  O   . HOH J 7 .   ? -4.482  -5.449  -12.932 1.00 33.81 ? 511 HOH A O   1 
HETATM 1276 O  O   . HOH J 7 .   ? -4.536  20.192  0.808   1.00 37.78 ? 512 HOH A O   1 
HETATM 1277 O  O   . HOH J 7 .   ? -2.660  5.641   17.629  0.50 22.60 ? 513 HOH A O   1 
HETATM 1278 O  O   . HOH J 7 .   ? 1.388   10.515  -6.262  1.00 39.27 ? 514 HOH A O   1 
HETATM 1279 O  O   . HOH J 7 .   ? 16.644  4.055   -8.190  1.00 18.37 ? 515 HOH A O   1 
HETATM 1280 O  O   . HOH J 7 .   ? -17.694 3.655   -12.803 1.00 33.95 ? 516 HOH A O   1 
HETATM 1281 O  O   . HOH J 7 .   ? 23.239  -0.292  -4.117  1.00 41.67 ? 517 HOH A O   1 
HETATM 1282 O  O   . HOH J 7 .   ? -12.944 -8.246  -2.049  1.00 32.04 ? 518 HOH A O   1 
HETATM 1283 O  O   . HOH J 7 .   ? -16.910 -5.345  -1.346  1.00 39.86 ? 519 HOH A O   1 
HETATM 1284 O  O   . HOH J 7 .   ? 1.741   9.194   -8.077  1.00 36.17 ? 520 HOH A O   1 
HETATM 1285 O  O   . HOH J 7 .   ? 1.965   -15.700 -2.782  1.00 42.29 ? 521 HOH A O   1 
HETATM 1286 O  O   . HOH J 7 .   ? -16.425 -2.812  2.407   1.00 32.04 ? 522 HOH A O   1 
HETATM 1287 O  O   . HOH J 7 .   ? -15.379 -4.318  0.649   1.00 28.01 ? 523 HOH A O   1 
HETATM 1288 O  O   . HOH J 7 .   ? 11.827  8.085   8.547   1.00 35.87 ? 524 HOH A O   1 
HETATM 1289 O  O   . HOH J 7 .   ? -13.320 -5.469  2.360   1.00 26.87 ? 525 HOH A O   1 
HETATM 1290 O  O   . HOH J 7 .   ? -4.664  3.427   -20.516 1.00 36.82 ? 526 HOH A O   1 
HETATM 1291 O  O   . HOH J 7 .   ? -19.353 -6.505  -6.872  1.00 40.94 ? 527 HOH A O   1 
HETATM 1292 O  O   . HOH J 7 .   ? -13.992 -10.356 -1.570  0.50 29.09 ? 528 HOH A O   1 
# 
